data_2DL8
#
_entry.id   2DL8
#
_entity_poly.entity_id   1
_entity_poly.type   'polypeptide(L)'
_entity_poly.pdbx_seq_one_letter_code
;GSSGSSGEPIEAIAKFDYVGRTARELSFKKGASLLLYQRASDDWWEGRHNGIDGLIPHQYIVVQDTSGPSSG
;
_entity_poly.pdbx_strand_id   A
#
# COMPACT_ATOMS: atom_id res chain seq x y z
N GLY A 1 -0.60 22.88 2.28
CA GLY A 1 -1.95 23.04 1.78
C GLY A 1 -2.00 23.11 0.26
N SER A 2 -3.20 22.94 -0.29
CA SER A 2 -3.38 22.97 -1.74
C SER A 2 -2.17 22.35 -2.45
N SER A 3 -1.67 21.25 -1.90
CA SER A 3 -0.51 20.57 -2.48
C SER A 3 -0.90 19.86 -3.77
N GLY A 4 -1.84 18.92 -3.67
CA GLY A 4 -2.28 18.18 -4.84
C GLY A 4 -3.34 17.15 -4.50
N SER A 5 -3.37 16.07 -5.27
CA SER A 5 -4.35 15.00 -5.05
C SER A 5 -3.69 13.78 -4.41
N SER A 6 -2.64 13.27 -5.05
CA SER A 6 -1.93 12.11 -4.54
C SER A 6 -0.60 12.51 -3.90
N GLY A 7 -0.61 12.68 -2.58
CA GLY A 7 0.59 13.05 -1.88
C GLY A 7 1.04 12.01 -0.88
N GLU A 8 0.95 12.34 0.41
CA GLU A 8 1.35 11.44 1.47
C GLU A 8 0.92 10.00 1.14
N PRO A 9 1.62 9.03 1.74
CA PRO A 9 1.35 7.61 1.52
C PRO A 9 0.03 7.18 2.16
N ILE A 10 -0.50 6.04 1.71
CA ILE A 10 -1.76 5.51 2.24
C ILE A 10 -1.54 4.22 3.00
N GLU A 11 -1.90 4.22 4.28
CA GLU A 11 -1.74 3.05 5.13
C GLU A 11 -2.82 2.01 4.83
N ALA A 12 -2.41 0.88 4.26
CA ALA A 12 -3.34 -0.19 3.92
C ALA A 12 -3.05 -1.43 4.73
N ILE A 13 -4.09 -2.21 5.00
CA ILE A 13 -3.95 -3.44 5.77
C ILE A 13 -4.17 -4.67 4.89
N ALA A 14 -3.30 -5.66 5.05
CA ALA A 14 -3.40 -6.90 4.28
C ALA A 14 -4.78 -7.54 4.44
N LYS A 15 -5.46 -7.75 3.32
CA LYS A 15 -6.79 -8.36 3.34
C LYS A 15 -6.69 -9.88 3.45
N PHE A 16 -5.67 -10.44 2.82
CA PHE A 16 -5.46 -11.88 2.84
C PHE A 16 -4.00 -12.23 2.59
N ASP A 17 -3.52 -13.27 3.27
CA ASP A 17 -2.13 -13.70 3.12
C ASP A 17 -1.74 -13.75 1.65
N TYR A 18 -0.79 -12.89 1.26
CA TYR A 18 -0.33 -12.84 -0.12
C TYR A 18 1.19 -13.00 -0.19
N VAL A 19 1.66 -13.62 -1.26
CA VAL A 19 3.10 -13.83 -1.45
C VAL A 19 3.53 -13.38 -2.84
N GLY A 20 4.34 -12.32 -2.89
CA GLY A 20 4.83 -11.80 -4.15
C GLY A 20 5.39 -12.89 -5.04
N ARG A 21 4.65 -13.26 -6.08
CA ARG A 21 5.09 -14.29 -7.00
C ARG A 21 6.45 -13.96 -7.58
N THR A 22 6.67 -12.69 -7.90
CA THR A 22 7.93 -12.24 -8.46
C THR A 22 8.62 -11.24 -7.53
N ALA A 23 9.89 -10.96 -7.81
CA ALA A 23 10.66 -10.02 -7.01
C ALA A 23 9.95 -8.67 -6.92
N ARG A 24 9.41 -8.22 -8.04
CA ARG A 24 8.70 -6.94 -8.09
C ARG A 24 7.63 -6.87 -7.00
N GLU A 25 6.77 -7.88 -6.97
CA GLU A 25 5.69 -7.93 -5.98
C GLU A 25 6.27 -8.06 -4.56
N LEU A 26 5.37 -8.07 -3.58
CA LEU A 26 5.78 -8.20 -2.18
C LEU A 26 4.97 -9.26 -1.47
N SER A 27 5.62 -9.98 -0.55
CA SER A 27 4.96 -11.04 0.20
C SER A 27 4.59 -10.56 1.61
N PHE A 28 3.31 -10.62 1.93
CA PHE A 28 2.82 -10.19 3.23
C PHE A 28 1.78 -11.16 3.76
N LYS A 29 1.35 -10.93 5.01
CA LYS A 29 0.34 -11.79 5.64
C LYS A 29 -0.83 -10.97 6.16
N LYS A 30 -2.04 -11.49 5.99
CA LYS A 30 -3.25 -10.80 6.43
C LYS A 30 -3.00 -10.09 7.76
N GLY A 31 -3.29 -8.79 7.79
CA GLY A 31 -3.10 -8.03 9.01
C GLY A 31 -1.85 -7.17 8.97
N ALA A 32 -0.81 -7.68 8.31
CA ALA A 32 0.45 -6.95 8.20
C ALA A 32 0.22 -5.54 7.65
N SER A 33 0.86 -4.56 8.27
CA SER A 33 0.72 -3.17 7.85
C SER A 33 1.55 -2.90 6.60
N LEU A 34 0.90 -2.36 5.57
CA LEU A 34 1.57 -2.05 4.32
C LEU A 34 1.36 -0.58 3.94
N LEU A 35 2.42 0.05 3.47
CA LEU A 35 2.35 1.45 3.06
C LEU A 35 2.21 1.58 1.55
N LEU A 36 1.37 2.51 1.11
CA LEU A 36 1.14 2.72 -0.31
C LEU A 36 1.64 4.11 -0.73
N TYR A 37 2.26 4.17 -1.91
CA TYR A 37 2.78 5.43 -2.42
C TYR A 37 1.98 5.90 -3.64
N GLN A 38 1.73 4.97 -4.55
CA GLN A 38 0.98 5.27 -5.76
C GLN A 38 0.32 4.02 -6.33
N ARG A 39 -0.81 4.20 -7.00
CA ARG A 39 -1.54 3.08 -7.59
C ARG A 39 -0.93 2.69 -8.93
N ALA A 40 -0.13 1.62 -8.93
CA ALA A 40 0.51 1.14 -10.14
C ALA A 40 -0.52 0.83 -11.21
N SER A 41 -1.63 0.22 -10.81
CA SER A 41 -2.70 -0.13 -11.75
C SER A 41 -4.02 -0.33 -11.02
N ASP A 42 -5.07 -0.62 -11.78
CA ASP A 42 -6.39 -0.85 -11.20
C ASP A 42 -6.43 -2.13 -10.38
N ASP A 43 -5.41 -2.96 -10.55
CA ASP A 43 -5.31 -4.22 -9.83
C ASP A 43 -3.95 -4.38 -9.19
N TRP A 44 -3.26 -3.26 -8.98
CA TRP A 44 -1.93 -3.28 -8.38
C TRP A 44 -1.63 -1.95 -7.69
N TRP A 45 -0.64 -1.96 -6.81
CA TRP A 45 -0.24 -0.74 -6.09
C TRP A 45 1.27 -0.62 -6.01
N GLU A 46 1.75 0.56 -5.64
CA GLU A 46 3.18 0.80 -5.52
C GLU A 46 3.52 1.36 -4.15
N GLY A 47 4.05 0.50 -3.28
CA GLY A 47 4.43 0.92 -1.94
C GLY A 47 5.63 0.18 -1.40
N ARG A 48 5.73 0.09 -0.08
CA ARG A 48 6.84 -0.59 0.56
C ARG A 48 6.35 -1.55 1.64
N HIS A 49 7.09 -2.64 1.85
CA HIS A 49 6.72 -3.63 2.85
C HIS A 49 7.96 -4.14 3.58
N ASN A 50 7.89 -4.14 4.91
CA ASN A 50 9.00 -4.60 5.74
C ASN A 50 10.34 -4.11 5.17
N GLY A 51 10.32 -2.92 4.58
CA GLY A 51 11.53 -2.36 4.01
C GLY A 51 11.81 -2.89 2.62
N ILE A 52 10.76 -3.14 1.85
CA ILE A 52 10.90 -3.66 0.49
C ILE A 52 9.95 -2.95 -0.47
N ASP A 53 10.51 -2.24 -1.44
CA ASP A 53 9.71 -1.53 -2.42
C ASP A 53 9.31 -2.46 -3.57
N GLY A 54 8.00 -2.53 -3.83
CA GLY A 54 7.52 -3.38 -4.90
C GLY A 54 6.07 -3.10 -5.25
N LEU A 55 5.35 -4.13 -5.67
CA LEU A 55 3.95 -3.99 -6.03
C LEU A 55 3.04 -4.64 -4.98
N ILE A 56 1.82 -4.13 -4.88
CA ILE A 56 0.85 -4.67 -3.91
C ILE A 56 -0.51 -4.85 -4.57
N PRO A 57 -1.08 -6.06 -4.40
CA PRO A 57 -2.40 -6.40 -4.96
C PRO A 57 -3.53 -5.66 -4.25
N HIS A 58 -4.55 -5.29 -5.01
CA HIS A 58 -5.70 -4.58 -4.46
C HIS A 58 -6.77 -5.56 -3.99
N GLN A 59 -6.53 -6.85 -4.23
CA GLN A 59 -7.48 -7.88 -3.84
C GLN A 59 -7.10 -8.50 -2.49
N TYR A 60 -5.88 -8.22 -2.05
CA TYR A 60 -5.39 -8.73 -0.77
C TYR A 60 -5.00 -7.60 0.17
N ILE A 61 -5.72 -6.49 0.06
CA ILE A 61 -5.46 -5.33 0.91
C ILE A 61 -6.65 -4.39 0.95
N VAL A 62 -6.79 -3.64 2.03
CA VAL A 62 -7.89 -2.70 2.19
C VAL A 62 -7.38 -1.26 2.22
N VAL A 63 -7.47 -0.58 1.08
CA VAL A 63 -7.03 0.81 0.97
C VAL A 63 -7.90 1.73 1.81
N GLN A 64 -7.38 2.14 2.96
CA GLN A 64 -8.11 3.03 3.86
C GLN A 64 -8.20 4.44 3.28
N ASP A 65 -9.43 4.96 3.20
CA ASP A 65 -9.65 6.31 2.67
C ASP A 65 -9.72 7.33 3.79
N THR A 66 -8.84 7.20 4.77
CA THR A 66 -8.81 8.12 5.90
C THR A 66 -7.44 8.80 6.02
N SER A 67 -7.47 10.11 6.27
CA SER A 67 -6.23 10.87 6.41
C SER A 67 -5.52 10.54 7.71
N GLY A 68 -4.41 9.83 7.61
CA GLY A 68 -3.65 9.45 8.79
C GLY A 68 -4.09 8.12 9.36
N PRO A 69 -3.36 7.65 10.38
CA PRO A 69 -3.66 6.37 11.03
C PRO A 69 -4.96 6.41 11.84
N SER A 70 -5.58 5.25 12.00
CA SER A 70 -6.83 5.17 12.74
C SER A 70 -6.66 4.32 14.00
N SER A 71 -6.22 4.95 15.08
CA SER A 71 -6.00 4.27 16.35
C SER A 71 -7.20 3.38 16.69
N GLY A 72 -6.91 2.18 17.19
CA GLY A 72 -7.97 1.26 17.57
C GLY A 72 -8.28 0.27 16.47
N GLY A 1 7.77 13.16 13.02
CA GLY A 1 7.61 12.57 11.71
C GLY A 1 6.87 13.49 10.75
N SER A 2 7.36 13.60 9.52
CA SER A 2 6.75 14.45 8.52
C SER A 2 6.27 13.63 7.33
N SER A 3 5.09 13.03 7.46
CA SER A 3 4.52 12.22 6.39
C SER A 3 4.62 12.93 5.05
N GLY A 4 4.16 14.18 5.02
CA GLY A 4 4.20 14.94 3.78
C GLY A 4 3.10 16.00 3.72
N SER A 5 3.31 17.01 2.88
CA SER A 5 2.34 18.09 2.73
C SER A 5 1.59 17.96 1.41
N SER A 6 2.34 18.04 0.30
CA SER A 6 1.74 17.95 -1.03
C SER A 6 1.69 16.49 -1.50
N GLY A 7 1.42 15.59 -0.57
CA GLY A 7 1.34 14.18 -0.90
C GLY A 7 1.78 13.28 0.25
N GLU A 8 0.88 12.39 0.67
CA GLU A 8 1.18 11.48 1.76
C GLU A 8 0.82 10.05 1.39
N PRO A 9 1.53 9.09 1.99
CA PRO A 9 1.29 7.66 1.75
C PRO A 9 -0.03 7.17 2.31
N ILE A 10 -0.52 6.05 1.79
CA ILE A 10 -1.79 5.48 2.25
C ILE A 10 -1.56 4.22 3.06
N GLU A 11 -1.96 4.25 4.32
CA GLU A 11 -1.80 3.10 5.20
C GLU A 11 -2.84 2.03 4.90
N ALA A 12 -2.41 0.95 4.25
CA ALA A 12 -3.30 -0.14 3.90
C ALA A 12 -3.06 -1.36 4.79
N ILE A 13 -4.00 -2.29 4.78
CA ILE A 13 -3.89 -3.50 5.59
C ILE A 13 -4.15 -4.75 4.75
N ALA A 14 -3.26 -5.72 4.86
CA ALA A 14 -3.39 -6.97 4.12
C ALA A 14 -4.75 -7.61 4.36
N LYS A 15 -5.49 -7.85 3.27
CA LYS A 15 -6.82 -8.45 3.37
C LYS A 15 -6.71 -9.97 3.49
N PHE A 16 -5.74 -10.55 2.81
CA PHE A 16 -5.53 -11.99 2.84
C PHE A 16 -4.06 -12.33 2.62
N ASP A 17 -3.56 -13.29 3.39
CA ASP A 17 -2.16 -13.70 3.28
C ASP A 17 -1.75 -13.85 1.82
N TYR A 18 -0.95 -12.92 1.34
CA TYR A 18 -0.49 -12.94 -0.05
C TYR A 18 1.01 -13.17 -0.12
N VAL A 19 1.48 -13.60 -1.29
CA VAL A 19 2.91 -13.87 -1.49
C VAL A 19 3.37 -13.39 -2.86
N GLY A 20 4.21 -12.36 -2.86
CA GLY A 20 4.71 -11.82 -4.11
C GLY A 20 5.24 -12.89 -5.04
N ARG A 21 4.46 -13.22 -6.07
CA ARG A 21 4.86 -14.24 -7.03
C ARG A 21 6.22 -13.93 -7.63
N THR A 22 6.46 -12.65 -7.89
CA THR A 22 7.72 -12.21 -8.48
C THR A 22 8.38 -11.15 -7.61
N ALA A 23 9.69 -10.98 -7.78
CA ALA A 23 10.45 -9.99 -7.01
C ALA A 23 9.69 -8.67 -6.93
N ARG A 24 9.18 -8.21 -8.06
CA ARG A 24 8.43 -6.96 -8.13
C ARG A 24 7.39 -6.90 -7.01
N GLU A 25 6.55 -7.92 -6.94
CA GLU A 25 5.51 -7.98 -5.92
C GLU A 25 6.11 -8.13 -4.53
N LEU A 26 5.26 -8.01 -3.51
CA LEU A 26 5.73 -8.14 -2.12
C LEU A 26 4.86 -9.14 -1.35
N SER A 27 5.51 -10.03 -0.62
CA SER A 27 4.81 -11.05 0.16
C SER A 27 4.48 -10.51 1.55
N PHE A 28 3.23 -10.69 1.97
CA PHE A 28 2.79 -10.24 3.28
C PHE A 28 1.76 -11.21 3.87
N LYS A 29 1.36 -10.94 5.11
CA LYS A 29 0.39 -11.80 5.80
C LYS A 29 -0.80 -10.97 6.28
N LYS A 30 -1.99 -11.53 6.13
CA LYS A 30 -3.21 -10.85 6.56
C LYS A 30 -2.98 -10.06 7.84
N GLY A 31 -3.39 -8.80 7.84
CA GLY A 31 -3.20 -7.95 8.99
C GLY A 31 -1.95 -7.10 8.92
N ALA A 32 -0.89 -7.66 8.36
CA ALA A 32 0.38 -6.96 8.22
C ALA A 32 0.15 -5.55 7.69
N SER A 33 0.88 -4.59 8.24
CA SER A 33 0.77 -3.19 7.83
C SER A 33 1.60 -2.92 6.60
N LEU A 34 0.98 -2.31 5.59
CA LEU A 34 1.68 -1.99 4.35
C LEU A 34 1.46 -0.52 3.97
N LEU A 35 2.55 0.15 3.61
CA LEU A 35 2.49 1.56 3.23
C LEU A 35 2.44 1.70 1.71
N LEU A 36 1.42 2.39 1.22
CA LEU A 36 1.26 2.60 -0.22
C LEU A 36 1.75 3.99 -0.62
N TYR A 37 2.38 4.07 -1.78
CA TYR A 37 2.90 5.34 -2.27
C TYR A 37 2.10 5.83 -3.48
N GLN A 38 1.85 4.92 -4.42
CA GLN A 38 1.10 5.25 -5.62
C GLN A 38 0.39 4.01 -6.17
N ARG A 39 -0.52 4.24 -7.12
CA ARG A 39 -1.27 3.14 -7.74
C ARG A 39 -0.70 2.80 -9.12
N ALA A 40 -0.03 1.66 -9.21
CA ALA A 40 0.55 1.22 -10.47
C ALA A 40 -0.53 0.91 -11.50
N SER A 41 -1.57 0.18 -11.06
CA SER A 41 -2.66 -0.19 -11.95
C SER A 41 -3.96 -0.36 -11.16
N ASP A 42 -5.03 -0.70 -11.86
CA ASP A 42 -6.33 -0.89 -11.23
C ASP A 42 -6.33 -2.16 -10.36
N ASP A 43 -5.33 -3.00 -10.57
CA ASP A 43 -5.21 -4.24 -9.80
C ASP A 43 -3.81 -4.38 -9.21
N TRP A 44 -3.16 -3.26 -8.97
CA TRP A 44 -1.81 -3.26 -8.41
C TRP A 44 -1.53 -1.95 -7.68
N TRP A 45 -0.51 -1.96 -6.82
CA TRP A 45 -0.13 -0.78 -6.07
C TRP A 45 1.39 -0.66 -5.97
N GLU A 46 1.85 0.52 -5.54
CA GLU A 46 3.28 0.76 -5.41
C GLU A 46 3.61 1.31 -4.03
N GLY A 47 3.98 0.42 -3.10
CA GLY A 47 4.31 0.83 -1.76
C GLY A 47 5.58 0.17 -1.24
N ARG A 48 5.68 0.05 0.08
CA ARG A 48 6.86 -0.57 0.70
C ARG A 48 6.43 -1.58 1.76
N HIS A 49 7.23 -2.64 1.89
CA HIS A 49 6.94 -3.69 2.88
C HIS A 49 8.22 -4.13 3.57
N ASN A 50 8.32 -3.86 4.87
CA ASN A 50 9.48 -4.24 5.65
C ASN A 50 10.76 -3.71 5.01
N GLY A 51 10.69 -2.48 4.50
CA GLY A 51 11.85 -1.87 3.87
C GLY A 51 12.10 -2.42 2.48
N ILE A 52 11.04 -2.75 1.77
CA ILE A 52 11.15 -3.29 0.42
C ILE A 52 10.11 -2.69 -0.51
N ASP A 53 10.56 -2.05 -1.57
CA ASP A 53 9.67 -1.42 -2.54
C ASP A 53 9.29 -2.41 -3.65
N GLY A 54 8.00 -2.52 -3.91
CA GLY A 54 7.54 -3.43 -4.95
C GLY A 54 6.08 -3.19 -5.33
N LEU A 55 5.37 -4.25 -5.65
CA LEU A 55 3.96 -4.15 -6.04
C LEU A 55 3.06 -4.78 -4.99
N ILE A 56 1.82 -4.33 -4.93
CA ILE A 56 0.85 -4.86 -3.98
C ILE A 56 -0.53 -5.04 -4.63
N PRO A 57 -1.11 -6.23 -4.46
CA PRO A 57 -2.42 -6.55 -5.02
C PRO A 57 -3.54 -5.79 -4.32
N HIS A 58 -4.52 -5.34 -5.09
CA HIS A 58 -5.66 -4.60 -4.55
C HIS A 58 -6.76 -5.56 -4.10
N GLN A 59 -6.54 -6.85 -4.31
CA GLN A 59 -7.51 -7.87 -3.92
C GLN A 59 -7.18 -8.45 -2.56
N TYR A 60 -5.90 -8.35 -2.18
CA TYR A 60 -5.44 -8.88 -0.90
C TYR A 60 -5.07 -7.75 0.05
N ILE A 61 -5.75 -6.62 -0.08
CA ILE A 61 -5.49 -5.47 0.77
C ILE A 61 -6.68 -4.51 0.77
N VAL A 62 -6.79 -3.73 1.84
CA VAL A 62 -7.89 -2.77 1.98
C VAL A 62 -7.35 -1.34 2.10
N VAL A 63 -7.60 -0.53 1.07
CA VAL A 63 -7.14 0.85 1.07
C VAL A 63 -8.03 1.72 1.96
N GLN A 64 -7.45 2.25 3.03
CA GLN A 64 -8.17 3.10 3.96
C GLN A 64 -8.21 4.54 3.46
N ASP A 65 -9.39 4.98 3.05
CA ASP A 65 -9.56 6.34 2.55
C ASP A 65 -10.31 7.20 3.56
N THR A 66 -9.74 8.37 3.88
CA THR A 66 -10.35 9.28 4.83
C THR A 66 -10.99 10.47 4.13
N SER A 67 -12.31 10.54 4.17
CA SER A 67 -13.04 11.63 3.53
C SER A 67 -12.60 12.98 4.09
N GLY A 68 -12.05 13.82 3.22
CA GLY A 68 -11.59 15.13 3.64
C GLY A 68 -10.14 15.38 3.27
N PRO A 69 -9.82 16.65 2.95
CA PRO A 69 -8.46 17.05 2.58
C PRO A 69 -7.50 16.99 3.76
N SER A 70 -8.04 17.02 4.98
CA SER A 70 -7.23 16.98 6.18
C SER A 70 -5.99 17.86 6.04
N SER A 71 -6.17 19.03 5.45
CA SER A 71 -5.06 19.96 5.24
C SER A 71 -5.39 21.33 5.83
N GLY A 72 -4.38 21.98 6.40
CA GLY A 72 -4.59 23.29 6.99
C GLY A 72 -3.31 23.86 7.60
N GLY A 1 7.82 27.45 3.25
CA GLY A 1 8.50 28.18 2.21
C GLY A 1 7.61 28.49 1.03
N SER A 2 7.89 27.85 -0.11
CA SER A 2 7.11 28.06 -1.32
C SER A 2 5.96 27.04 -1.41
N SER A 3 4.95 27.37 -2.20
CA SER A 3 3.80 26.50 -2.37
C SER A 3 4.20 25.20 -3.06
N GLY A 4 3.33 24.20 -2.98
CA GLY A 4 3.62 22.91 -3.58
C GLY A 4 2.49 21.91 -3.39
N SER A 5 2.66 20.71 -3.94
CA SER A 5 1.65 19.68 -3.84
C SER A 5 2.30 18.31 -3.62
N SER A 6 1.89 17.63 -2.56
CA SER A 6 2.43 16.31 -2.24
C SER A 6 1.34 15.39 -1.71
N GLY A 7 1.40 14.12 -2.11
CA GLY A 7 0.40 13.16 -1.66
C GLY A 7 0.98 12.14 -0.70
N GLU A 8 0.71 12.32 0.59
CA GLU A 8 1.21 11.41 1.62
C GLU A 8 0.80 9.97 1.32
N PRO A 9 1.54 9.02 1.90
CA PRO A 9 1.27 7.59 1.70
C PRO A 9 -0.02 7.15 2.38
N ILE A 10 -0.64 6.11 1.84
CA ILE A 10 -1.88 5.58 2.41
C ILE A 10 -1.62 4.30 3.19
N GLU A 11 -1.96 4.33 4.48
CA GLU A 11 -1.77 3.17 5.35
C GLU A 11 -2.85 2.12 5.10
N ALA A 12 -2.48 1.05 4.43
CA ALA A 12 -3.41 -0.03 4.12
C ALA A 12 -3.14 -1.24 5.00
N ILE A 13 -4.07 -2.21 4.96
CA ILE A 13 -3.92 -3.42 5.75
C ILE A 13 -4.17 -4.66 4.89
N ALA A 14 -3.24 -5.61 4.96
CA ALA A 14 -3.35 -6.85 4.21
C ALA A 14 -4.73 -7.48 4.39
N LYS A 15 -5.41 -7.74 3.28
CA LYS A 15 -6.73 -8.34 3.32
C LYS A 15 -6.63 -9.86 3.49
N PHE A 16 -5.58 -10.45 2.92
CA PHE A 16 -5.37 -11.88 3.02
C PHE A 16 -3.92 -12.24 2.73
N ASP A 17 -3.40 -13.23 3.44
CA ASP A 17 -2.02 -13.67 3.25
C ASP A 17 -1.67 -13.75 1.77
N TYR A 18 -0.82 -12.85 1.32
CA TYR A 18 -0.40 -12.82 -0.08
C TYR A 18 1.10 -13.03 -0.21
N VAL A 19 1.51 -13.65 -1.31
CA VAL A 19 2.92 -13.91 -1.56
C VAL A 19 3.33 -13.48 -2.97
N GLY A 20 4.19 -12.48 -3.06
CA GLY A 20 4.65 -12.00 -4.34
C GLY A 20 5.32 -13.09 -5.16
N ARG A 21 4.62 -13.56 -6.19
CA ARG A 21 5.16 -14.61 -7.06
C ARG A 21 6.52 -14.21 -7.63
N THR A 22 6.69 -12.91 -7.86
CA THR A 22 7.94 -12.38 -8.40
C THR A 22 8.56 -11.37 -7.47
N ALA A 23 9.80 -10.97 -7.76
CA ALA A 23 10.52 -10.00 -6.94
C ALA A 23 9.71 -8.72 -6.79
N ARG A 24 9.17 -8.22 -7.90
CA ARG A 24 8.37 -7.00 -7.88
C ARG A 24 7.29 -7.07 -6.80
N GLU A 25 6.50 -8.14 -6.82
CA GLU A 25 5.43 -8.32 -5.85
C GLU A 25 6.01 -8.52 -4.44
N LEU A 26 5.31 -8.00 -3.45
CA LEU A 26 5.74 -8.11 -2.06
C LEU A 26 4.88 -9.12 -1.30
N SER A 27 5.54 -10.02 -0.58
CA SER A 27 4.85 -11.04 0.20
C SER A 27 4.50 -10.53 1.59
N PHE A 28 3.24 -10.73 1.99
CA PHE A 28 2.79 -10.28 3.30
C PHE A 28 1.73 -11.23 3.86
N LYS A 29 1.36 -11.03 5.12
CA LYS A 29 0.37 -11.87 5.78
C LYS A 29 -0.85 -11.05 6.17
N LYS A 30 -2.02 -11.69 6.19
CA LYS A 30 -3.26 -11.02 6.55
C LYS A 30 -3.07 -10.17 7.80
N GLY A 31 -3.43 -8.89 7.70
CA GLY A 31 -3.28 -7.99 8.83
C GLY A 31 -2.01 -7.17 8.77
N ALA A 32 -0.96 -7.77 8.23
CA ALA A 32 0.33 -7.09 8.11
C ALA A 32 0.15 -5.68 7.57
N SER A 33 0.71 -4.70 8.27
CA SER A 33 0.62 -3.30 7.87
C SER A 33 1.43 -3.05 6.60
N LEU A 34 0.82 -2.37 5.64
CA LEU A 34 1.47 -2.05 4.37
C LEU A 34 1.28 -0.59 4.00
N LEU A 35 2.34 0.04 3.52
CA LEU A 35 2.28 1.44 3.14
C LEU A 35 2.09 1.58 1.63
N LEU A 36 1.31 2.57 1.22
CA LEU A 36 1.06 2.81 -0.20
C LEU A 36 1.55 4.19 -0.63
N TYR A 37 2.20 4.25 -1.78
CA TYR A 37 2.72 5.51 -2.29
C TYR A 37 1.94 5.97 -3.52
N GLN A 38 1.74 5.05 -4.47
CA GLN A 38 1.01 5.36 -5.69
C GLN A 38 0.33 4.10 -6.24
N ARG A 39 -0.81 4.30 -6.90
CA ARG A 39 -1.56 3.18 -7.47
C ARG A 39 -1.00 2.82 -8.85
N ALA A 40 -0.18 1.78 -8.88
CA ALA A 40 0.41 1.32 -10.13
C ALA A 40 -0.66 1.03 -11.18
N SER A 41 -1.72 0.34 -10.77
CA SER A 41 -2.81 0.00 -11.67
C SER A 41 -4.09 -0.29 -10.89
N ASP A 42 -5.16 -0.60 -11.61
CA ASP A 42 -6.44 -0.90 -10.99
C ASP A 42 -6.36 -2.18 -10.16
N ASP A 43 -5.35 -3.00 -10.45
CA ASP A 43 -5.16 -4.26 -9.73
C ASP A 43 -3.73 -4.36 -9.20
N TRP A 44 -3.13 -3.21 -8.91
CA TRP A 44 -1.77 -3.17 -8.39
C TRP A 44 -1.50 -1.87 -7.66
N TRP A 45 -0.47 -1.86 -6.82
CA TRP A 45 -0.11 -0.68 -6.05
C TRP A 45 1.40 -0.53 -5.95
N GLU A 46 1.85 0.65 -5.53
CA GLU A 46 3.28 0.92 -5.40
C GLU A 46 3.60 1.45 -4.00
N GLY A 47 4.08 0.55 -3.14
CA GLY A 47 4.42 0.94 -1.78
C GLY A 47 5.68 0.28 -1.28
N ARG A 48 5.81 0.14 0.03
CA ARG A 48 6.98 -0.49 0.63
C ARG A 48 6.57 -1.48 1.73
N HIS A 49 7.21 -2.64 1.73
CA HIS A 49 6.92 -3.67 2.73
C HIS A 49 8.19 -4.15 3.40
N ASN A 50 8.23 -4.03 4.73
CA ASN A 50 9.39 -4.46 5.50
C ASN A 50 10.68 -3.92 4.88
N GLY A 51 10.62 -2.69 4.40
CA GLY A 51 11.79 -2.08 3.79
C GLY A 51 12.07 -2.62 2.40
N ILE A 52 11.01 -2.91 1.66
CA ILE A 52 11.14 -3.44 0.31
C ILE A 52 10.12 -2.82 -0.62
N ASP A 53 10.59 -2.13 -1.66
CA ASP A 53 9.71 -1.49 -2.62
C ASP A 53 9.30 -2.47 -3.72
N GLY A 54 8.00 -2.53 -3.99
CA GLY A 54 7.51 -3.44 -5.01
C GLY A 54 6.07 -3.15 -5.38
N LEU A 55 5.32 -4.21 -5.74
CA LEU A 55 3.93 -4.07 -6.12
C LEU A 55 3.01 -4.71 -5.09
N ILE A 56 1.83 -4.16 -4.91
CA ILE A 56 0.86 -4.68 -3.96
C ILE A 56 -0.52 -4.83 -4.59
N PRO A 57 -1.09 -6.03 -4.49
CA PRO A 57 -2.42 -6.33 -5.04
C PRO A 57 -3.53 -5.62 -4.28
N HIS A 58 -4.53 -5.12 -5.02
CA HIS A 58 -5.65 -4.42 -4.40
C HIS A 58 -6.72 -5.42 -3.94
N GLN A 59 -6.48 -6.69 -4.21
CA GLN A 59 -7.42 -7.74 -3.82
C GLN A 59 -7.05 -8.31 -2.45
N TYR A 60 -5.78 -8.25 -2.11
CA TYR A 60 -5.30 -8.78 -0.84
C TYR A 60 -4.93 -7.64 0.11
N ILE A 61 -5.65 -6.52 -0.01
CA ILE A 61 -5.40 -5.35 0.84
C ILE A 61 -6.61 -4.43 0.85
N VAL A 62 -6.74 -3.66 1.93
CA VAL A 62 -7.85 -2.72 2.06
C VAL A 62 -7.35 -1.28 2.14
N VAL A 63 -7.31 -0.63 0.97
CA VAL A 63 -6.85 0.76 0.91
C VAL A 63 -7.73 1.67 1.75
N GLN A 64 -7.18 2.17 2.85
CA GLN A 64 -7.91 3.06 3.75
C GLN A 64 -8.00 4.47 3.16
N ASP A 65 -9.00 4.68 2.30
CA ASP A 65 -9.20 5.98 1.67
C ASP A 65 -10.43 6.67 2.24
N THR A 66 -10.22 7.60 3.17
CA THR A 66 -11.32 8.33 3.79
C THR A 66 -12.32 8.81 2.74
N SER A 67 -13.57 8.42 2.91
CA SER A 67 -14.63 8.81 1.98
C SER A 67 -14.97 10.28 2.13
N GLY A 68 -14.70 11.06 1.09
CA GLY A 68 -14.99 12.49 1.13
C GLY A 68 -13.75 13.33 0.94
N PRO A 69 -13.92 14.51 0.31
CA PRO A 69 -12.82 15.44 0.06
C PRO A 69 -12.30 16.09 1.34
N SER A 70 -11.14 15.64 1.80
CA SER A 70 -10.55 16.18 3.02
C SER A 70 -9.04 16.35 2.85
N SER A 71 -8.53 17.47 3.35
CA SER A 71 -7.09 17.77 3.26
C SER A 71 -6.57 18.33 4.57
N GLY A 72 -5.33 17.97 4.91
CA GLY A 72 -4.74 18.46 6.13
C GLY A 72 -4.53 19.96 6.13
N GLY A 1 13.61 17.31 -0.44
CA GLY A 1 12.18 17.27 -0.20
C GLY A 1 11.56 15.95 -0.60
N SER A 2 10.49 15.56 0.09
CA SER A 2 9.81 14.31 -0.21
C SER A 2 8.34 14.55 -0.49
N SER A 3 7.65 15.19 0.46
CA SER A 3 6.23 15.47 0.32
C SER A 3 6.01 16.71 -0.56
N GLY A 4 5.75 16.46 -1.84
CA GLY A 4 5.52 17.55 -2.77
C GLY A 4 4.60 18.62 -2.20
N SER A 5 3.31 18.47 -2.43
CA SER A 5 2.33 19.43 -1.94
C SER A 5 1.34 18.77 -0.99
N SER A 6 1.79 18.54 0.24
CA SER A 6 0.96 17.90 1.25
C SER A 6 0.59 16.48 0.84
N GLY A 7 1.55 15.78 0.22
CA GLY A 7 1.30 14.42 -0.22
C GLY A 7 1.76 13.40 0.81
N GLU A 8 0.85 12.49 1.18
CA GLU A 8 1.16 11.46 2.16
C GLU A 8 0.68 10.09 1.67
N PRO A 9 1.37 9.03 2.12
CA PRO A 9 1.03 7.65 1.76
C PRO A 9 -0.29 7.19 2.38
N ILE A 10 -0.81 6.08 1.88
CA ILE A 10 -2.07 5.53 2.39
C ILE A 10 -1.83 4.22 3.13
N GLU A 11 -2.18 4.20 4.41
CA GLU A 11 -2.00 3.00 5.23
C GLU A 11 -3.09 1.99 4.93
N ALA A 12 -2.70 0.87 4.31
CA ALA A 12 -3.64 -0.18 3.97
C ALA A 12 -3.40 -1.43 4.81
N ILE A 13 -4.39 -2.31 4.85
CA ILE A 13 -4.28 -3.54 5.63
C ILE A 13 -4.44 -4.77 4.73
N ALA A 14 -3.60 -5.77 4.96
CA ALA A 14 -3.65 -7.00 4.17
C ALA A 14 -4.89 -7.82 4.52
N LYS A 15 -5.76 -8.00 3.53
CA LYS A 15 -6.99 -8.76 3.73
C LYS A 15 -6.69 -10.25 3.85
N PHE A 16 -5.75 -10.74 3.04
CA PHE A 16 -5.37 -12.14 3.06
C PHE A 16 -3.87 -12.30 2.82
N ASP A 17 -3.24 -13.19 3.59
CA ASP A 17 -1.81 -13.44 3.46
C ASP A 17 -1.43 -13.68 2.00
N TYR A 18 -0.69 -12.74 1.43
CA TYR A 18 -0.26 -12.86 0.03
C TYR A 18 1.26 -13.00 -0.06
N VAL A 19 1.71 -13.75 -1.06
CA VAL A 19 3.13 -13.96 -1.28
C VAL A 19 3.54 -13.65 -2.71
N GLY A 20 4.23 -12.53 -2.90
CA GLY A 20 4.67 -12.13 -4.23
C GLY A 20 5.34 -13.27 -4.97
N ARG A 21 4.67 -13.75 -6.02
CA ARG A 21 5.21 -14.84 -6.82
C ARG A 21 6.51 -14.42 -7.52
N THR A 22 6.59 -13.15 -7.87
CA THR A 22 7.78 -12.63 -8.54
C THR A 22 8.48 -11.59 -7.67
N ALA A 23 9.70 -11.22 -8.07
CA ALA A 23 10.48 -10.24 -7.32
C ALA A 23 9.71 -8.93 -7.19
N ARG A 24 9.17 -8.44 -8.30
CA ARG A 24 8.42 -7.19 -8.30
C ARG A 24 7.35 -7.21 -7.22
N GLU A 25 6.54 -8.26 -7.20
CA GLU A 25 5.47 -8.39 -6.22
C GLU A 25 6.05 -8.48 -4.80
N LEU A 26 5.24 -8.10 -3.82
CA LEU A 26 5.66 -8.14 -2.42
C LEU A 26 4.94 -9.24 -1.67
N SER A 27 5.61 -9.80 -0.66
CA SER A 27 5.04 -10.87 0.14
C SER A 27 4.67 -10.37 1.54
N PHE A 28 3.40 -10.49 1.89
CA PHE A 28 2.93 -10.05 3.20
C PHE A 28 1.95 -11.05 3.79
N LYS A 29 1.55 -10.83 5.04
CA LYS A 29 0.61 -11.71 5.71
C LYS A 29 -0.62 -10.95 6.17
N LYS A 30 -1.79 -11.59 6.07
CA LYS A 30 -3.04 -10.97 6.48
C LYS A 30 -2.87 -10.18 7.77
N GLY A 31 -3.23 -8.91 7.73
CA GLY A 31 -3.11 -8.06 8.91
C GLY A 31 -1.88 -7.18 8.87
N ALA A 32 -0.80 -7.70 8.29
CA ALA A 32 0.44 -6.94 8.18
C ALA A 32 0.20 -5.55 7.62
N SER A 33 0.67 -4.53 8.34
CA SER A 33 0.49 -3.14 7.93
C SER A 33 1.32 -2.85 6.68
N LEU A 34 0.65 -2.35 5.64
CA LEU A 34 1.34 -2.03 4.39
C LEU A 34 1.14 -0.55 4.04
N LEU A 35 2.20 0.06 3.52
CA LEU A 35 2.15 1.47 3.13
C LEU A 35 1.98 1.62 1.63
N LEU A 36 1.16 2.59 1.23
CA LEU A 36 0.91 2.84 -0.19
C LEU A 36 1.39 4.23 -0.59
N TYR A 37 2.08 4.30 -1.74
CA TYR A 37 2.60 5.57 -2.23
C TYR A 37 1.82 6.03 -3.46
N GLN A 38 1.65 5.12 -4.42
CA GLN A 38 0.93 5.43 -5.64
C GLN A 38 0.32 4.16 -6.25
N ARG A 39 -0.77 4.34 -6.99
CA ARG A 39 -1.44 3.22 -7.63
C ARG A 39 -0.79 2.87 -8.96
N ALA A 40 -0.03 1.78 -8.98
CA ALA A 40 0.66 1.35 -10.19
C ALA A 40 -0.35 0.99 -11.27
N SER A 41 -1.44 0.35 -10.88
CA SER A 41 -2.48 -0.05 -11.84
C SER A 41 -3.82 -0.25 -11.13
N ASP A 42 -4.82 -0.66 -11.89
CA ASP A 42 -6.16 -0.87 -11.34
C ASP A 42 -6.18 -2.12 -10.47
N ASP A 43 -5.19 -2.99 -10.66
CA ASP A 43 -5.10 -4.23 -9.88
C ASP A 43 -3.73 -4.35 -9.23
N TRP A 44 -3.07 -3.22 -9.03
CA TRP A 44 -1.75 -3.21 -8.40
C TRP A 44 -1.50 -1.89 -7.68
N TRP A 45 -0.49 -1.87 -6.82
CA TRP A 45 -0.15 -0.67 -6.07
C TRP A 45 1.36 -0.52 -5.94
N GLU A 46 1.81 0.69 -5.60
CA GLU A 46 3.23 0.95 -5.44
C GLU A 46 3.53 1.46 -4.03
N GLY A 47 3.95 0.54 -3.16
CA GLY A 47 4.28 0.91 -1.80
C GLY A 47 5.52 0.23 -1.29
N ARG A 48 5.63 0.10 0.03
CA ARG A 48 6.79 -0.55 0.65
C ARG A 48 6.34 -1.55 1.71
N HIS A 49 7.12 -2.62 1.86
CA HIS A 49 6.82 -3.65 2.85
C HIS A 49 8.08 -4.10 3.57
N ASN A 50 8.12 -3.86 4.88
CA ASN A 50 9.27 -4.25 5.70
C ASN A 50 10.57 -3.77 5.05
N GLY A 51 10.53 -2.56 4.50
CA GLY A 51 11.71 -2.01 3.87
C GLY A 51 11.95 -2.58 2.49
N ILE A 52 10.88 -2.88 1.78
CA ILE A 52 10.97 -3.44 0.43
C ILE A 52 9.96 -2.78 -0.51
N ASP A 53 10.47 -2.14 -1.55
CA ASP A 53 9.62 -1.47 -2.53
C ASP A 53 9.24 -2.43 -3.66
N GLY A 54 7.95 -2.49 -3.97
CA GLY A 54 7.48 -3.37 -5.03
C GLY A 54 6.03 -3.12 -5.39
N LEU A 55 5.32 -4.18 -5.75
CA LEU A 55 3.92 -4.07 -6.13
C LEU A 55 3.02 -4.74 -5.08
N ILE A 56 1.79 -4.25 -4.96
CA ILE A 56 0.84 -4.79 -4.01
C ILE A 56 -0.54 -4.96 -4.64
N PRO A 57 -1.12 -6.15 -4.48
CA PRO A 57 -2.45 -6.47 -5.03
C PRO A 57 -3.56 -5.72 -4.30
N HIS A 58 -4.55 -5.25 -5.06
CA HIS A 58 -5.67 -4.51 -4.49
C HIS A 58 -6.77 -5.47 -4.04
N GLN A 59 -6.56 -6.76 -4.29
CA GLN A 59 -7.53 -7.77 -3.91
C GLN A 59 -7.18 -8.39 -2.56
N TYR A 60 -5.92 -8.21 -2.15
CA TYR A 60 -5.45 -8.75 -0.88
C TYR A 60 -5.04 -7.63 0.07
N ILE A 61 -5.64 -6.46 -0.10
CA ILE A 61 -5.34 -5.32 0.74
C ILE A 61 -6.50 -4.33 0.77
N VAL A 62 -6.61 -3.58 1.85
CA VAL A 62 -7.68 -2.59 2.01
C VAL A 62 -7.11 -1.18 2.04
N VAL A 63 -7.32 -0.44 0.96
CA VAL A 63 -6.83 0.94 0.87
C VAL A 63 -7.64 1.86 1.76
N GLN A 64 -7.03 2.32 2.85
CA GLN A 64 -7.70 3.22 3.78
C GLN A 64 -7.69 4.65 3.27
N ASP A 65 -8.86 5.12 2.83
CA ASP A 65 -8.98 6.48 2.31
C ASP A 65 -8.52 7.51 3.34
N THR A 66 -7.33 8.06 3.13
CA THR A 66 -6.78 9.05 4.05
C THR A 66 -7.17 8.75 5.48
N SER A 67 -7.04 7.49 5.88
CA SER A 67 -7.38 7.07 7.24
C SER A 67 -6.38 6.03 7.75
N GLY A 68 -6.06 6.12 9.04
CA GLY A 68 -5.12 5.19 9.63
C GLY A 68 -5.05 5.32 11.14
N PRO A 69 -4.30 4.41 11.78
CA PRO A 69 -4.13 4.42 13.24
C PRO A 69 -3.29 5.59 13.72
N SER A 70 -3.53 6.02 14.96
CA SER A 70 -2.80 7.14 15.54
C SER A 70 -1.39 6.72 15.93
N SER A 71 -0.45 6.86 15.00
CA SER A 71 0.94 6.49 15.25
C SER A 71 1.58 7.42 16.27
N GLY A 72 1.99 6.85 17.40
CA GLY A 72 2.62 7.65 18.45
C GLY A 72 3.51 6.82 19.35
N GLY A 1 6.74 28.75 3.46
CA GLY A 1 6.45 28.03 2.23
C GLY A 1 5.06 27.44 2.22
N SER A 2 4.97 26.14 2.42
CA SER A 2 3.68 25.45 2.44
C SER A 2 2.90 25.73 1.15
N SER A 3 3.61 25.69 0.02
CA SER A 3 2.98 25.96 -1.27
C SER A 3 3.01 24.70 -2.15
N GLY A 4 1.95 23.92 -2.06
CA GLY A 4 1.87 22.69 -2.84
C GLY A 4 0.64 21.86 -2.51
N SER A 5 0.79 20.54 -2.55
CA SER A 5 -0.31 19.64 -2.25
C SER A 5 0.12 18.56 -1.26
N SER A 6 -0.62 18.44 -0.17
CA SER A 6 -0.32 17.45 0.86
C SER A 6 -0.04 16.08 0.23
N GLY A 7 1.22 15.65 0.32
CA GLY A 7 1.59 14.37 -0.23
C GLY A 7 2.02 13.37 0.82
N GLU A 8 1.11 12.49 1.22
CA GLU A 8 1.40 11.49 2.25
C GLU A 8 0.97 10.10 1.78
N PRO A 9 1.63 9.07 2.31
CA PRO A 9 1.33 7.68 1.98
C PRO A 9 -0.01 7.22 2.53
N ILE A 10 -0.52 6.12 1.99
CA ILE A 10 -1.80 5.58 2.43
C ILE A 10 -1.61 4.26 3.16
N GLU A 11 -1.99 4.22 4.43
CA GLU A 11 -1.87 3.02 5.24
C GLU A 11 -2.97 2.02 4.89
N ALA A 12 -2.57 0.88 4.34
CA ALA A 12 -3.51 -0.17 3.96
C ALA A 12 -3.33 -1.41 4.81
N ILE A 13 -4.38 -2.23 4.89
CA ILE A 13 -4.32 -3.46 5.68
C ILE A 13 -4.47 -4.69 4.79
N ALA A 14 -3.57 -5.64 4.96
CA ALA A 14 -3.60 -6.87 4.18
C ALA A 14 -4.83 -7.71 4.53
N LYS A 15 -5.69 -7.91 3.54
CA LYS A 15 -6.91 -8.70 3.73
C LYS A 15 -6.59 -10.17 3.90
N PHE A 16 -5.64 -10.66 3.11
CA PHE A 16 -5.24 -12.06 3.17
C PHE A 16 -3.73 -12.20 2.95
N ASP A 17 -3.14 -13.22 3.56
CA ASP A 17 -1.70 -13.47 3.43
C ASP A 17 -1.32 -13.66 1.97
N TYR A 18 -0.68 -12.66 1.39
CA TYR A 18 -0.27 -12.73 0.00
C TYR A 18 1.25 -12.90 -0.12
N VAL A 19 1.69 -13.56 -1.18
CA VAL A 19 3.11 -13.79 -1.41
C VAL A 19 3.53 -13.35 -2.80
N GLY A 20 4.43 -12.38 -2.87
CA GLY A 20 4.90 -11.88 -4.14
C GLY A 20 5.43 -12.98 -5.04
N ARG A 21 4.66 -13.33 -6.06
CA ARG A 21 5.06 -14.39 -6.99
C ARG A 21 6.43 -14.09 -7.60
N THR A 22 6.66 -12.82 -7.92
CA THR A 22 7.93 -12.39 -8.51
C THR A 22 8.58 -11.30 -7.67
N ALA A 23 9.80 -10.94 -8.05
CA ALA A 23 10.54 -9.89 -7.34
C ALA A 23 9.73 -8.60 -7.26
N ARG A 24 9.10 -8.24 -8.38
CA ARG A 24 8.30 -7.03 -8.44
C ARG A 24 7.23 -7.03 -7.35
N GLU A 25 6.46 -8.11 -7.28
CA GLU A 25 5.40 -8.24 -6.29
C GLU A 25 5.98 -8.25 -4.88
N LEU A 26 5.09 -8.21 -3.89
CA LEU A 26 5.52 -8.23 -2.49
C LEU A 26 4.81 -9.33 -1.71
N SER A 27 5.49 -9.88 -0.72
CA SER A 27 4.93 -10.95 0.10
C SER A 27 4.63 -10.46 1.52
N PHE A 28 3.35 -10.48 1.88
CA PHE A 28 2.93 -10.04 3.20
C PHE A 28 1.95 -11.03 3.82
N LYS A 29 1.55 -10.76 5.06
CA LYS A 29 0.62 -11.63 5.77
C LYS A 29 -0.63 -10.88 6.17
N LYS A 30 -1.74 -11.60 6.33
CA LYS A 30 -3.01 -11.00 6.72
C LYS A 30 -2.84 -10.12 7.95
N GLY A 31 -3.44 -8.93 7.92
CA GLY A 31 -3.34 -8.02 9.04
C GLY A 31 -2.08 -7.17 9.00
N ALA A 32 -1.06 -7.68 8.30
CA ALA A 32 0.21 -6.96 8.19
C ALA A 32 -0.01 -5.56 7.62
N SER A 33 0.51 -4.55 8.32
CA SER A 33 0.37 -3.17 7.89
C SER A 33 1.26 -2.89 6.69
N LEU A 34 0.67 -2.33 5.64
CA LEU A 34 1.42 -2.01 4.43
C LEU A 34 1.27 -0.54 4.07
N LEU A 35 2.36 0.08 3.62
CA LEU A 35 2.34 1.48 3.25
C LEU A 35 2.23 1.64 1.73
N LEU A 36 1.28 2.44 1.29
CA LEU A 36 1.07 2.68 -0.13
C LEU A 36 1.55 4.07 -0.54
N TYR A 37 2.22 4.16 -1.69
CA TYR A 37 2.73 5.42 -2.18
C TYR A 37 1.94 5.90 -3.39
N GLN A 38 1.77 5.01 -4.36
CA GLN A 38 1.03 5.34 -5.57
C GLN A 38 0.36 4.09 -6.15
N ARG A 39 -0.55 4.30 -7.09
CA ARG A 39 -1.26 3.20 -7.74
C ARG A 39 -0.66 2.89 -9.12
N ALA A 40 0.08 1.79 -9.20
CA ALA A 40 0.69 1.39 -10.45
C ALA A 40 -0.35 0.92 -11.46
N SER A 41 -1.37 0.22 -10.97
CA SER A 41 -2.43 -0.28 -11.83
C SER A 41 -3.72 -0.48 -11.03
N ASP A 42 -4.80 -0.80 -11.73
CA ASP A 42 -6.09 -1.02 -11.10
C ASP A 42 -6.05 -2.25 -10.20
N ASP A 43 -5.14 -3.17 -10.50
CA ASP A 43 -4.99 -4.39 -9.71
C ASP A 43 -3.59 -4.49 -9.13
N TRP A 44 -2.95 -3.35 -8.93
CA TRP A 44 -1.60 -3.32 -8.38
C TRP A 44 -1.34 -1.98 -7.67
N TRP A 45 -0.41 -2.00 -6.72
CA TRP A 45 -0.06 -0.81 -5.97
C TRP A 45 1.45 -0.67 -5.82
N GLU A 46 1.90 0.55 -5.57
CA GLU A 46 3.33 0.82 -5.39
C GLU A 46 3.63 1.31 -3.99
N GLY A 47 3.97 0.39 -3.10
CA GLY A 47 4.28 0.76 -1.73
C GLY A 47 5.55 0.11 -1.22
N ARG A 48 5.65 -0.03 0.10
CA ARG A 48 6.84 -0.64 0.71
C ARG A 48 6.44 -1.67 1.75
N HIS A 49 7.23 -2.73 1.87
CA HIS A 49 6.95 -3.79 2.83
C HIS A 49 8.23 -4.19 3.57
N ASN A 50 8.37 -3.69 4.80
CA ASN A 50 9.54 -3.99 5.62
C ASN A 50 10.82 -3.52 4.93
N GLY A 51 10.70 -2.45 4.16
CA GLY A 51 11.86 -1.91 3.46
C GLY A 51 11.94 -2.40 2.03
N ILE A 52 11.06 -3.31 1.66
CA ILE A 52 11.04 -3.87 0.31
C ILE A 52 9.95 -3.21 -0.54
N ASP A 53 10.36 -2.49 -1.56
CA ASP A 53 9.41 -1.81 -2.45
C ASP A 53 9.10 -2.68 -3.67
N GLY A 54 7.81 -2.87 -3.94
CA GLY A 54 7.40 -3.68 -5.07
C GLY A 54 5.97 -3.41 -5.49
N LEU A 55 5.24 -4.47 -5.82
CA LEU A 55 3.85 -4.34 -6.25
C LEU A 55 2.91 -5.00 -5.25
N ILE A 56 1.82 -4.33 -4.92
CA ILE A 56 0.84 -4.86 -3.98
C ILE A 56 -0.54 -4.96 -4.62
N PRO A 57 -1.16 -6.15 -4.50
CA PRO A 57 -2.49 -6.41 -5.06
C PRO A 57 -3.58 -5.65 -4.33
N HIS A 58 -4.58 -5.18 -5.08
CA HIS A 58 -5.69 -4.43 -4.51
C HIS A 58 -6.80 -5.37 -4.04
N GLN A 59 -6.58 -6.67 -4.24
CA GLN A 59 -7.57 -7.68 -3.83
C GLN A 59 -7.23 -8.24 -2.46
N TYR A 60 -5.95 -8.19 -2.10
CA TYR A 60 -5.50 -8.71 -0.81
C TYR A 60 -5.14 -7.57 0.13
N ILE A 61 -5.70 -6.39 -0.13
CA ILE A 61 -5.44 -5.23 0.70
C ILE A 61 -6.62 -4.25 0.67
N VAL A 62 -6.75 -3.44 1.72
CA VAL A 62 -7.83 -2.47 1.80
C VAL A 62 -7.28 -1.05 1.94
N VAL A 63 -7.50 -0.23 0.92
CA VAL A 63 -7.04 1.15 0.92
C VAL A 63 -7.96 2.04 1.75
N GLN A 64 -7.52 2.37 2.96
CA GLN A 64 -8.31 3.21 3.85
C GLN A 64 -8.48 4.61 3.27
N ASP A 65 -9.63 4.87 2.68
CA ASP A 65 -9.92 6.16 2.08
C ASP A 65 -10.44 7.15 3.12
N THR A 66 -10.43 8.43 2.79
CA THR A 66 -10.90 9.47 3.70
C THR A 66 -12.43 9.47 3.80
N SER A 67 -12.94 9.12 4.97
CA SER A 67 -14.37 9.07 5.19
C SER A 67 -14.93 10.47 5.46
N GLY A 68 -16.04 10.80 4.81
CA GLY A 68 -16.66 12.10 5.00
C GLY A 68 -15.81 13.22 4.42
N PRO A 69 -16.29 14.47 4.59
CA PRO A 69 -15.58 15.65 4.08
C PRO A 69 -14.28 15.93 4.84
N SER A 70 -13.26 16.35 4.11
CA SER A 70 -11.97 16.64 4.72
C SER A 70 -11.38 17.93 4.15
N SER A 71 -11.03 18.86 5.04
CA SER A 71 -10.46 20.14 4.62
C SER A 71 -9.16 19.93 3.85
N GLY A 72 -8.83 20.90 2.99
CA GLY A 72 -7.61 20.80 2.21
C GLY A 72 -7.81 20.01 0.93
N GLY A 1 14.16 16.18 6.27
CA GLY A 1 12.83 16.23 5.68
C GLY A 1 12.59 15.08 4.72
N SER A 2 11.57 15.22 3.87
CA SER A 2 11.23 14.19 2.91
C SER A 2 10.98 14.79 1.53
N SER A 3 11.16 13.98 0.49
CA SER A 3 10.96 14.43 -0.88
C SER A 3 9.48 14.59 -1.19
N GLY A 4 9.08 15.81 -1.50
CA GLY A 4 7.68 16.07 -1.82
C GLY A 4 6.79 16.00 -0.59
N SER A 5 5.86 16.94 -0.48
CA SER A 5 4.95 16.98 0.66
C SER A 5 3.57 16.46 0.26
N SER A 6 3.04 16.97 -0.84
CA SER A 6 1.73 16.56 -1.33
C SER A 6 1.79 15.15 -1.91
N GLY A 7 0.94 14.26 -1.39
CA GLY A 7 0.92 12.89 -1.88
C GLY A 7 1.33 11.89 -0.81
N GLU A 8 0.99 12.20 0.44
CA GLU A 8 1.33 11.32 1.55
C GLU A 8 0.91 9.88 1.25
N PRO A 9 1.62 8.92 1.86
CA PRO A 9 1.34 7.50 1.68
C PRO A 9 0.03 7.07 2.34
N ILE A 10 -0.58 6.02 1.81
CA ILE A 10 -1.84 5.52 2.34
C ILE A 10 -1.64 4.19 3.07
N GLU A 11 -1.97 4.17 4.36
CA GLU A 11 -1.83 2.97 5.16
C GLU A 11 -2.95 1.98 4.87
N ALA A 12 -2.60 0.85 4.26
CA ALA A 12 -3.58 -0.18 3.93
C ALA A 12 -3.39 -1.42 4.79
N ILE A 13 -4.43 -2.24 4.87
CA ILE A 13 -4.38 -3.46 5.67
C ILE A 13 -4.46 -4.70 4.78
N ALA A 14 -3.66 -5.71 5.11
CA ALA A 14 -3.66 -6.95 4.34
C ALA A 14 -4.89 -7.79 4.63
N LYS A 15 -5.67 -8.07 3.59
CA LYS A 15 -6.89 -8.86 3.73
C LYS A 15 -6.56 -10.34 3.85
N PHE A 16 -5.57 -10.80 3.09
CA PHE A 16 -5.16 -12.20 3.12
C PHE A 16 -3.66 -12.32 2.86
N ASP A 17 -3.00 -13.19 3.64
CA ASP A 17 -1.57 -13.41 3.49
C ASP A 17 -1.18 -13.53 2.02
N TYR A 18 -0.56 -12.47 1.49
CA TYR A 18 -0.13 -12.46 0.10
C TYR A 18 1.37 -12.68 -0.01
N VAL A 19 1.79 -13.34 -1.09
CA VAL A 19 3.20 -13.61 -1.32
C VAL A 19 3.62 -13.19 -2.73
N GLY A 20 4.40 -12.12 -2.82
CA GLY A 20 4.86 -11.63 -4.11
C GLY A 20 5.32 -12.76 -5.02
N ARG A 21 4.47 -13.14 -5.96
CA ARG A 21 4.79 -14.21 -6.89
C ARG A 21 6.13 -13.95 -7.57
N THR A 22 6.39 -12.70 -7.89
CA THR A 22 7.64 -12.31 -8.55
C THR A 22 8.39 -11.25 -7.73
N ALA A 23 9.70 -11.21 -7.90
CA ALA A 23 10.53 -10.25 -7.19
C ALA A 23 9.86 -8.88 -7.14
N ARG A 24 9.22 -8.50 -8.25
CA ARG A 24 8.55 -7.21 -8.34
C ARG A 24 7.51 -7.07 -7.24
N GLU A 25 6.61 -8.05 -7.14
CA GLU A 25 5.56 -8.03 -6.12
C GLU A 25 6.16 -8.16 -4.73
N LEU A 26 5.31 -8.03 -3.71
CA LEU A 26 5.74 -8.15 -2.32
C LEU A 26 4.94 -9.20 -1.59
N SER A 27 5.53 -9.77 -0.54
CA SER A 27 4.88 -10.80 0.25
C SER A 27 4.55 -10.28 1.65
N PHE A 28 3.26 -10.27 1.99
CA PHE A 28 2.82 -9.81 3.29
C PHE A 28 1.79 -10.75 3.89
N LYS A 29 1.79 -10.86 5.21
CA LYS A 29 0.85 -11.74 5.91
C LYS A 29 -0.48 -11.04 6.12
N LYS A 30 -1.52 -11.82 6.41
CA LYS A 30 -2.85 -11.27 6.65
C LYS A 30 -2.84 -10.30 7.82
N GLY A 31 -3.44 -9.13 7.62
CA GLY A 31 -3.50 -8.13 8.67
C GLY A 31 -2.27 -7.24 8.68
N ALA A 32 -1.14 -7.78 8.23
CA ALA A 32 0.11 -7.03 8.20
C ALA A 32 -0.12 -5.63 7.64
N SER A 33 0.56 -4.64 8.25
CA SER A 33 0.43 -3.25 7.83
C SER A 33 1.27 -2.99 6.59
N LEU A 34 0.65 -2.44 5.55
CA LEU A 34 1.34 -2.13 4.32
C LEU A 34 1.17 -0.66 3.95
N LEU A 35 2.25 -0.06 3.44
CA LEU A 35 2.22 1.35 3.05
C LEU A 35 2.04 1.50 1.55
N LEU A 36 1.25 2.49 1.14
CA LEU A 36 0.99 2.73 -0.28
C LEU A 36 1.48 4.13 -0.68
N TYR A 37 2.16 4.19 -1.81
CA TYR A 37 2.69 5.46 -2.32
C TYR A 37 1.90 5.92 -3.54
N GLN A 38 1.70 5.01 -4.49
CA GLN A 38 0.95 5.32 -5.71
C GLN A 38 0.35 4.07 -6.31
N ARG A 39 -0.81 4.22 -6.93
CA ARG A 39 -1.50 3.10 -7.56
C ARG A 39 -0.84 2.73 -8.88
N ALA A 40 0.00 1.69 -8.86
CA ALA A 40 0.69 1.24 -10.06
C ALA A 40 -0.29 0.92 -11.17
N SER A 41 -1.39 0.25 -10.82
CA SER A 41 -2.41 -0.12 -11.79
C SER A 41 -3.76 -0.35 -11.11
N ASP A 42 -4.79 -0.52 -11.91
CA ASP A 42 -6.14 -0.74 -11.39
C ASP A 42 -6.18 -2.00 -10.52
N ASP A 43 -5.23 -2.90 -10.75
CA ASP A 43 -5.16 -4.14 -9.98
C ASP A 43 -3.79 -4.31 -9.34
N TRP A 44 -3.14 -3.18 -9.05
CA TRP A 44 -1.81 -3.21 -8.42
C TRP A 44 -1.54 -1.90 -7.69
N TRP A 45 -0.52 -1.91 -6.84
CA TRP A 45 -0.15 -0.72 -6.07
C TRP A 45 1.36 -0.60 -5.95
N GLU A 46 1.83 0.60 -5.64
CA GLU A 46 3.26 0.85 -5.48
C GLU A 46 3.57 1.38 -4.09
N GLY A 47 4.05 0.50 -3.22
CA GLY A 47 4.39 0.89 -1.86
C GLY A 47 5.64 0.21 -1.34
N ARG A 48 5.69 0.00 -0.04
CA ARG A 48 6.84 -0.65 0.58
C ARG A 48 6.41 -1.60 1.70
N HIS A 49 7.06 -2.75 1.79
CA HIS A 49 6.73 -3.74 2.80
C HIS A 49 8.00 -4.26 3.47
N ASN A 50 8.06 -4.14 4.80
CA ASN A 50 9.22 -4.60 5.55
C ASN A 50 10.51 -4.07 4.95
N GLY A 51 10.46 -2.84 4.45
CA GLY A 51 11.63 -2.23 3.85
C GLY A 51 11.91 -2.76 2.46
N ILE A 52 10.86 -3.20 1.77
CA ILE A 52 11.00 -3.73 0.42
C ILE A 52 10.01 -3.06 -0.54
N ASP A 53 10.54 -2.33 -1.51
CA ASP A 53 9.71 -1.65 -2.50
C ASP A 53 9.31 -2.59 -3.62
N GLY A 54 8.03 -2.57 -3.97
CA GLY A 54 7.54 -3.44 -5.04
C GLY A 54 6.09 -3.17 -5.38
N LEU A 55 5.37 -4.22 -5.77
CA LEU A 55 3.96 -4.09 -6.13
C LEU A 55 3.07 -4.77 -5.09
N ILE A 56 1.84 -4.28 -4.97
CA ILE A 56 0.89 -4.84 -4.01
C ILE A 56 -0.48 -5.02 -4.63
N PRO A 57 -1.08 -6.20 -4.45
CA PRO A 57 -2.40 -6.51 -4.98
C PRO A 57 -3.51 -5.74 -4.29
N HIS A 58 -4.51 -5.31 -5.06
CA HIS A 58 -5.63 -4.56 -4.51
C HIS A 58 -6.74 -5.50 -4.05
N GLN A 59 -6.52 -6.80 -4.21
CA GLN A 59 -7.50 -7.81 -3.81
C GLN A 59 -7.15 -8.39 -2.44
N TYR A 60 -5.89 -8.25 -2.05
CA TYR A 60 -5.42 -8.77 -0.78
C TYR A 60 -5.07 -7.63 0.18
N ILE A 61 -5.63 -6.45 -0.08
CA ILE A 61 -5.39 -5.29 0.75
C ILE A 61 -6.54 -4.29 0.66
N VAL A 62 -6.72 -3.50 1.72
CA VAL A 62 -7.78 -2.50 1.75
C VAL A 62 -7.21 -1.10 1.91
N VAL A 63 -7.56 -0.22 0.97
CA VAL A 63 -7.08 1.17 1.01
C VAL A 63 -7.94 2.02 1.94
N GLN A 64 -7.36 2.44 3.06
CA GLN A 64 -8.07 3.26 4.02
C GLN A 64 -8.13 4.72 3.56
N ASP A 65 -9.32 5.15 3.12
CA ASP A 65 -9.50 6.50 2.65
C ASP A 65 -10.03 7.40 3.77
N THR A 66 -9.12 8.02 4.51
CA THR A 66 -9.49 8.90 5.62
C THR A 66 -8.61 10.14 5.65
N SER A 67 -9.24 11.31 5.63
CA SER A 67 -8.51 12.58 5.66
C SER A 67 -7.64 12.67 6.90
N GLY A 68 -8.25 12.42 8.06
CA GLY A 68 -7.51 12.49 9.31
C GLY A 68 -7.85 11.34 10.24
N PRO A 69 -6.86 10.89 11.03
CA PRO A 69 -7.04 9.80 11.98
C PRO A 69 -7.93 10.18 13.16
N SER A 70 -8.30 11.46 13.22
CA SER A 70 -9.14 11.96 14.30
C SER A 70 -10.15 10.91 14.73
N SER A 71 -10.50 10.93 16.01
CA SER A 71 -11.45 9.97 16.56
C SER A 71 -12.54 9.64 15.53
N GLY A 72 -12.86 8.36 15.41
CA GLY A 72 -13.87 7.93 14.47
C GLY A 72 -13.34 7.81 13.05
N GLY A 1 -2.87 13.39 0.95
CA GLY A 1 -3.99 13.14 0.06
C GLY A 1 -4.55 14.42 -0.52
N SER A 2 -5.51 15.03 0.19
CA SER A 2 -6.13 16.25 -0.27
C SER A 2 -5.18 17.44 -0.13
N SER A 3 -4.58 17.57 1.05
CA SER A 3 -3.65 18.65 1.32
C SER A 3 -2.21 18.15 1.35
N GLY A 4 -1.27 19.00 0.98
CA GLY A 4 0.13 18.63 0.98
C GLY A 4 0.70 18.52 -0.43
N SER A 5 1.84 19.17 -0.64
CA SER A 5 2.49 19.15 -1.95
C SER A 5 3.03 17.76 -2.28
N SER A 6 3.97 17.29 -1.46
CA SER A 6 4.57 15.99 -1.66
C SER A 6 3.59 14.87 -1.32
N GLY A 7 2.39 15.26 -0.90
CA GLY A 7 1.38 14.29 -0.54
C GLY A 7 1.86 13.31 0.51
N GLU A 8 0.96 12.42 0.93
CA GLU A 8 1.30 11.42 1.94
C GLU A 8 0.81 10.04 1.52
N PRO A 9 1.49 9.00 2.02
CA PRO A 9 1.15 7.61 1.72
C PRO A 9 -0.17 7.18 2.36
N ILE A 10 -0.70 6.04 1.91
CA ILE A 10 -1.95 5.53 2.44
C ILE A 10 -1.74 4.22 3.19
N GLU A 11 -2.05 4.22 4.47
CA GLU A 11 -1.89 3.03 5.30
C GLU A 11 -3.03 2.03 5.05
N ALA A 12 -2.69 0.89 4.46
CA ALA A 12 -3.66 -0.14 4.16
C ALA A 12 -3.46 -1.37 5.04
N ILE A 13 -4.35 -2.35 4.91
CA ILE A 13 -4.27 -3.58 5.70
C ILE A 13 -4.40 -4.81 4.81
N ALA A 14 -3.51 -5.78 5.01
CA ALA A 14 -3.54 -7.01 4.23
C ALA A 14 -4.87 -7.73 4.39
N LYS A 15 -5.56 -7.95 3.28
CA LYS A 15 -6.85 -8.64 3.29
C LYS A 15 -6.66 -10.13 3.49
N PHE A 16 -5.64 -10.69 2.83
CA PHE A 16 -5.36 -12.12 2.94
C PHE A 16 -3.87 -12.40 2.69
N ASP A 17 -3.35 -13.40 3.37
CA ASP A 17 -1.94 -13.77 3.23
C ASP A 17 -1.56 -13.84 1.76
N TYR A 18 -0.75 -12.88 1.31
CA TYR A 18 -0.30 -12.83 -0.08
C TYR A 18 1.21 -13.01 -0.17
N VAL A 19 1.65 -13.67 -1.24
CA VAL A 19 3.07 -13.92 -1.44
C VAL A 19 3.50 -13.52 -2.85
N GLY A 20 4.17 -12.39 -2.97
CA GLY A 20 4.62 -11.91 -4.27
C GLY A 20 5.28 -13.01 -5.08
N ARG A 21 4.52 -13.59 -6.01
CA ARG A 21 5.04 -14.65 -6.87
C ARG A 21 6.33 -14.23 -7.54
N THR A 22 6.45 -12.93 -7.83
CA THR A 22 7.65 -12.41 -8.48
C THR A 22 8.41 -11.46 -7.55
N ALA A 23 9.56 -11.00 -8.00
CA ALA A 23 10.39 -10.10 -7.21
C ALA A 23 9.67 -8.77 -6.99
N ARG A 24 9.04 -8.26 -8.03
CA ARG A 24 8.32 -7.00 -7.94
C ARG A 24 7.26 -7.05 -6.84
N GLU A 25 6.47 -8.11 -6.84
CA GLU A 25 5.41 -8.28 -5.85
C GLU A 25 6.01 -8.38 -4.45
N LEU A 26 5.21 -8.00 -3.44
CA LEU A 26 5.66 -8.05 -2.05
C LEU A 26 4.86 -9.07 -1.26
N SER A 27 5.56 -9.94 -0.53
CA SER A 27 4.91 -10.97 0.26
C SER A 27 4.57 -10.44 1.65
N PHE A 28 3.32 -10.63 2.06
CA PHE A 28 2.86 -10.17 3.37
C PHE A 28 1.82 -11.13 3.95
N LYS A 29 1.53 -10.95 5.23
CA LYS A 29 0.55 -11.81 5.91
C LYS A 29 -0.71 -11.03 6.24
N LYS A 30 -1.84 -11.73 6.31
CA LYS A 30 -3.11 -11.10 6.63
C LYS A 30 -3.02 -10.27 7.90
N GLY A 31 -3.37 -8.99 7.80
CA GLY A 31 -3.32 -8.11 8.95
C GLY A 31 -2.04 -7.30 9.00
N ALA A 32 -1.06 -7.69 8.19
CA ALA A 32 0.21 -6.98 8.14
C ALA A 32 0.03 -5.55 7.63
N SER A 33 0.61 -4.59 8.35
CA SER A 33 0.50 -3.19 7.98
C SER A 33 1.34 -2.89 6.74
N LEU A 34 0.70 -2.31 5.73
CA LEU A 34 1.39 -1.97 4.48
C LEU A 34 1.26 -0.49 4.17
N LEU A 35 2.21 0.04 3.41
CA LEU A 35 2.19 1.46 3.04
C LEU A 35 2.02 1.61 1.53
N LEU A 36 1.17 2.56 1.14
CA LEU A 36 0.92 2.82 -0.28
C LEU A 36 1.41 4.20 -0.67
N TYR A 37 2.13 4.28 -1.78
CA TYR A 37 2.66 5.55 -2.27
C TYR A 37 1.89 6.02 -3.50
N GLN A 38 1.66 5.10 -4.44
CA GLN A 38 0.93 5.44 -5.66
C GLN A 38 0.29 4.19 -6.27
N ARG A 39 -0.70 4.39 -7.11
CA ARG A 39 -1.39 3.28 -7.76
C ARG A 39 -0.74 2.93 -9.10
N ALA A 40 -0.10 1.77 -9.14
CA ALA A 40 0.58 1.32 -10.36
C ALA A 40 -0.44 0.93 -11.43
N SER A 41 -1.52 0.27 -11.01
CA SER A 41 -2.56 -0.16 -11.93
C SER A 41 -3.87 -0.40 -11.19
N ASP A 42 -4.90 -0.77 -11.95
CA ASP A 42 -6.21 -1.04 -11.37
C ASP A 42 -6.21 -2.33 -10.56
N ASP A 43 -5.14 -3.11 -10.71
CA ASP A 43 -5.01 -4.38 -10.01
C ASP A 43 -3.65 -4.49 -9.33
N TRP A 44 -3.03 -3.34 -9.06
CA TRP A 44 -1.72 -3.31 -8.42
C TRP A 44 -1.49 -1.96 -7.74
N TRP A 45 -0.48 -1.91 -6.86
CA TRP A 45 -0.15 -0.69 -6.15
C TRP A 45 1.36 -0.51 -6.05
N GLU A 46 1.78 0.69 -5.66
CA GLU A 46 3.20 0.99 -5.54
C GLU A 46 3.52 1.51 -4.13
N GLY A 47 4.00 0.61 -3.28
CA GLY A 47 4.34 0.99 -1.92
C GLY A 47 5.60 0.32 -1.42
N ARG A 48 5.67 0.08 -0.11
CA ARG A 48 6.84 -0.56 0.49
C ARG A 48 6.41 -1.60 1.51
N HIS A 49 7.34 -2.47 1.89
CA HIS A 49 7.06 -3.53 2.86
C HIS A 49 8.35 -4.04 3.50
N ASN A 50 8.40 -4.01 4.83
CA ASN A 50 9.58 -4.47 5.56
C ASN A 50 10.85 -3.89 4.95
N GLY A 51 10.75 -2.68 4.42
CA GLY A 51 11.90 -2.04 3.81
C GLY A 51 12.16 -2.51 2.38
N ILE A 52 11.09 -2.92 1.71
CA ILE A 52 11.20 -3.39 0.34
C ILE A 52 10.12 -2.77 -0.54
N ASP A 53 10.54 -2.14 -1.64
CA ASP A 53 9.61 -1.52 -2.57
C ASP A 53 9.21 -2.49 -3.67
N GLY A 54 7.91 -2.55 -3.96
CA GLY A 54 7.42 -3.44 -4.99
C GLY A 54 5.96 -3.17 -5.34
N LEU A 55 5.29 -4.19 -5.84
CA LEU A 55 3.88 -4.07 -6.22
C LEU A 55 2.98 -4.74 -5.20
N ILE A 56 1.83 -4.13 -4.94
CA ILE A 56 0.87 -4.68 -3.98
C ILE A 56 -0.50 -4.86 -4.62
N PRO A 57 -1.08 -6.06 -4.46
CA PRO A 57 -2.40 -6.39 -5.01
C PRO A 57 -3.52 -5.66 -4.29
N HIS A 58 -4.49 -5.19 -5.06
CA HIS A 58 -5.63 -4.46 -4.50
C HIS A 58 -6.72 -5.43 -4.03
N GLN A 59 -6.48 -6.73 -4.26
CA GLN A 59 -7.44 -7.75 -3.85
C GLN A 59 -7.08 -8.32 -2.48
N TYR A 60 -5.81 -8.17 -2.10
CA TYR A 60 -5.34 -8.67 -0.82
C TYR A 60 -4.93 -7.52 0.10
N ILE A 61 -5.61 -6.39 -0.04
CA ILE A 61 -5.31 -5.21 0.77
C ILE A 61 -6.50 -4.27 0.82
N VAL A 62 -6.60 -3.50 1.89
CA VAL A 62 -7.68 -2.55 2.07
C VAL A 62 -7.16 -1.12 2.17
N VAL A 63 -7.34 -0.36 1.09
CA VAL A 63 -6.89 1.03 1.05
C VAL A 63 -7.74 1.91 1.96
N GLN A 64 -7.19 2.28 3.11
CA GLN A 64 -7.89 3.12 4.06
C GLN A 64 -8.01 4.55 3.55
N ASP A 65 -9.01 4.79 2.71
CA ASP A 65 -9.23 6.11 2.14
C ASP A 65 -8.95 7.19 3.18
N THR A 66 -9.35 6.93 4.41
CA THR A 66 -9.16 7.89 5.50
C THR A 66 -8.69 7.20 6.77
N SER A 67 -7.95 7.91 7.60
CA SER A 67 -7.44 7.36 8.85
C SER A 67 -7.61 8.34 10.00
N GLY A 68 -8.35 7.92 11.03
CA GLY A 68 -8.59 8.79 12.17
C GLY A 68 -9.30 10.07 11.79
N PRO A 69 -9.11 11.12 12.59
CA PRO A 69 -9.73 12.43 12.36
C PRO A 69 -9.15 13.14 11.14
N SER A 70 -10.04 13.60 10.26
CA SER A 70 -9.62 14.30 9.04
C SER A 70 -9.00 15.64 9.38
N SER A 71 -9.77 16.51 10.00
CA SER A 71 -9.30 17.84 10.38
C SER A 71 -9.04 17.92 11.88
N GLY A 72 -7.79 17.70 12.27
CA GLY A 72 -7.43 17.75 13.68
C GLY A 72 -8.33 16.89 14.54
N GLY A 1 9.64 27.61 3.13
CA GLY A 1 10.64 26.62 3.51
C GLY A 1 10.82 25.56 2.45
N SER A 2 10.79 24.30 2.87
CA SER A 2 10.96 23.18 1.95
C SER A 2 9.63 22.77 1.34
N SER A 3 9.63 22.50 0.04
CA SER A 3 8.43 22.10 -0.67
C SER A 3 8.34 20.58 -0.78
N GLY A 4 7.84 19.95 0.29
CA GLY A 4 7.70 18.51 0.30
C GLY A 4 6.37 18.06 0.85
N SER A 5 6.30 16.80 1.27
CA SER A 5 5.07 16.24 1.82
C SER A 5 3.94 16.30 0.80
N SER A 6 4.26 15.94 -0.44
CA SER A 6 3.27 15.97 -1.52
C SER A 6 2.68 14.57 -1.74
N GLY A 7 1.40 14.42 -1.42
CA GLY A 7 0.74 13.15 -1.60
C GLY A 7 1.17 12.13 -0.56
N GLU A 8 0.84 12.39 0.71
CA GLU A 8 1.20 11.48 1.79
C GLU A 8 0.82 10.05 1.45
N PRO A 9 1.54 9.08 2.06
CA PRO A 9 1.29 7.66 1.85
C PRO A 9 -0.03 7.20 2.45
N ILE A 10 -0.61 6.16 1.87
CA ILE A 10 -1.88 5.61 2.35
C ILE A 10 -1.66 4.29 3.09
N GLU A 11 -2.05 4.26 4.36
CA GLU A 11 -1.90 3.05 5.17
C GLU A 11 -3.00 2.05 4.84
N ALA A 12 -2.60 0.89 4.33
CA ALA A 12 -3.55 -0.16 3.98
C ALA A 12 -3.38 -1.38 4.88
N ILE A 13 -4.28 -2.34 4.74
CA ILE A 13 -4.24 -3.56 5.55
C ILE A 13 -4.39 -4.80 4.68
N ALA A 14 -3.52 -5.78 4.90
CA ALA A 14 -3.56 -7.02 4.14
C ALA A 14 -4.89 -7.74 4.34
N LYS A 15 -5.61 -7.97 3.25
CA LYS A 15 -6.90 -8.65 3.32
C LYS A 15 -6.70 -10.16 3.48
N PHE A 16 -5.69 -10.70 2.81
CA PHE A 16 -5.40 -12.12 2.88
C PHE A 16 -3.91 -12.38 2.67
N ASP A 17 -3.33 -13.22 3.52
CA ASP A 17 -1.91 -13.56 3.42
C ASP A 17 -1.50 -13.76 1.97
N TYR A 18 -0.75 -12.80 1.44
CA TYR A 18 -0.29 -12.86 0.05
C TYR A 18 1.23 -13.04 -0.02
N VAL A 19 1.69 -13.68 -1.08
CA VAL A 19 3.12 -13.91 -1.26
C VAL A 19 3.57 -13.49 -2.65
N GLY A 20 4.42 -12.48 -2.71
CA GLY A 20 4.92 -11.99 -3.99
C GLY A 20 5.38 -13.12 -4.89
N ARG A 21 4.62 -13.39 -5.94
CA ARG A 21 4.96 -14.45 -6.89
C ARG A 21 6.32 -14.18 -7.54
N THR A 22 6.60 -12.91 -7.79
CA THR A 22 7.86 -12.52 -8.41
C THR A 22 8.60 -11.48 -7.57
N ALA A 23 9.77 -11.08 -8.03
CA ALA A 23 10.57 -10.08 -7.32
C ALA A 23 9.84 -8.76 -7.24
N ARG A 24 9.13 -8.40 -8.31
CA ARG A 24 8.39 -7.15 -8.35
C ARG A 24 7.31 -7.12 -7.28
N GLU A 25 6.52 -8.18 -7.21
CA GLU A 25 5.44 -8.28 -6.23
C GLU A 25 6.00 -8.28 -4.82
N LEU A 26 5.11 -8.12 -3.84
CA LEU A 26 5.52 -8.10 -2.44
C LEU A 26 4.82 -9.21 -1.65
N SER A 27 5.52 -9.74 -0.64
CA SER A 27 4.97 -10.81 0.17
C SER A 27 4.59 -10.30 1.57
N PHE A 28 3.32 -10.42 1.90
CA PHE A 28 2.83 -9.96 3.20
C PHE A 28 1.85 -10.97 3.80
N LYS A 29 1.48 -10.76 5.06
CA LYS A 29 0.55 -11.64 5.75
C LYS A 29 -0.72 -10.90 6.14
N LYS A 30 -1.83 -11.62 6.18
CA LYS A 30 -3.12 -11.02 6.54
C LYS A 30 -2.98 -10.19 7.81
N GLY A 31 -3.45 -8.94 7.74
CA GLY A 31 -3.38 -8.05 8.88
C GLY A 31 -2.12 -7.20 8.88
N ALA A 32 -1.06 -7.72 8.28
CA ALA A 32 0.20 -7.00 8.22
C ALA A 32 0.01 -5.59 7.65
N SER A 33 0.56 -4.61 8.33
CA SER A 33 0.44 -3.22 7.90
C SER A 33 1.31 -2.94 6.68
N LEU A 34 0.73 -2.30 5.69
CA LEU A 34 1.45 -1.98 4.46
C LEU A 34 1.26 -0.51 4.08
N LEU A 35 2.32 0.10 3.56
CA LEU A 35 2.27 1.50 3.16
C LEU A 35 2.12 1.63 1.64
N LEU A 36 1.31 2.59 1.21
CA LEU A 36 1.09 2.82 -0.21
C LEU A 36 1.60 4.20 -0.63
N TYR A 37 2.25 4.24 -1.79
CA TYR A 37 2.79 5.49 -2.31
C TYR A 37 2.02 5.96 -3.54
N GLN A 38 1.81 5.03 -4.47
CA GLN A 38 1.09 5.35 -5.70
C GLN A 38 0.46 4.08 -6.30
N ARG A 39 -0.68 4.25 -6.95
CA ARG A 39 -1.39 3.14 -7.56
C ARG A 39 -0.73 2.73 -8.88
N ALA A 40 0.07 1.67 -8.83
CA ALA A 40 0.75 1.19 -10.02
C ALA A 40 -0.23 0.87 -11.14
N SER A 41 -1.34 0.25 -10.78
CA SER A 41 -2.37 -0.10 -11.75
C SER A 41 -3.71 -0.36 -11.07
N ASP A 42 -4.74 -0.59 -11.87
CA ASP A 42 -6.07 -0.86 -11.34
C ASP A 42 -6.08 -2.12 -10.48
N ASP A 43 -5.13 -3.01 -10.74
CA ASP A 43 -5.04 -4.26 -9.99
C ASP A 43 -3.65 -4.39 -9.36
N TRP A 44 -3.02 -3.26 -9.07
CA TRP A 44 -1.70 -3.25 -8.46
C TRP A 44 -1.44 -1.95 -7.73
N TRP A 45 -0.44 -1.96 -6.84
CA TRP A 45 -0.10 -0.78 -6.07
C TRP A 45 1.42 -0.64 -5.93
N GLU A 46 1.87 0.58 -5.62
CA GLU A 46 3.30 0.83 -5.46
C GLU A 46 3.60 1.35 -4.05
N GLY A 47 3.97 0.43 -3.16
CA GLY A 47 4.28 0.81 -1.79
C GLY A 47 5.54 0.15 -1.28
N ARG A 48 5.66 0.04 0.04
CA ARG A 48 6.83 -0.57 0.66
C ARG A 48 6.41 -1.60 1.71
N HIS A 49 7.22 -2.63 1.88
CA HIS A 49 6.95 -3.68 2.84
C HIS A 49 8.20 -4.03 3.65
N ASN A 50 8.32 -3.42 4.83
CA ASN A 50 9.46 -3.66 5.70
C ASN A 50 10.76 -3.23 5.01
N GLY A 51 10.66 -2.22 4.16
CA GLY A 51 11.84 -1.73 3.46
C GLY A 51 11.92 -2.25 2.03
N ILE A 52 11.07 -3.23 1.71
CA ILE A 52 11.05 -3.81 0.38
C ILE A 52 9.98 -3.16 -0.49
N ASP A 53 10.41 -2.47 -1.54
CA ASP A 53 9.49 -1.80 -2.45
C ASP A 53 9.17 -2.69 -3.64
N GLY A 54 7.89 -2.75 -3.99
CA GLY A 54 7.47 -3.57 -5.11
C GLY A 54 6.03 -3.31 -5.51
N LEU A 55 5.29 -4.38 -5.81
CA LEU A 55 3.89 -4.25 -6.21
C LEU A 55 2.97 -4.91 -5.18
N ILE A 56 1.81 -4.31 -4.97
CA ILE A 56 0.84 -4.83 -4.02
C ILE A 56 -0.53 -4.98 -4.66
N PRO A 57 -1.12 -6.19 -4.52
CA PRO A 57 -2.44 -6.48 -5.09
C PRO A 57 -3.56 -5.75 -4.36
N HIS A 58 -4.54 -5.26 -5.12
CA HIS A 58 -5.67 -4.53 -4.55
C HIS A 58 -6.75 -5.50 -4.08
N GLN A 59 -6.51 -6.79 -4.26
CA GLN A 59 -7.46 -7.82 -3.87
C GLN A 59 -7.10 -8.38 -2.50
N TYR A 60 -5.83 -8.27 -2.13
CA TYR A 60 -5.36 -8.78 -0.85
C TYR A 60 -4.97 -7.63 0.08
N ILE A 61 -5.63 -6.49 -0.09
CA ILE A 61 -5.35 -5.32 0.73
C ILE A 61 -6.54 -4.36 0.74
N VAL A 62 -6.65 -3.58 1.81
CA VAL A 62 -7.74 -2.62 1.94
C VAL A 62 -7.21 -1.19 2.02
N VAL A 63 -7.76 -0.30 1.21
CA VAL A 63 -7.34 1.09 1.19
C VAL A 63 -8.16 1.92 2.17
N GLN A 64 -7.51 2.36 3.24
CA GLN A 64 -8.18 3.18 4.26
C GLN A 64 -8.27 4.64 3.82
N ASP A 65 -9.45 5.04 3.38
CA ASP A 65 -9.68 6.41 2.94
C ASP A 65 -9.18 7.41 3.98
N THR A 66 -9.50 7.14 5.24
CA THR A 66 -9.09 8.01 6.34
C THR A 66 -7.79 7.53 6.97
N SER A 67 -6.79 8.39 6.98
CA SER A 67 -5.49 8.06 7.56
C SER A 67 -4.92 9.22 8.35
N GLY A 68 -4.52 8.95 9.58
CA GLY A 68 -3.96 10.00 10.43
C GLY A 68 -3.99 9.64 11.90
N PRO A 69 -3.03 10.18 12.67
CA PRO A 69 -2.93 9.92 14.11
C PRO A 69 -4.06 10.57 14.89
N SER A 70 -4.88 9.75 15.55
CA SER A 70 -6.00 10.24 16.33
C SER A 70 -5.74 10.06 17.82
N SER A 71 -5.58 8.81 18.25
CA SER A 71 -5.33 8.51 19.65
C SER A 71 -4.14 7.56 19.79
N GLY A 72 -3.24 7.89 20.72
CA GLY A 72 -2.07 7.07 20.94
C GLY A 72 -2.23 6.13 22.12
N GLY A 1 14.74 21.31 2.92
CA GLY A 1 14.30 20.23 2.05
C GLY A 1 14.26 20.64 0.60
N SER A 2 13.64 19.81 -0.23
CA SER A 2 13.53 20.09 -1.65
C SER A 2 12.10 20.46 -2.03
N SER A 3 11.94 21.56 -2.76
CA SER A 3 10.63 22.02 -3.18
C SER A 3 9.86 20.91 -3.88
N GLY A 4 8.54 20.87 -3.66
CA GLY A 4 7.72 19.86 -4.28
C GLY A 4 6.49 19.51 -3.44
N SER A 5 5.35 19.36 -4.10
CA SER A 5 4.10 19.04 -3.42
C SER A 5 3.97 17.53 -3.22
N SER A 6 4.64 17.01 -2.20
CA SER A 6 4.60 15.58 -1.90
C SER A 6 3.57 15.28 -0.82
N GLY A 7 2.72 14.29 -1.08
CA GLY A 7 1.70 13.93 -0.12
C GLY A 7 2.07 12.69 0.67
N GLU A 8 1.44 12.52 1.84
CA GLU A 8 1.72 11.37 2.69
C GLU A 8 1.16 10.09 2.07
N PRO A 9 1.76 8.95 2.43
CA PRO A 9 1.36 7.64 1.93
C PRO A 9 -0.01 7.21 2.47
N ILE A 10 -0.43 6.01 2.12
CA ILE A 10 -1.71 5.48 2.57
C ILE A 10 -1.53 4.14 3.28
N GLU A 11 -1.91 4.09 4.55
CA GLU A 11 -1.80 2.88 5.34
C GLU A 11 -2.90 1.90 4.98
N ALA A 12 -2.54 0.81 4.33
CA ALA A 12 -3.50 -0.21 3.93
C ALA A 12 -3.34 -1.49 4.77
N ILE A 13 -4.42 -2.25 4.88
CA ILE A 13 -4.39 -3.49 5.65
C ILE A 13 -4.50 -4.70 4.75
N ALA A 14 -3.65 -5.69 4.97
CA ALA A 14 -3.65 -6.92 4.18
C ALA A 14 -4.89 -7.76 4.48
N LYS A 15 -5.74 -7.91 3.47
CA LYS A 15 -6.97 -8.70 3.63
C LYS A 15 -6.65 -10.18 3.77
N PHE A 16 -5.63 -10.63 3.03
CA PHE A 16 -5.22 -12.03 3.07
C PHE A 16 -3.72 -12.16 2.86
N ASP A 17 -3.12 -13.14 3.54
CA ASP A 17 -1.69 -13.38 3.43
C ASP A 17 -1.28 -13.58 1.98
N TYR A 18 -0.64 -12.57 1.40
CA TYR A 18 -0.19 -12.64 0.01
C TYR A 18 1.31 -12.86 -0.06
N VAL A 19 1.76 -13.53 -1.12
CA VAL A 19 3.17 -13.81 -1.32
C VAL A 19 3.62 -13.40 -2.72
N GLY A 20 4.47 -12.39 -2.79
CA GLY A 20 4.96 -11.91 -4.06
C GLY A 20 5.54 -13.02 -4.91
N ARG A 21 4.79 -13.43 -5.94
CA ARG A 21 5.24 -14.49 -6.83
C ARG A 21 6.57 -14.16 -7.47
N THR A 22 6.76 -12.88 -7.78
CA THR A 22 8.00 -12.42 -8.40
C THR A 22 8.66 -11.32 -7.57
N ALA A 23 9.89 -11.00 -7.92
CA ALA A 23 10.65 -9.97 -7.20
C ALA A 23 9.85 -8.67 -7.13
N ARG A 24 9.19 -8.32 -8.23
CA ARG A 24 8.39 -7.09 -8.29
C ARG A 24 7.32 -7.09 -7.20
N GLU A 25 6.55 -8.17 -7.12
CA GLU A 25 5.49 -8.28 -6.13
C GLU A 25 6.08 -8.38 -4.73
N LEU A 26 5.27 -8.03 -3.73
CA LEU A 26 5.70 -8.08 -2.33
C LEU A 26 4.94 -9.14 -1.56
N SER A 27 5.63 -9.81 -0.64
CA SER A 27 5.02 -10.85 0.17
C SER A 27 4.65 -10.34 1.55
N PHE A 28 3.36 -10.41 1.89
CA PHE A 28 2.89 -9.94 3.18
C PHE A 28 1.86 -10.91 3.77
N LYS A 29 1.63 -10.81 5.07
CA LYS A 29 0.68 -11.68 5.75
C LYS A 29 -0.61 -10.93 6.05
N LYS A 30 -1.68 -11.69 6.32
CA LYS A 30 -2.97 -11.09 6.63
C LYS A 30 -2.88 -10.21 7.87
N GLY A 31 -3.34 -8.96 7.74
CA GLY A 31 -3.30 -8.04 8.86
C GLY A 31 -2.05 -7.18 8.87
N ALA A 32 -0.98 -7.70 8.27
CA ALA A 32 0.28 -6.96 8.21
C ALA A 32 0.08 -5.56 7.64
N SER A 33 0.59 -4.56 8.35
CA SER A 33 0.45 -3.18 7.91
C SER A 33 1.30 -2.92 6.67
N LEU A 34 0.69 -2.29 5.67
CA LEU A 34 1.40 -1.98 4.43
C LEU A 34 1.27 -0.49 4.09
N LEU A 35 2.36 0.08 3.56
CA LEU A 35 2.37 1.49 3.19
C LEU A 35 2.27 1.66 1.68
N LEU A 36 1.29 2.45 1.25
CA LEU A 36 1.08 2.70 -0.17
C LEU A 36 1.59 4.08 -0.56
N TYR A 37 2.23 4.17 -1.72
CA TYR A 37 2.76 5.44 -2.21
C TYR A 37 1.94 5.95 -3.39
N GLN A 38 1.67 5.07 -4.34
CA GLN A 38 0.89 5.44 -5.52
C GLN A 38 0.31 4.21 -6.20
N ARG A 39 -0.65 4.42 -7.10
CA ARG A 39 -1.28 3.32 -7.81
C ARG A 39 -0.55 3.04 -9.12
N ALA A 40 -0.28 1.76 -9.37
CA ALA A 40 0.42 1.35 -10.58
C ALA A 40 -0.55 0.74 -11.60
N SER A 41 -1.55 0.02 -11.08
CA SER A 41 -2.55 -0.62 -11.94
C SER A 41 -3.87 -0.77 -11.20
N ASP A 42 -4.93 -1.00 -11.97
CA ASP A 42 -6.27 -1.16 -11.40
C ASP A 42 -6.31 -2.36 -10.45
N ASP A 43 -5.31 -3.24 -10.57
CA ASP A 43 -5.24 -4.42 -9.72
C ASP A 43 -3.86 -4.52 -9.05
N TRP A 44 -3.18 -3.39 -8.96
CA TRP A 44 -1.85 -3.35 -8.34
C TRP A 44 -1.62 -2.00 -7.66
N TRP A 45 -0.61 -1.96 -6.80
CA TRP A 45 -0.27 -0.73 -6.09
C TRP A 45 1.24 -0.58 -5.94
N GLU A 46 1.68 0.63 -5.62
CA GLU A 46 3.11 0.90 -5.44
C GLU A 46 3.40 1.38 -4.03
N GLY A 47 3.88 0.47 -3.19
CA GLY A 47 4.19 0.82 -1.81
C GLY A 47 5.44 0.12 -1.31
N ARG A 48 5.59 0.04 0.00
CA ARG A 48 6.75 -0.60 0.61
C ARG A 48 6.32 -1.61 1.67
N HIS A 49 7.14 -2.63 1.87
CA HIS A 49 6.85 -3.67 2.85
C HIS A 49 8.13 -4.19 3.50
N ASN A 50 8.25 -3.99 4.80
CA ASN A 50 9.44 -4.44 5.53
C ASN A 50 10.71 -4.01 4.81
N GLY A 51 10.76 -2.75 4.40
CA GLY A 51 11.92 -2.23 3.71
C GLY A 51 12.09 -2.83 2.33
N ILE A 52 10.97 -3.10 1.66
CA ILE A 52 11.00 -3.67 0.32
C ILE A 52 9.97 -3.01 -0.59
N ASP A 53 10.45 -2.33 -1.62
CA ASP A 53 9.57 -1.65 -2.56
C ASP A 53 9.18 -2.59 -3.70
N GLY A 54 7.89 -2.59 -4.04
CA GLY A 54 7.42 -3.45 -5.12
C GLY A 54 5.98 -3.16 -5.48
N LEU A 55 5.24 -4.22 -5.84
CA LEU A 55 3.83 -4.08 -6.21
C LEU A 55 2.93 -4.74 -5.18
N ILE A 56 1.72 -4.20 -5.02
CA ILE A 56 0.76 -4.75 -4.07
C ILE A 56 -0.61 -4.91 -4.71
N PRO A 57 -1.19 -6.11 -4.56
CA PRO A 57 -2.51 -6.42 -5.11
C PRO A 57 -3.64 -5.68 -4.40
N HIS A 58 -4.65 -5.29 -5.15
CA HIS A 58 -5.79 -4.57 -4.59
C HIS A 58 -6.87 -5.54 -4.13
N GLN A 59 -6.62 -6.83 -4.32
CA GLN A 59 -7.57 -7.86 -3.90
C GLN A 59 -7.19 -8.43 -2.55
N TYR A 60 -5.98 -8.14 -2.10
CA TYR A 60 -5.50 -8.64 -0.81
C TYR A 60 -5.13 -7.48 0.12
N ILE A 61 -5.76 -6.33 -0.11
CA ILE A 61 -5.49 -5.15 0.71
C ILE A 61 -6.68 -4.20 0.70
N VAL A 62 -6.81 -3.41 1.75
CA VAL A 62 -7.91 -2.44 1.87
C VAL A 62 -7.38 -1.02 2.01
N VAL A 63 -7.52 -0.24 0.94
CA VAL A 63 -7.07 1.14 0.94
C VAL A 63 -8.01 2.04 1.74
N GLN A 64 -7.57 2.42 2.93
CA GLN A 64 -8.38 3.27 3.79
C GLN A 64 -8.31 4.73 3.33
N ASP A 65 -9.25 5.11 2.47
CA ASP A 65 -9.30 6.47 1.96
C ASP A 65 -9.79 7.45 3.03
N THR A 66 -8.88 8.28 3.53
CA THR A 66 -9.21 9.25 4.56
C THR A 66 -8.22 10.40 4.58
N SER A 67 -8.66 11.55 5.08
CA SER A 67 -7.81 12.74 5.15
C SER A 67 -8.02 13.48 6.46
N GLY A 68 -7.04 14.30 6.83
CA GLY A 68 -7.13 15.06 8.07
C GLY A 68 -6.21 14.53 9.14
N PRO A 69 -6.25 15.16 10.32
CA PRO A 69 -5.41 14.76 11.46
C PRO A 69 -5.84 13.42 12.05
N SER A 70 -5.04 12.91 12.98
CA SER A 70 -5.33 11.63 13.62
C SER A 70 -4.37 11.37 14.78
N SER A 71 -4.75 10.43 15.65
CA SER A 71 -3.92 10.10 16.80
C SER A 71 -4.21 8.67 17.27
N GLY A 72 -3.26 8.08 17.99
CA GLY A 72 -3.43 6.73 18.49
C GLY A 72 -4.12 6.69 19.84
N GLY A 1 5.79 26.15 -4.71
CA GLY A 1 5.48 24.87 -5.30
C GLY A 1 4.78 25.00 -6.64
N SER A 2 5.39 24.46 -7.68
CA SER A 2 4.81 24.52 -9.02
C SER A 2 5.06 23.23 -9.79
N SER A 3 3.99 22.50 -10.07
CA SER A 3 4.09 21.23 -10.80
C SER A 3 5.06 20.29 -10.10
N GLY A 4 4.99 20.25 -8.78
CA GLY A 4 5.87 19.38 -8.01
C GLY A 4 5.45 19.26 -6.56
N SER A 5 4.17 18.94 -6.34
CA SER A 5 3.65 18.80 -4.99
C SER A 5 3.71 17.35 -4.53
N SER A 6 4.07 17.16 -3.26
CA SER A 6 4.18 15.81 -2.69
C SER A 6 3.14 15.61 -1.59
N GLY A 7 2.46 14.47 -1.64
CA GLY A 7 1.45 14.17 -0.64
C GLY A 7 1.96 13.24 0.43
N GLU A 8 1.07 12.41 0.98
CA GLU A 8 1.45 11.47 2.03
C GLU A 8 1.04 10.04 1.64
N PRO A 9 1.74 9.06 2.22
CA PRO A 9 1.47 7.64 1.96
C PRO A 9 0.15 7.18 2.56
N ILE A 10 -0.49 6.22 1.89
CA ILE A 10 -1.77 5.69 2.37
C ILE A 10 -1.58 4.36 3.09
N GLU A 11 -1.97 4.32 4.36
CA GLU A 11 -1.85 3.10 5.15
C GLU A 11 -2.99 2.14 4.86
N ALA A 12 -2.65 0.96 4.33
CA ALA A 12 -3.65 -0.04 4.00
C ALA A 12 -3.46 -1.30 4.86
N ILE A 13 -4.45 -2.18 4.82
CA ILE A 13 -4.40 -3.43 5.59
C ILE A 13 -4.51 -4.64 4.68
N ALA A 14 -3.74 -5.68 4.99
CA ALA A 14 -3.75 -6.91 4.20
C ALA A 14 -4.98 -7.75 4.53
N LYS A 15 -5.82 -7.99 3.53
CA LYS A 15 -7.02 -8.79 3.72
C LYS A 15 -6.67 -10.27 3.89
N PHE A 16 -5.72 -10.75 3.09
CA PHE A 16 -5.30 -12.13 3.16
C PHE A 16 -3.80 -12.25 2.95
N ASP A 17 -3.17 -13.19 3.66
CA ASP A 17 -1.74 -13.41 3.56
C ASP A 17 -1.33 -13.65 2.11
N TYR A 18 -0.66 -12.66 1.52
CA TYR A 18 -0.21 -12.76 0.14
C TYR A 18 1.31 -12.91 0.07
N VAL A 19 1.78 -13.51 -1.02
CA VAL A 19 3.20 -13.72 -1.21
C VAL A 19 3.64 -13.27 -2.60
N GLY A 20 4.56 -12.31 -2.64
CA GLY A 20 5.05 -11.81 -3.91
C GLY A 20 5.50 -12.92 -4.84
N ARG A 21 4.64 -13.27 -5.79
CA ARG A 21 4.95 -14.33 -6.75
C ARG A 21 6.30 -14.07 -7.42
N THR A 22 6.58 -12.81 -7.71
CA THR A 22 7.82 -12.43 -8.36
C THR A 22 8.55 -11.35 -7.55
N ALA A 23 9.77 -11.04 -7.97
CA ALA A 23 10.58 -10.04 -7.29
C ALA A 23 9.84 -8.70 -7.21
N ARG A 24 9.09 -8.38 -8.26
CA ARG A 24 8.34 -7.14 -8.31
C ARG A 24 7.28 -7.09 -7.20
N GLU A 25 6.49 -8.16 -7.11
CA GLU A 25 5.44 -8.25 -6.09
C GLU A 25 6.05 -8.36 -4.70
N LEU A 26 5.24 -8.04 -3.68
CA LEU A 26 5.69 -8.11 -2.31
C LEU A 26 4.96 -9.20 -1.54
N SER A 27 5.63 -9.78 -0.56
CA SER A 27 5.04 -10.85 0.25
C SER A 27 4.69 -10.34 1.64
N PHE A 28 3.40 -10.37 1.98
CA PHE A 28 2.93 -9.92 3.28
C PHE A 28 1.94 -10.91 3.88
N LYS A 29 1.66 -10.76 5.17
CA LYS A 29 0.73 -11.63 5.86
C LYS A 29 -0.52 -10.87 6.30
N LYS A 30 -1.67 -11.51 6.17
CA LYS A 30 -2.94 -10.89 6.56
C LYS A 30 -2.77 -10.08 7.84
N GLY A 31 -3.32 -8.86 7.84
CA GLY A 31 -3.22 -8.01 9.01
C GLY A 31 -2.00 -7.12 8.98
N ALA A 32 -0.93 -7.60 8.37
CA ALA A 32 0.31 -6.85 8.28
C ALA A 32 0.07 -5.47 7.67
N SER A 33 0.57 -4.44 8.34
CA SER A 33 0.40 -3.07 7.87
C SER A 33 1.24 -2.82 6.62
N LEU A 34 0.59 -2.34 5.56
CA LEU A 34 1.28 -2.05 4.30
C LEU A 34 1.13 -0.59 3.92
N LEU A 35 2.23 0.01 3.47
CA LEU A 35 2.23 1.42 3.07
C LEU A 35 2.06 1.55 1.55
N LEU A 36 1.27 2.54 1.13
CA LEU A 36 1.03 2.78 -0.29
C LEU A 36 1.52 4.16 -0.69
N TYR A 37 2.18 4.24 -1.84
CA TYR A 37 2.70 5.51 -2.34
C TYR A 37 1.90 5.97 -3.55
N GLN A 38 1.65 5.06 -4.48
CA GLN A 38 0.89 5.38 -5.68
C GLN A 38 0.32 4.12 -6.32
N ARG A 39 -0.87 4.25 -6.91
CA ARG A 39 -1.53 3.12 -7.55
C ARG A 39 -0.85 2.78 -8.88
N ALA A 40 0.00 1.75 -8.85
CA ALA A 40 0.71 1.33 -10.06
C ALA A 40 -0.27 0.96 -11.17
N SER A 41 -1.33 0.25 -10.81
CA SER A 41 -2.34 -0.16 -11.78
C SER A 41 -3.68 -0.40 -11.09
N ASP A 42 -4.75 -0.43 -11.90
CA ASP A 42 -6.09 -0.65 -11.37
C ASP A 42 -6.14 -1.92 -10.54
N ASP A 43 -5.17 -2.80 -10.74
CA ASP A 43 -5.11 -4.06 -10.00
C ASP A 43 -3.74 -4.23 -9.33
N TRP A 44 -3.07 -3.11 -9.09
CA TRP A 44 -1.76 -3.14 -8.45
C TRP A 44 -1.49 -1.83 -7.71
N TRP A 45 -0.49 -1.85 -6.85
CA TRP A 45 -0.12 -0.66 -6.08
C TRP A 45 1.40 -0.53 -5.97
N GLU A 46 1.86 0.66 -5.60
CA GLU A 46 3.28 0.92 -5.45
C GLU A 46 3.60 1.45 -4.06
N GLY A 47 4.08 0.56 -3.19
CA GLY A 47 4.42 0.95 -1.84
C GLY A 47 5.70 0.29 -1.34
N ARG A 48 5.75 0.03 -0.04
CA ARG A 48 6.92 -0.60 0.57
C ARG A 48 6.50 -1.60 1.64
N HIS A 49 7.33 -2.62 1.83
CA HIS A 49 7.05 -3.65 2.83
C HIS A 49 8.34 -4.19 3.44
N ASN A 50 8.37 -4.27 4.76
CA ASN A 50 9.55 -4.76 5.47
C ASN A 50 10.83 -4.30 4.78
N GLY A 51 10.82 -3.06 4.30
CA GLY A 51 12.00 -2.52 3.63
C GLY A 51 12.16 -3.07 2.22
N ILE A 52 11.04 -3.29 1.54
CA ILE A 52 11.07 -3.82 0.18
C ILE A 52 10.05 -3.12 -0.70
N ASP A 53 10.54 -2.45 -1.74
CA ASP A 53 9.66 -1.74 -2.67
C ASP A 53 9.24 -2.65 -3.82
N GLY A 54 7.94 -2.73 -4.06
CA GLY A 54 7.42 -3.56 -5.12
C GLY A 54 5.96 -3.28 -5.44
N LEU A 55 5.26 -4.28 -5.96
CA LEU A 55 3.86 -4.13 -6.30
C LEU A 55 2.97 -4.81 -5.26
N ILE A 56 1.82 -4.21 -4.99
CA ILE A 56 0.88 -4.76 -4.02
C ILE A 56 -0.51 -4.93 -4.63
N PRO A 57 -1.09 -6.13 -4.45
CA PRO A 57 -2.42 -6.45 -4.98
C PRO A 57 -3.52 -5.70 -4.25
N HIS A 58 -4.52 -5.25 -5.01
CA HIS A 58 -5.64 -4.51 -4.43
C HIS A 58 -6.75 -5.45 -4.00
N GLN A 59 -6.60 -6.73 -4.35
CA GLN A 59 -7.60 -7.74 -4.01
C GLN A 59 -7.27 -8.38 -2.66
N TYR A 60 -6.03 -8.24 -2.22
CA TYR A 60 -5.59 -8.80 -0.96
C TYR A 60 -5.33 -7.70 0.07
N ILE A 61 -5.77 -6.50 -0.24
CA ILE A 61 -5.59 -5.36 0.65
C ILE A 61 -6.75 -4.39 0.55
N VAL A 62 -6.99 -3.63 1.63
CA VAL A 62 -8.07 -2.66 1.66
C VAL A 62 -7.54 -1.24 1.88
N VAL A 63 -7.69 -0.40 0.87
CA VAL A 63 -7.22 0.98 0.95
C VAL A 63 -8.09 1.79 1.91
N GLN A 64 -7.53 2.11 3.08
CA GLN A 64 -8.26 2.88 4.08
C GLN A 64 -8.36 4.34 3.67
N ASP A 65 -9.38 4.65 2.87
CA ASP A 65 -9.60 6.02 2.40
C ASP A 65 -10.58 6.75 3.31
N THR A 66 -10.26 8.00 3.63
CA THR A 66 -11.11 8.81 4.49
C THR A 66 -10.65 10.26 4.52
N SER A 67 -11.60 11.18 4.55
CA SER A 67 -11.30 12.61 4.57
C SER A 67 -10.75 13.02 5.94
N GLY A 68 -9.63 13.73 5.93
CA GLY A 68 -9.03 14.18 7.17
C GLY A 68 -8.78 15.68 7.18
N PRO A 69 -8.91 16.29 8.38
CA PRO A 69 -8.70 17.73 8.55
C PRO A 69 -7.24 18.12 8.40
N SER A 70 -6.88 18.61 7.22
CA SER A 70 -5.51 19.02 6.94
C SER A 70 -5.39 20.55 6.91
N SER A 71 -4.55 21.08 7.79
CA SER A 71 -4.36 22.52 7.87
C SER A 71 -3.06 22.94 7.15
N GLY A 72 -3.21 23.59 6.01
CA GLY A 72 -2.05 24.02 5.25
C GLY A 72 -2.35 24.18 3.77
N GLY A 1 6.18 23.20 -0.01
CA GLY A 1 6.51 22.98 -1.41
C GLY A 1 7.38 21.76 -1.61
N SER A 2 6.79 20.57 -1.51
CA SER A 2 7.53 19.33 -1.67
C SER A 2 7.71 19.00 -3.15
N SER A 3 8.83 18.38 -3.48
CA SER A 3 9.13 18.01 -4.85
C SER A 3 9.54 16.54 -4.96
N GLY A 4 8.79 15.78 -5.77
CA GLY A 4 9.09 14.37 -5.93
C GLY A 4 7.91 13.49 -5.59
N SER A 5 7.91 12.94 -4.38
CA SER A 5 6.83 12.07 -3.93
C SER A 5 5.47 12.71 -4.20
N SER A 6 4.51 11.88 -4.60
CA SER A 6 3.16 12.37 -4.88
C SER A 6 2.26 12.26 -3.65
N GLY A 7 2.10 13.37 -2.94
CA GLY A 7 1.27 13.37 -1.75
C GLY A 7 1.76 12.40 -0.70
N GLU A 8 1.04 12.32 0.41
CA GLU A 8 1.40 11.42 1.50
C GLU A 8 0.97 9.98 1.19
N PRO A 9 1.66 9.01 1.79
CA PRO A 9 1.37 7.59 1.60
C PRO A 9 0.05 7.18 2.22
N ILE A 10 -0.55 6.11 1.70
CA ILE A 10 -1.82 5.62 2.21
C ILE A 10 -1.64 4.31 2.95
N GLU A 11 -2.02 4.29 4.23
CA GLU A 11 -1.89 3.09 5.05
C GLU A 11 -3.01 2.10 4.74
N ALA A 12 -2.62 0.91 4.29
CA ALA A 12 -3.59 -0.13 3.95
C ALA A 12 -3.36 -1.38 4.80
N ILE A 13 -4.35 -2.27 4.81
CA ILE A 13 -4.26 -3.50 5.58
C ILE A 13 -4.37 -4.72 4.67
N ALA A 14 -3.55 -5.73 4.94
CA ALA A 14 -3.56 -6.96 4.16
C ALA A 14 -4.85 -7.74 4.36
N LYS A 15 -5.57 -7.98 3.27
CA LYS A 15 -6.83 -8.72 3.33
C LYS A 15 -6.58 -10.20 3.55
N PHE A 16 -5.55 -10.73 2.90
CA PHE A 16 -5.20 -12.14 3.04
C PHE A 16 -3.71 -12.36 2.82
N ASP A 17 -3.16 -13.33 3.54
CA ASP A 17 -1.73 -13.64 3.43
C ASP A 17 -1.32 -13.82 1.98
N TYR A 18 -0.63 -12.83 1.43
CA TYR A 18 -0.18 -12.89 0.04
C TYR A 18 1.34 -13.03 -0.04
N VAL A 19 1.81 -13.65 -1.11
CA VAL A 19 3.24 -13.86 -1.32
C VAL A 19 3.68 -13.37 -2.70
N GLY A 20 4.58 -12.39 -2.71
CA GLY A 20 5.06 -11.85 -3.97
C GLY A 20 5.57 -12.94 -4.90
N ARG A 21 4.73 -13.32 -5.86
CA ARG A 21 5.11 -14.35 -6.83
C ARG A 21 6.45 -14.04 -7.48
N THR A 22 6.64 -12.77 -7.84
CA THR A 22 7.88 -12.33 -8.47
C THR A 22 8.58 -11.27 -7.64
N ALA A 23 9.78 -10.89 -8.06
CA ALA A 23 10.56 -9.88 -7.35
C ALA A 23 9.77 -8.59 -7.18
N ARG A 24 9.09 -8.18 -8.25
CA ARG A 24 8.29 -6.96 -8.23
C ARG A 24 7.26 -7.01 -7.11
N GLU A 25 6.48 -8.09 -7.07
CA GLU A 25 5.45 -8.25 -6.05
C GLU A 25 6.07 -8.35 -4.66
N LEU A 26 5.24 -8.18 -3.64
CA LEU A 26 5.71 -8.25 -2.25
C LEU A 26 4.96 -9.33 -1.48
N SER A 27 5.66 -9.96 -0.54
CA SER A 27 5.07 -11.02 0.26
C SER A 27 4.71 -10.50 1.66
N PHE A 28 3.43 -10.59 2.01
CA PHE A 28 2.97 -10.12 3.31
C PHE A 28 1.94 -11.09 3.89
N LYS A 29 1.55 -10.86 5.14
CA LYS A 29 0.59 -11.72 5.81
C LYS A 29 -0.66 -10.93 6.18
N LYS A 30 -1.81 -11.62 6.20
CA LYS A 30 -3.08 -10.97 6.54
C LYS A 30 -2.96 -10.17 7.83
N GLY A 31 -3.40 -8.93 7.78
CA GLY A 31 -3.34 -8.07 8.95
C GLY A 31 -2.12 -7.17 8.94
N ALA A 32 -1.01 -7.67 8.42
CA ALA A 32 0.22 -6.91 8.36
C ALA A 32 -0.01 -5.53 7.75
N SER A 33 0.60 -4.51 8.35
CA SER A 33 0.44 -3.14 7.87
C SER A 33 1.22 -2.93 6.58
N LEU A 34 0.58 -2.31 5.60
CA LEU A 34 1.21 -2.05 4.31
C LEU A 34 1.07 -0.58 3.92
N LEU A 35 2.16 0.03 3.49
CA LEU A 35 2.16 1.43 3.09
C LEU A 35 2.03 1.56 1.57
N LEU A 36 1.29 2.56 1.14
CA LEU A 36 1.07 2.80 -0.29
C LEU A 36 1.61 4.18 -0.70
N TYR A 37 2.26 4.24 -1.85
CA TYR A 37 2.82 5.48 -2.36
C TYR A 37 2.04 5.97 -3.58
N GLN A 38 1.81 5.06 -4.52
CA GLN A 38 1.09 5.40 -5.75
C GLN A 38 0.43 4.15 -6.34
N ARG A 39 -0.79 4.32 -6.82
CA ARG A 39 -1.54 3.21 -7.42
C ARG A 39 -0.95 2.84 -8.78
N ALA A 40 -0.09 1.83 -8.79
CA ALA A 40 0.54 1.37 -10.02
C ALA A 40 -0.50 1.07 -11.09
N SER A 41 -1.57 0.39 -10.70
CA SER A 41 -2.63 0.04 -11.63
C SER A 41 -3.93 -0.25 -10.88
N ASP A 42 -5.01 -0.46 -11.63
CA ASP A 42 -6.31 -0.75 -11.04
C ASP A 42 -6.25 -1.99 -10.17
N ASP A 43 -5.38 -2.92 -10.54
CA ASP A 43 -5.23 -4.17 -9.80
C ASP A 43 -3.81 -4.30 -9.26
N TRP A 44 -3.18 -3.17 -8.97
CA TRP A 44 -1.82 -3.16 -8.45
C TRP A 44 -1.53 -1.87 -7.70
N TRP A 45 -0.50 -1.88 -6.87
CA TRP A 45 -0.12 -0.70 -6.10
C TRP A 45 1.40 -0.57 -6.01
N GLU A 46 1.86 0.59 -5.56
CA GLU A 46 3.29 0.83 -5.43
C GLU A 46 3.62 1.39 -4.04
N GLY A 47 4.05 0.50 -3.15
CA GLY A 47 4.40 0.91 -1.80
C GLY A 47 5.64 0.22 -1.29
N ARG A 48 5.68 -0.03 0.02
CA ARG A 48 6.83 -0.69 0.64
C ARG A 48 6.38 -1.68 1.71
N HIS A 49 7.12 -2.77 1.85
CA HIS A 49 6.81 -3.80 2.82
C HIS A 49 8.06 -4.28 3.54
N ASN A 50 8.10 -4.10 4.85
CA ASN A 50 9.24 -4.51 5.65
C ASN A 50 10.55 -4.07 5.00
N GLY A 51 10.56 -2.85 4.47
CA GLY A 51 11.75 -2.33 3.82
C GLY A 51 11.96 -2.91 2.44
N ILE A 52 10.86 -3.14 1.72
CA ILE A 52 10.93 -3.70 0.38
C ILE A 52 9.96 -3.01 -0.56
N ASP A 53 10.49 -2.38 -1.61
CA ASP A 53 9.66 -1.68 -2.58
C ASP A 53 9.25 -2.61 -3.72
N GLY A 54 7.95 -2.68 -3.98
CA GLY A 54 7.45 -3.53 -5.04
C GLY A 54 6.00 -3.25 -5.38
N LEU A 55 5.28 -4.29 -5.77
CA LEU A 55 3.87 -4.15 -6.13
C LEU A 55 2.96 -4.78 -5.07
N ILE A 56 1.76 -4.25 -4.94
CA ILE A 56 0.80 -4.77 -3.98
C ILE A 56 -0.59 -4.92 -4.59
N PRO A 57 -1.16 -6.13 -4.47
CA PRO A 57 -2.49 -6.43 -5.01
C PRO A 57 -3.60 -5.71 -4.25
N HIS A 58 -4.54 -5.15 -4.99
CA HIS A 58 -5.66 -4.43 -4.39
C HIS A 58 -6.72 -5.40 -3.90
N GLN A 59 -6.56 -6.68 -4.25
CA GLN A 59 -7.52 -7.71 -3.84
C GLN A 59 -7.17 -8.26 -2.46
N TYR A 60 -5.87 -8.26 -2.14
CA TYR A 60 -5.41 -8.76 -0.86
C TYR A 60 -5.01 -7.60 0.06
N ILE A 61 -5.69 -6.47 -0.10
CA ILE A 61 -5.41 -5.29 0.72
C ILE A 61 -6.59 -4.33 0.71
N VAL A 62 -6.71 -3.54 1.77
CA VAL A 62 -7.80 -2.58 1.90
C VAL A 62 -7.26 -1.15 1.98
N VAL A 63 -7.37 -0.41 0.88
CA VAL A 63 -6.90 0.97 0.83
C VAL A 63 -7.77 1.87 1.69
N GLN A 64 -7.24 2.25 2.86
CA GLN A 64 -7.97 3.12 3.77
C GLN A 64 -8.08 4.54 3.21
N ASP A 65 -9.31 5.04 3.14
CA ASP A 65 -9.56 6.38 2.63
C ASP A 65 -10.20 7.27 3.68
N THR A 66 -10.03 8.58 3.55
CA THR A 66 -10.59 9.53 4.49
C THR A 66 -11.36 10.64 3.77
N SER A 67 -12.55 10.93 4.27
CA SER A 67 -13.40 11.96 3.67
C SER A 67 -13.78 13.02 4.71
N GLY A 68 -13.87 14.27 4.27
CA GLY A 68 -14.22 15.35 5.16
C GLY A 68 -14.99 16.46 4.47
N PRO A 69 -15.50 17.41 5.26
CA PRO A 69 -16.28 18.54 4.73
C PRO A 69 -15.41 19.52 3.95
N SER A 70 -14.13 19.19 3.82
CA SER A 70 -13.19 20.04 3.09
C SER A 70 -13.86 20.66 1.87
N SER A 71 -13.75 21.98 1.76
CA SER A 71 -14.35 22.71 0.64
C SER A 71 -14.24 21.89 -0.65
N GLY A 72 -15.38 21.69 -1.32
CA GLY A 72 -15.38 20.93 -2.55
C GLY A 72 -16.76 20.86 -3.18
N GLY A 1 12.70 13.11 -7.92
CA GLY A 1 11.82 14.04 -8.59
C GLY A 1 11.50 15.25 -7.72
N SER A 2 12.22 16.34 -7.93
CA SER A 2 12.01 17.56 -7.17
C SER A 2 10.77 18.30 -7.66
N SER A 3 10.72 18.55 -8.96
CA SER A 3 9.58 19.25 -9.55
C SER A 3 8.26 18.67 -9.07
N GLY A 4 7.53 19.47 -8.29
CA GLY A 4 6.25 19.02 -7.77
C GLY A 4 6.39 18.23 -6.48
N SER A 5 5.35 17.51 -6.11
CA SER A 5 5.36 16.71 -4.89
C SER A 5 4.27 15.65 -4.92
N SER A 6 4.42 14.61 -4.09
CA SER A 6 3.45 13.53 -4.04
C SER A 6 2.60 13.64 -2.77
N GLY A 7 1.52 12.86 -2.72
CA GLY A 7 0.64 12.87 -1.57
C GLY A 7 1.03 11.83 -0.54
N GLU A 8 0.95 12.21 0.74
CA GLU A 8 1.30 11.31 1.83
C GLU A 8 0.88 9.89 1.50
N PRO A 9 1.60 8.91 2.08
CA PRO A 9 1.31 7.48 1.86
C PRO A 9 0.01 7.05 2.52
N ILE A 10 -0.60 6.00 1.96
CA ILE A 10 -1.85 5.48 2.50
C ILE A 10 -1.64 4.16 3.23
N GLU A 11 -1.96 4.14 4.52
CA GLU A 11 -1.80 2.95 5.33
C GLU A 11 -2.92 1.95 5.04
N ALA A 12 -2.58 0.87 4.33
CA ALA A 12 -3.55 -0.16 4.00
C ALA A 12 -3.35 -1.40 4.86
N ILE A 13 -4.34 -2.30 4.83
CA ILE A 13 -4.27 -3.53 5.61
C ILE A 13 -4.42 -4.76 4.71
N ALA A 14 -3.65 -5.79 5.01
CA ALA A 14 -3.70 -7.03 4.24
C ALA A 14 -4.93 -7.85 4.59
N LYS A 15 -5.80 -8.06 3.61
CA LYS A 15 -7.02 -8.83 3.82
C LYS A 15 -6.71 -10.31 3.94
N PHE A 16 -5.77 -10.78 3.13
CA PHE A 16 -5.38 -12.19 3.13
C PHE A 16 -3.89 -12.34 2.84
N ASP A 17 -3.24 -13.23 3.59
CA ASP A 17 -1.81 -13.46 3.43
C ASP A 17 -1.45 -13.59 1.95
N TYR A 18 -0.69 -12.62 1.44
CA TYR A 18 -0.29 -12.63 0.04
C TYR A 18 1.23 -12.78 -0.08
N VAL A 19 1.66 -13.52 -1.10
CA VAL A 19 3.08 -13.74 -1.34
C VAL A 19 3.48 -13.33 -2.75
N GLY A 20 4.47 -12.46 -2.84
CA GLY A 20 4.94 -12.00 -4.13
C GLY A 20 5.59 -13.10 -4.94
N ARG A 21 4.87 -13.62 -5.94
CA ARG A 21 5.39 -14.68 -6.78
C ARG A 21 6.69 -14.26 -7.45
N THR A 22 6.77 -12.98 -7.83
CA THR A 22 7.96 -12.45 -8.48
C THR A 22 8.69 -11.46 -7.58
N ALA A 23 9.86 -11.02 -8.01
CA ALA A 23 10.65 -10.06 -7.25
C ALA A 23 9.89 -8.75 -7.05
N ARG A 24 9.27 -8.28 -8.13
CA ARG A 24 8.51 -7.03 -8.08
C ARG A 24 7.41 -7.10 -7.02
N GLU A 25 6.62 -8.17 -7.06
CA GLU A 25 5.55 -8.36 -6.10
C GLU A 25 6.09 -8.51 -4.68
N LEU A 26 5.41 -7.88 -3.73
CA LEU A 26 5.82 -7.94 -2.34
C LEU A 26 5.15 -9.10 -1.61
N SER A 27 5.67 -9.46 -0.45
CA SER A 27 5.11 -10.56 0.34
C SER A 27 4.68 -10.07 1.73
N PHE A 28 3.44 -10.33 2.07
CA PHE A 28 2.90 -9.93 3.37
C PHE A 28 1.88 -10.94 3.88
N LYS A 29 1.60 -10.88 5.18
CA LYS A 29 0.65 -11.79 5.81
C LYS A 29 -0.62 -11.04 6.23
N LYS A 30 -1.74 -11.77 6.27
CA LYS A 30 -3.01 -11.17 6.65
C LYS A 30 -2.86 -10.32 7.92
N GLY A 31 -3.32 -9.07 7.85
CA GLY A 31 -3.22 -8.18 8.98
C GLY A 31 -1.98 -7.32 8.94
N ALA A 32 -0.92 -7.84 8.32
CA ALA A 32 0.33 -7.10 8.22
C ALA A 32 0.11 -5.70 7.65
N SER A 33 0.71 -4.71 8.29
CA SER A 33 0.57 -3.32 7.86
C SER A 33 1.35 -3.07 6.58
N LEU A 34 0.69 -2.49 5.59
CA LEU A 34 1.32 -2.19 4.32
C LEU A 34 1.17 -0.71 3.96
N LEU A 35 2.24 -0.10 3.49
CA LEU A 35 2.23 1.32 3.12
C LEU A 35 2.04 1.46 1.61
N LEU A 36 1.25 2.46 1.22
CA LEU A 36 0.99 2.72 -0.19
C LEU A 36 1.48 4.10 -0.59
N TYR A 37 2.13 4.18 -1.75
CA TYR A 37 2.66 5.45 -2.24
C TYR A 37 1.85 5.95 -3.43
N GLN A 38 1.57 5.03 -4.37
CA GLN A 38 0.80 5.38 -5.57
C GLN A 38 0.12 4.14 -6.14
N ARG A 39 -0.80 4.38 -7.08
CA ARG A 39 -1.53 3.28 -7.71
C ARG A 39 -0.86 2.87 -9.03
N ALA A 40 -0.11 1.78 -8.98
CA ALA A 40 0.58 1.28 -10.17
C ALA A 40 -0.41 0.86 -11.25
N SER A 41 -1.50 0.23 -10.82
CA SER A 41 -2.53 -0.23 -11.75
C SER A 41 -3.85 -0.48 -11.03
N ASP A 42 -4.93 -0.51 -11.79
CA ASP A 42 -6.26 -0.75 -11.22
C ASP A 42 -6.25 -1.98 -10.32
N ASP A 43 -5.42 -2.96 -10.68
CA ASP A 43 -5.31 -4.19 -9.90
C ASP A 43 -3.93 -4.33 -9.28
N TRP A 44 -3.31 -3.20 -8.98
CA TRP A 44 -1.98 -3.19 -8.38
C TRP A 44 -1.70 -1.87 -7.68
N TRP A 45 -0.64 -1.84 -6.88
CA TRP A 45 -0.27 -0.64 -6.14
C TRP A 45 1.25 -0.52 -6.04
N GLU A 46 1.72 0.65 -5.60
CA GLU A 46 3.14 0.90 -5.45
C GLU A 46 3.46 1.43 -4.05
N GLY A 47 3.96 0.54 -3.19
CA GLY A 47 4.29 0.93 -1.84
C GLY A 47 5.56 0.26 -1.34
N ARG A 48 5.62 -0.03 -0.05
CA ARG A 48 6.79 -0.66 0.55
C ARG A 48 6.37 -1.59 1.69
N HIS A 49 7.10 -2.70 1.83
CA HIS A 49 6.81 -3.67 2.88
C HIS A 49 8.09 -4.11 3.58
N ASN A 50 8.15 -3.90 4.89
CA ASN A 50 9.33 -4.27 5.68
C ASN A 50 10.61 -3.84 4.98
N GLY A 51 10.58 -2.65 4.37
CA GLY A 51 11.74 -2.14 3.68
C GLY A 51 11.90 -2.73 2.29
N ILE A 52 10.79 -3.14 1.70
CA ILE A 52 10.81 -3.74 0.37
C ILE A 52 9.88 -2.99 -0.58
N ASP A 53 10.45 -2.39 -1.61
CA ASP A 53 9.67 -1.64 -2.59
C ASP A 53 9.24 -2.54 -3.75
N GLY A 54 7.95 -2.54 -4.05
CA GLY A 54 7.44 -3.37 -5.12
C GLY A 54 5.97 -3.10 -5.41
N LEU A 55 5.29 -4.10 -5.95
CA LEU A 55 3.87 -3.98 -6.27
C LEU A 55 3.00 -4.58 -5.17
N ILE A 56 1.75 -4.15 -5.11
CA ILE A 56 0.82 -4.64 -4.11
C ILE A 56 -0.57 -4.88 -4.70
N PRO A 57 -1.12 -6.07 -4.46
CA PRO A 57 -2.44 -6.45 -4.97
C PRO A 57 -3.56 -5.68 -4.27
N HIS A 58 -4.54 -5.24 -5.05
CA HIS A 58 -5.68 -4.50 -4.52
C HIS A 58 -6.78 -5.44 -4.05
N GLN A 59 -6.61 -6.73 -4.35
CA GLN A 59 -7.59 -7.73 -3.95
C GLN A 59 -7.24 -8.37 -2.62
N TYR A 60 -5.98 -8.21 -2.21
CA TYR A 60 -5.50 -8.76 -0.96
C TYR A 60 -5.16 -7.65 0.04
N ILE A 61 -5.76 -6.48 -0.17
CA ILE A 61 -5.53 -5.34 0.70
C ILE A 61 -6.68 -4.34 0.63
N VAL A 62 -6.80 -3.51 1.66
CA VAL A 62 -7.86 -2.51 1.70
C VAL A 62 -7.27 -1.11 1.85
N VAL A 63 -7.35 -0.32 0.77
CA VAL A 63 -6.84 1.04 0.77
C VAL A 63 -7.75 1.96 1.56
N GLN A 64 -7.27 2.41 2.73
CA GLN A 64 -8.04 3.30 3.58
C GLN A 64 -7.89 4.75 3.13
N ASP A 65 -9.00 5.36 2.71
CA ASP A 65 -8.98 6.74 2.26
C ASP A 65 -8.68 7.69 3.42
N THR A 66 -8.29 8.92 3.09
CA THR A 66 -7.97 9.92 4.10
C THR A 66 -9.21 10.68 4.53
N SER A 67 -9.56 10.58 5.81
CA SER A 67 -10.73 11.26 6.35
C SER A 67 -10.54 11.58 7.82
N GLY A 68 -11.19 12.65 8.28
CA GLY A 68 -11.08 13.05 9.66
C GLY A 68 -11.65 12.03 10.62
N PRO A 69 -11.35 12.19 11.91
CA PRO A 69 -11.84 11.27 12.95
C PRO A 69 -13.34 11.39 13.18
N SER A 70 -13.87 10.49 14.00
CA SER A 70 -15.31 10.48 14.30
C SER A 70 -15.55 10.48 15.80
N SER A 71 -14.76 11.27 16.52
CA SER A 71 -14.89 11.37 17.97
C SER A 71 -16.35 11.31 18.39
N GLY A 72 -16.65 10.50 19.40
CA GLY A 72 -18.01 10.38 19.89
C GLY A 72 -18.09 10.31 21.40
N GLY A 1 16.46 13.17 4.39
CA GLY A 1 16.61 14.29 3.47
C GLY A 1 15.90 14.06 2.15
N SER A 2 14.67 14.56 2.05
CA SER A 2 13.88 14.40 0.83
C SER A 2 13.44 15.75 0.30
N SER A 3 13.45 15.88 -1.02
CA SER A 3 13.05 17.13 -1.67
C SER A 3 12.48 16.86 -3.06
N GLY A 4 11.47 17.64 -3.43
CA GLY A 4 10.85 17.48 -4.73
C GLY A 4 9.85 16.34 -4.76
N SER A 5 8.86 16.40 -3.87
CA SER A 5 7.84 15.37 -3.78
C SER A 5 6.61 15.88 -3.05
N SER A 6 5.44 15.49 -3.54
CA SER A 6 4.17 15.91 -2.93
C SER A 6 3.24 14.72 -2.75
N GLY A 7 2.37 14.81 -1.74
CA GLY A 7 1.43 13.74 -1.47
C GLY A 7 1.91 12.81 -0.38
N GLU A 8 0.97 12.35 0.45
CA GLU A 8 1.31 11.45 1.55
C GLU A 8 0.89 10.02 1.23
N PRO A 9 1.59 9.04 1.84
CA PRO A 9 1.30 7.62 1.63
C PRO A 9 -0.02 7.20 2.26
N ILE A 10 -0.62 6.16 1.71
CA ILE A 10 -1.89 5.65 2.21
C ILE A 10 -1.70 4.34 2.96
N GLU A 11 -2.06 4.33 4.24
CA GLU A 11 -1.93 3.14 5.07
C GLU A 11 -3.04 2.14 4.78
N ALA A 12 -2.66 0.93 4.38
CA ALA A 12 -3.63 -0.11 4.07
C ALA A 12 -3.40 -1.34 4.93
N ILE A 13 -4.31 -2.31 4.82
CA ILE A 13 -4.20 -3.55 5.58
C ILE A 13 -4.36 -4.77 4.69
N ALA A 14 -3.53 -5.78 4.94
CA ALA A 14 -3.58 -7.01 4.16
C ALA A 14 -4.90 -7.74 4.35
N LYS A 15 -5.61 -7.98 3.25
CA LYS A 15 -6.89 -8.68 3.30
C LYS A 15 -6.69 -10.17 3.49
N PHE A 16 -5.66 -10.72 2.85
CA PHE A 16 -5.37 -12.15 2.96
C PHE A 16 -3.87 -12.40 2.78
N ASP A 17 -3.38 -13.46 3.43
CA ASP A 17 -1.97 -13.81 3.34
C ASP A 17 -1.53 -13.97 1.89
N TYR A 18 -0.79 -12.97 1.39
CA TYR A 18 -0.32 -13.01 0.01
C TYR A 18 1.19 -13.20 -0.04
N VAL A 19 1.68 -13.73 -1.16
CA VAL A 19 3.10 -13.97 -1.33
C VAL A 19 3.57 -13.51 -2.72
N GLY A 20 4.45 -12.52 -2.74
CA GLY A 20 4.96 -12.00 -3.99
C GLY A 20 5.53 -13.09 -4.88
N ARG A 21 4.76 -13.51 -5.87
CA ARG A 21 5.19 -14.56 -6.79
C ARG A 21 6.54 -14.22 -7.41
N THR A 22 6.73 -12.93 -7.72
CA THR A 22 7.98 -12.47 -8.32
C THR A 22 8.66 -11.43 -7.44
N ALA A 23 9.91 -11.09 -7.78
CA ALA A 23 10.66 -10.11 -7.02
C ALA A 23 9.90 -8.79 -6.92
N ARG A 24 9.30 -8.38 -8.03
CA ARG A 24 8.55 -7.13 -8.08
C ARG A 24 7.45 -7.12 -7.01
N GLU A 25 6.67 -8.19 -6.96
CA GLU A 25 5.59 -8.30 -5.98
C GLU A 25 6.15 -8.40 -4.57
N LEU A 26 5.28 -8.22 -3.58
CA LEU A 26 5.68 -8.28 -2.18
C LEU A 26 4.89 -9.34 -1.43
N SER A 27 5.57 -10.09 -0.58
CA SER A 27 4.93 -11.15 0.21
C SER A 27 4.60 -10.66 1.61
N PHE A 28 3.32 -10.72 1.97
CA PHE A 28 2.87 -10.28 3.29
C PHE A 28 1.86 -11.28 3.87
N LYS A 29 1.49 -11.05 5.13
CA LYS A 29 0.53 -11.92 5.81
C LYS A 29 -0.70 -11.13 6.25
N LYS A 30 -1.86 -11.73 6.07
CA LYS A 30 -3.12 -11.10 6.46
C LYS A 30 -2.95 -10.27 7.74
N GLY A 31 -3.47 -9.06 7.73
CA GLY A 31 -3.37 -8.20 8.89
C GLY A 31 -2.16 -7.29 8.83
N ALA A 32 -1.06 -7.80 8.31
CA ALA A 32 0.18 -7.03 8.19
C ALA A 32 -0.10 -5.68 7.53
N SER A 33 0.27 -4.60 8.21
CA SER A 33 0.06 -3.26 7.69
C SER A 33 1.01 -2.98 6.53
N LEU A 34 0.48 -2.35 5.48
CA LEU A 34 1.28 -2.03 4.30
C LEU A 34 1.11 -0.57 3.92
N LEU A 35 2.19 0.05 3.47
CA LEU A 35 2.17 1.45 3.06
C LEU A 35 2.01 1.58 1.55
N LEU A 36 1.21 2.55 1.13
CA LEU A 36 0.98 2.79 -0.30
C LEU A 36 1.45 4.19 -0.70
N TYR A 37 2.07 4.27 -1.88
CA TYR A 37 2.57 5.55 -2.37
C TYR A 37 1.79 5.99 -3.61
N GLN A 38 1.58 5.07 -4.54
CA GLN A 38 0.84 5.35 -5.76
C GLN A 38 0.23 4.09 -6.35
N ARG A 39 -0.90 4.24 -7.02
CA ARG A 39 -1.59 3.10 -7.63
C ARG A 39 -0.94 2.73 -8.96
N ALA A 40 -0.07 1.72 -8.92
CA ALA A 40 0.62 1.25 -10.12
C ALA A 40 -0.37 0.91 -11.21
N SER A 41 -1.50 0.31 -10.83
CA SER A 41 -2.53 -0.08 -11.78
C SER A 41 -3.86 -0.33 -11.08
N ASP A 42 -4.91 -0.55 -11.86
CA ASP A 42 -6.24 -0.80 -11.32
C ASP A 42 -6.25 -2.08 -10.50
N ASP A 43 -5.21 -2.90 -10.67
CA ASP A 43 -5.11 -4.16 -9.93
C ASP A 43 -3.73 -4.30 -9.29
N TRP A 44 -3.08 -3.17 -9.05
CA TRP A 44 -1.75 -3.17 -8.44
C TRP A 44 -1.48 -1.84 -7.73
N TRP A 45 -0.51 -1.85 -6.83
CA TRP A 45 -0.15 -0.65 -6.09
C TRP A 45 1.36 -0.50 -5.97
N GLU A 46 1.83 0.69 -5.61
CA GLU A 46 3.25 0.94 -5.46
C GLU A 46 3.56 1.50 -4.07
N GLY A 47 4.05 0.62 -3.20
CA GLY A 47 4.38 1.03 -1.85
C GLY A 47 5.65 0.36 -1.33
N ARG A 48 5.73 0.18 -0.02
CA ARG A 48 6.90 -0.44 0.59
C ARG A 48 6.48 -1.40 1.71
N HIS A 49 7.13 -2.55 1.76
CA HIS A 49 6.83 -3.56 2.76
C HIS A 49 8.11 -4.06 3.44
N ASN A 50 8.24 -3.79 4.73
CA ASN A 50 9.41 -4.22 5.49
C ASN A 50 10.69 -3.73 4.82
N GLY A 51 10.67 -2.47 4.37
CA GLY A 51 11.84 -1.91 3.72
C GLY A 51 12.07 -2.48 2.33
N ILE A 52 10.97 -2.78 1.63
CA ILE A 52 11.07 -3.33 0.29
C ILE A 52 10.03 -2.71 -0.63
N ASP A 53 10.49 -2.02 -1.67
CA ASP A 53 9.59 -1.38 -2.62
C ASP A 53 9.19 -2.36 -3.73
N GLY A 54 7.88 -2.53 -3.92
CA GLY A 54 7.40 -3.43 -4.94
C GLY A 54 5.94 -3.19 -5.29
N LEU A 55 5.27 -4.21 -5.79
CA LEU A 55 3.86 -4.10 -6.16
C LEU A 55 2.97 -4.77 -5.12
N ILE A 56 1.76 -4.25 -4.97
CA ILE A 56 0.81 -4.80 -4.01
C ILE A 56 -0.57 -4.98 -4.64
N PRO A 57 -1.14 -6.18 -4.47
CA PRO A 57 -2.46 -6.52 -5.01
C PRO A 57 -3.58 -5.77 -4.29
N HIS A 58 -4.53 -5.25 -5.07
CA HIS A 58 -5.65 -4.51 -4.50
C HIS A 58 -6.75 -5.47 -4.04
N GLN A 59 -6.56 -6.76 -4.31
CA GLN A 59 -7.52 -7.77 -3.92
C GLN A 59 -7.18 -8.35 -2.55
N TYR A 60 -5.92 -8.24 -2.17
CA TYR A 60 -5.46 -8.76 -0.88
C TYR A 60 -5.05 -7.62 0.05
N ILE A 61 -5.72 -6.48 -0.10
CA ILE A 61 -5.44 -5.31 0.73
C ILE A 61 -6.60 -4.32 0.70
N VAL A 62 -6.71 -3.52 1.77
CA VAL A 62 -7.78 -2.54 1.87
C VAL A 62 -7.21 -1.14 2.08
N VAL A 63 -7.33 -0.30 1.04
CA VAL A 63 -6.84 1.06 1.11
C VAL A 63 -7.67 1.91 2.06
N GLN A 64 -7.06 2.35 3.15
CA GLN A 64 -7.75 3.16 4.14
C GLN A 64 -7.55 4.65 3.87
N ASP A 65 -8.64 5.41 3.87
CA ASP A 65 -8.58 6.84 3.61
C ASP A 65 -9.75 7.56 4.28
N THR A 66 -9.44 8.67 4.95
CA THR A 66 -10.46 9.45 5.63
C THR A 66 -11.57 8.55 6.18
N SER A 67 -11.17 7.50 6.89
CA SER A 67 -12.12 6.57 7.47
C SER A 67 -12.15 6.68 8.99
N GLY A 68 -13.35 6.79 9.55
CA GLY A 68 -13.49 6.91 10.99
C GLY A 68 -13.33 8.34 11.47
N PRO A 69 -14.10 8.72 12.51
CA PRO A 69 -14.05 10.07 13.07
C PRO A 69 -12.75 10.34 13.82
N SER A 70 -12.48 11.61 14.10
CA SER A 70 -11.26 12.00 14.80
C SER A 70 -11.24 11.41 16.21
N SER A 71 -10.14 10.77 16.56
CA SER A 71 -9.99 10.16 17.87
C SER A 71 -8.82 10.78 18.64
N GLY A 72 -9.07 11.15 19.89
CA GLY A 72 -8.04 11.75 20.70
C GLY A 72 -7.56 10.83 21.81
N GLY A 1 -1.63 26.67 -5.35
CA GLY A 1 -1.14 25.48 -4.69
C GLY A 1 0.31 25.59 -4.29
N SER A 2 1.03 24.46 -4.32
CA SER A 2 2.43 24.45 -3.95
C SER A 2 2.61 24.75 -2.47
N SER A 3 1.77 24.14 -1.64
CA SER A 3 1.83 24.36 -0.19
C SER A 3 3.11 23.76 0.39
N GLY A 4 3.27 22.44 0.23
CA GLY A 4 4.45 21.78 0.74
C GLY A 4 4.46 20.30 0.43
N SER A 5 3.46 19.58 0.93
CA SER A 5 3.36 18.14 0.70
C SER A 5 2.71 17.85 -0.66
N SER A 6 3.24 16.85 -1.35
CA SER A 6 2.74 16.48 -2.66
C SER A 6 1.61 15.44 -2.53
N GLY A 7 1.91 14.36 -1.82
CA GLY A 7 0.92 13.32 -1.62
C GLY A 7 1.36 12.28 -0.60
N GLU A 8 1.04 12.54 0.66
CA GLU A 8 1.41 11.63 1.74
C GLU A 8 0.97 10.20 1.42
N PRO A 9 1.70 9.22 1.97
CA PRO A 9 1.41 7.80 1.76
C PRO A 9 0.11 7.37 2.45
N ILE A 10 -0.47 6.28 1.95
CA ILE A 10 -1.71 5.76 2.52
C ILE A 10 -1.47 4.44 3.24
N GLU A 11 -1.80 4.41 4.53
CA GLU A 11 -1.62 3.21 5.34
C GLU A 11 -2.71 2.19 5.05
N ALA A 12 -2.32 1.05 4.47
CA ALA A 12 -3.27 0.00 4.14
C ALA A 12 -3.06 -1.22 5.03
N ILE A 13 -3.92 -2.22 4.87
CA ILE A 13 -3.84 -3.44 5.66
C ILE A 13 -4.08 -4.67 4.80
N ALA A 14 -3.23 -5.68 4.96
CA ALA A 14 -3.37 -6.92 4.19
C ALA A 14 -4.75 -7.52 4.38
N LYS A 15 -5.43 -7.77 3.26
CA LYS A 15 -6.77 -8.35 3.30
C LYS A 15 -6.69 -9.86 3.42
N PHE A 16 -5.66 -10.46 2.82
CA PHE A 16 -5.48 -11.90 2.87
C PHE A 16 -4.02 -12.26 2.62
N ASP A 17 -3.55 -13.30 3.31
CA ASP A 17 -2.17 -13.76 3.18
C ASP A 17 -1.76 -13.78 1.71
N TYR A 18 -0.90 -12.84 1.33
CA TYR A 18 -0.42 -12.74 -0.04
C TYR A 18 1.08 -13.02 -0.12
N VAL A 19 1.51 -13.57 -1.25
CA VAL A 19 2.92 -13.89 -1.46
C VAL A 19 3.40 -13.40 -2.82
N GLY A 20 4.26 -12.39 -2.81
CA GLY A 20 4.78 -11.85 -4.06
C GLY A 20 5.29 -12.94 -4.99
N ARG A 21 4.51 -13.27 -6.00
CA ARG A 21 4.89 -14.29 -6.97
C ARG A 21 6.25 -13.98 -7.58
N THR A 22 6.51 -12.70 -7.81
CA THR A 22 7.78 -12.27 -8.40
C THR A 22 8.44 -11.20 -7.54
N ALA A 23 9.76 -11.06 -7.68
CA ALA A 23 10.51 -10.08 -6.93
C ALA A 23 9.80 -8.73 -6.91
N ARG A 24 9.25 -8.34 -8.05
CA ARG A 24 8.53 -7.07 -8.17
C ARG A 24 7.47 -6.96 -7.07
N GLU A 25 6.67 -8.00 -6.91
CA GLU A 25 5.62 -8.01 -5.90
C GLU A 25 6.21 -8.17 -4.50
N LEU A 26 5.35 -8.05 -3.50
CA LEU A 26 5.78 -8.19 -2.11
C LEU A 26 4.89 -9.18 -1.36
N SER A 27 5.52 -10.05 -0.58
CA SER A 27 4.79 -11.05 0.20
C SER A 27 4.47 -10.53 1.59
N PHE A 28 3.20 -10.68 1.99
CA PHE A 28 2.76 -10.22 3.31
C PHE A 28 1.69 -11.15 3.86
N LYS A 29 1.40 -11.00 5.16
CA LYS A 29 0.41 -11.82 5.82
C LYS A 29 -0.79 -10.98 6.25
N LYS A 30 -1.99 -11.56 6.16
CA LYS A 30 -3.21 -10.87 6.55
C LYS A 30 -2.99 -10.03 7.80
N GLY A 31 -3.40 -8.77 7.75
CA GLY A 31 -3.25 -7.89 8.90
C GLY A 31 -2.00 -7.04 8.80
N ALA A 32 -0.92 -7.62 8.29
CA ALA A 32 0.34 -6.90 8.15
C ALA A 32 0.10 -5.46 7.69
N SER A 33 0.94 -4.55 8.17
CA SER A 33 0.82 -3.14 7.80
C SER A 33 1.62 -2.83 6.55
N LEU A 34 0.96 -2.27 5.54
CA LEU A 34 1.62 -1.91 4.29
C LEU A 34 1.40 -0.45 3.95
N LEU A 35 2.46 0.21 3.51
CA LEU A 35 2.39 1.63 3.14
C LEU A 35 2.23 1.79 1.64
N LEU A 36 1.19 2.51 1.24
CA LEU A 36 0.92 2.76 -0.18
C LEU A 36 1.46 4.12 -0.61
N TYR A 37 2.30 4.12 -1.63
CA TYR A 37 2.88 5.36 -2.15
C TYR A 37 2.03 5.92 -3.29
N GLN A 38 1.69 5.05 -4.24
CA GLN A 38 0.88 5.47 -5.39
C GLN A 38 0.40 4.26 -6.18
N ARG A 39 -0.77 4.39 -6.79
CA ARG A 39 -1.34 3.31 -7.59
C ARG A 39 -0.63 3.18 -8.93
N ALA A 40 -0.40 1.95 -9.37
CA ALA A 40 0.26 1.70 -10.64
C ALA A 40 -0.71 1.11 -11.67
N SER A 41 -1.67 0.34 -11.17
CA SER A 41 -2.67 -0.28 -12.04
C SER A 41 -3.96 -0.54 -11.29
N ASP A 42 -5.06 -0.68 -12.03
CA ASP A 42 -6.36 -0.93 -11.43
C ASP A 42 -6.36 -2.22 -10.64
N ASP A 43 -5.29 -3.00 -10.78
CA ASP A 43 -5.16 -4.26 -10.07
C ASP A 43 -3.77 -4.42 -9.46
N TRP A 44 -3.16 -3.28 -9.12
CA TRP A 44 -1.83 -3.29 -8.52
C TRP A 44 -1.57 -2.00 -7.76
N TRP A 45 -0.57 -2.02 -6.89
CA TRP A 45 -0.22 -0.84 -6.10
C TRP A 45 1.29 -0.70 -5.97
N GLU A 46 1.74 0.48 -5.54
CA GLU A 46 3.17 0.74 -5.38
C GLU A 46 3.47 1.25 -3.97
N GLY A 47 4.00 0.37 -3.14
CA GLY A 47 4.34 0.75 -1.78
C GLY A 47 5.59 0.08 -1.27
N ARG A 48 5.72 -0.02 0.05
CA ARG A 48 6.89 -0.65 0.66
C ARG A 48 6.47 -1.61 1.77
N HIS A 49 7.22 -2.70 1.90
CA HIS A 49 6.93 -3.70 2.93
C HIS A 49 8.21 -4.21 3.58
N ASN A 50 8.32 -4.03 4.89
CA ASN A 50 9.49 -4.46 5.63
C ASN A 50 10.76 -3.93 4.99
N GLY A 51 10.69 -2.74 4.41
CA GLY A 51 11.83 -2.13 3.76
C GLY A 51 12.06 -2.67 2.36
N ILE A 52 10.99 -3.15 1.73
CA ILE A 52 11.08 -3.69 0.39
C ILE A 52 10.08 -3.01 -0.55
N ASP A 53 10.60 -2.38 -1.60
CA ASP A 53 9.77 -1.68 -2.57
C ASP A 53 9.34 -2.62 -3.70
N GLY A 54 8.05 -2.64 -3.98
CA GLY A 54 7.53 -3.51 -5.03
C GLY A 54 6.08 -3.22 -5.35
N LEU A 55 5.35 -4.24 -5.79
CA LEU A 55 3.95 -4.10 -6.15
C LEU A 55 3.06 -4.75 -5.10
N ILE A 56 1.82 -4.28 -4.99
CA ILE A 56 0.87 -4.83 -4.04
C ILE A 56 -0.50 -5.02 -4.67
N PRO A 57 -1.07 -6.22 -4.51
CA PRO A 57 -2.38 -6.56 -5.07
C PRO A 57 -3.51 -5.83 -4.35
N HIS A 58 -4.53 -5.41 -5.11
CA HIS A 58 -5.66 -4.71 -4.54
C HIS A 58 -6.72 -5.69 -4.05
N GLN A 59 -6.45 -6.99 -4.23
CA GLN A 59 -7.40 -8.02 -3.82
C GLN A 59 -7.01 -8.58 -2.44
N TYR A 60 -5.75 -8.38 -2.06
CA TYR A 60 -5.26 -8.87 -0.78
C TYR A 60 -4.89 -7.70 0.14
N ILE A 61 -5.61 -6.59 0.00
CA ILE A 61 -5.36 -5.41 0.82
C ILE A 61 -6.57 -4.48 0.81
N VAL A 62 -6.68 -3.68 1.87
CA VAL A 62 -7.78 -2.73 1.99
C VAL A 62 -7.28 -1.30 2.13
N VAL A 63 -7.60 -0.46 1.16
CA VAL A 63 -7.17 0.94 1.17
C VAL A 63 -8.07 1.76 2.08
N GLN A 64 -7.49 2.28 3.16
CA GLN A 64 -8.24 3.10 4.11
C GLN A 64 -8.50 4.49 3.55
N ASP A 65 -9.59 4.63 2.80
CA ASP A 65 -9.95 5.90 2.20
C ASP A 65 -11.08 6.58 2.98
N THR A 66 -10.73 7.56 3.79
CA THR A 66 -11.70 8.28 4.59
C THR A 66 -11.62 9.78 4.35
N SER A 67 -12.63 10.33 3.67
CA SER A 67 -12.66 11.75 3.36
C SER A 67 -13.94 12.39 3.90
N GLY A 68 -13.80 13.17 4.96
CA GLY A 68 -14.95 13.83 5.56
C GLY A 68 -14.56 15.01 6.43
N PRO A 69 -14.54 14.80 7.75
CA PRO A 69 -14.18 15.84 8.71
C PRO A 69 -12.70 16.21 8.66
N SER A 70 -12.29 17.12 9.52
CA SER A 70 -10.90 17.56 9.56
C SER A 70 -10.23 17.12 10.86
N SER A 71 -8.91 17.18 10.90
CA SER A 71 -8.15 16.78 12.08
C SER A 71 -6.79 17.48 12.10
N GLY A 72 -6.35 17.85 13.31
CA GLY A 72 -5.08 18.52 13.45
C GLY A 72 -5.23 20.00 13.75
N GLY A 1 5.67 28.33 1.75
CA GLY A 1 6.50 27.69 0.75
C GLY A 1 5.89 26.42 0.20
N SER A 2 5.60 26.41 -1.09
CA SER A 2 5.00 25.25 -1.73
C SER A 2 5.98 24.60 -2.71
N SER A 3 6.56 23.48 -2.30
CA SER A 3 7.51 22.76 -3.13
C SER A 3 6.88 22.37 -4.47
N GLY A 4 5.65 21.88 -4.41
CA GLY A 4 4.96 21.48 -5.62
C GLY A 4 3.62 20.81 -5.34
N SER A 5 3.65 19.51 -5.08
CA SER A 5 2.44 18.76 -4.79
C SER A 5 2.63 17.87 -3.55
N SER A 6 1.51 17.46 -2.97
CA SER A 6 1.55 16.61 -1.77
C SER A 6 0.75 15.34 -1.99
N GLY A 7 1.40 14.19 -1.77
CA GLY A 7 0.73 12.92 -1.95
C GLY A 7 1.10 11.91 -0.87
N GLU A 8 0.91 12.30 0.39
CA GLU A 8 1.23 11.43 1.51
C GLU A 8 0.85 9.99 1.21
N PRO A 9 1.56 9.04 1.84
CA PRO A 9 1.31 7.61 1.65
C PRO A 9 0.00 7.16 2.27
N ILE A 10 -0.61 6.13 1.70
CA ILE A 10 -1.87 5.60 2.19
C ILE A 10 -1.67 4.30 2.96
N GLU A 11 -1.99 4.32 4.25
CA GLU A 11 -1.84 3.14 5.08
C GLU A 11 -2.97 2.14 4.82
N ALA A 12 -2.60 0.98 4.29
CA ALA A 12 -3.58 -0.06 3.98
C ALA A 12 -3.32 -1.31 4.82
N ILE A 13 -4.24 -2.27 4.75
CA ILE A 13 -4.10 -3.52 5.50
C ILE A 13 -4.25 -4.72 4.58
N ALA A 14 -3.57 -5.81 4.92
CA ALA A 14 -3.64 -7.03 4.12
C ALA A 14 -4.89 -7.82 4.44
N LYS A 15 -5.70 -8.08 3.41
CA LYS A 15 -6.94 -8.82 3.57
C LYS A 15 -6.67 -10.31 3.73
N PHE A 16 -5.63 -10.80 3.06
CA PHE A 16 -5.26 -12.20 3.13
C PHE A 16 -3.76 -12.38 2.89
N ASP A 17 -3.16 -13.31 3.63
CA ASP A 17 -1.73 -13.58 3.50
C ASP A 17 -1.34 -13.77 2.04
N TYR A 18 -0.60 -12.81 1.50
CA TYR A 18 -0.16 -12.87 0.11
C TYR A 18 1.37 -12.95 0.02
N VAL A 19 1.85 -13.70 -0.97
CA VAL A 19 3.29 -13.86 -1.17
C VAL A 19 3.70 -13.46 -2.59
N GLY A 20 4.50 -12.40 -2.69
CA GLY A 20 4.94 -11.94 -3.99
C GLY A 20 5.48 -13.07 -4.86
N ARG A 21 4.78 -13.36 -5.94
CA ARG A 21 5.19 -14.43 -6.85
C ARG A 21 6.50 -14.08 -7.55
N THR A 22 6.71 -12.78 -7.79
CA THR A 22 7.92 -12.31 -8.45
C THR A 22 8.61 -11.24 -7.62
N ALA A 23 9.83 -10.88 -8.02
CA ALA A 23 10.61 -9.87 -7.32
C ALA A 23 9.83 -8.57 -7.21
N ARG A 24 9.16 -8.19 -8.29
CA ARG A 24 8.38 -6.96 -8.32
C ARG A 24 7.35 -6.94 -7.19
N GLU A 25 6.56 -8.00 -7.10
CA GLU A 25 5.54 -8.10 -6.06
C GLU A 25 6.17 -8.19 -4.68
N LEU A 26 5.34 -8.12 -3.64
CA LEU A 26 5.82 -8.19 -2.27
C LEU A 26 5.10 -9.29 -1.50
N SER A 27 5.76 -9.80 -0.46
CA SER A 27 5.18 -10.86 0.36
C SER A 27 4.76 -10.32 1.73
N PHE A 28 3.47 -10.43 2.03
CA PHE A 28 2.94 -9.96 3.31
C PHE A 28 1.92 -10.94 3.88
N LYS A 29 1.66 -10.83 5.17
CA LYS A 29 0.72 -11.71 5.84
C LYS A 29 -0.60 -10.99 6.11
N LYS A 30 -1.64 -11.75 6.43
CA LYS A 30 -2.95 -11.18 6.71
C LYS A 30 -2.92 -10.39 8.02
N GLY A 31 -3.30 -9.12 7.94
CA GLY A 31 -3.32 -8.28 9.12
C GLY A 31 -2.10 -7.37 9.20
N ALA A 32 -1.10 -7.65 8.38
CA ALA A 32 0.12 -6.85 8.36
C ALA A 32 -0.14 -5.48 7.74
N SER A 33 0.50 -4.46 8.30
CA SER A 33 0.34 -3.09 7.81
C SER A 33 1.20 -2.86 6.57
N LEU A 34 0.60 -2.27 5.55
CA LEU A 34 1.31 -1.97 4.31
C LEU A 34 1.16 -0.52 3.92
N LEU A 35 2.25 0.08 3.45
CA LEU A 35 2.23 1.49 3.03
C LEU A 35 2.08 1.60 1.52
N LEU A 36 1.26 2.55 1.08
CA LEU A 36 1.04 2.77 -0.35
C LEU A 36 1.53 4.15 -0.77
N TYR A 37 2.22 4.21 -1.90
CA TYR A 37 2.74 5.47 -2.42
C TYR A 37 1.95 5.93 -3.64
N GLN A 38 1.77 5.02 -4.60
CA GLN A 38 1.03 5.33 -5.81
C GLN A 38 0.35 4.09 -6.38
N ARG A 39 -0.75 4.28 -7.09
CA ARG A 39 -1.48 3.17 -7.68
C ARG A 39 -0.87 2.76 -9.01
N ALA A 40 -0.03 1.73 -8.99
CA ALA A 40 0.63 1.23 -10.18
C ALA A 40 -0.39 0.97 -11.29
N SER A 41 -1.50 0.33 -10.94
CA SER A 41 -2.55 0.02 -11.91
C SER A 41 -3.87 -0.25 -11.21
N ASP A 42 -4.94 -0.33 -11.98
CA ASP A 42 -6.28 -0.57 -11.44
C ASP A 42 -6.31 -1.90 -10.67
N ASP A 43 -5.31 -2.75 -10.92
CA ASP A 43 -5.23 -4.04 -10.25
C ASP A 43 -3.86 -4.22 -9.59
N TRP A 44 -3.21 -3.11 -9.26
CA TRP A 44 -1.91 -3.14 -8.62
C TRP A 44 -1.63 -1.85 -7.86
N TRP A 45 -0.58 -1.87 -7.04
CA TRP A 45 -0.21 -0.70 -6.26
C TRP A 45 1.30 -0.57 -6.15
N GLU A 46 1.76 0.60 -5.72
CA GLU A 46 3.19 0.85 -5.57
C GLU A 46 3.51 1.41 -4.18
N GLY A 47 3.98 0.54 -3.30
CA GLY A 47 4.30 0.95 -1.95
C GLY A 47 5.52 0.23 -1.40
N ARG A 48 5.58 0.10 -0.08
CA ARG A 48 6.69 -0.58 0.58
C ARG A 48 6.20 -1.46 1.72
N HIS A 49 6.94 -2.52 2.01
CA HIS A 49 6.58 -3.44 3.08
C HIS A 49 7.83 -3.96 3.79
N ASN A 50 7.86 -3.79 5.10
CA ASN A 50 9.00 -4.23 5.91
C ASN A 50 10.32 -3.86 5.24
N GLY A 51 10.35 -2.69 4.61
CA GLY A 51 11.55 -2.23 3.94
C GLY A 51 11.74 -2.89 2.58
N ILE A 52 10.62 -3.23 1.93
CA ILE A 52 10.68 -3.86 0.62
C ILE A 52 9.74 -3.16 -0.37
N ASP A 53 10.31 -2.55 -1.39
CA ASP A 53 9.53 -1.84 -2.40
C ASP A 53 9.15 -2.78 -3.54
N GLY A 54 7.87 -2.77 -3.92
CA GLY A 54 7.40 -3.62 -5.00
C GLY A 54 5.97 -3.33 -5.38
N LEU A 55 5.24 -4.37 -5.78
CA LEU A 55 3.85 -4.23 -6.18
C LEU A 55 2.92 -4.83 -5.12
N ILE A 56 1.71 -4.29 -5.03
CA ILE A 56 0.73 -4.78 -4.07
C ILE A 56 -0.64 -4.93 -4.71
N PRO A 57 -1.23 -6.13 -4.57
CA PRO A 57 -2.55 -6.44 -5.13
C PRO A 57 -3.67 -5.70 -4.42
N HIS A 58 -4.63 -5.20 -5.19
CA HIS A 58 -5.76 -4.47 -4.63
C HIS A 58 -6.85 -5.43 -4.17
N GLN A 59 -6.61 -6.72 -4.35
CA GLN A 59 -7.58 -7.73 -3.95
C GLN A 59 -7.25 -8.29 -2.57
N TYR A 60 -5.97 -8.25 -2.21
CA TYR A 60 -5.51 -8.76 -0.92
C TYR A 60 -5.14 -7.61 0.00
N ILE A 61 -5.73 -6.44 -0.24
CA ILE A 61 -5.48 -5.27 0.58
C ILE A 61 -6.68 -4.32 0.58
N VAL A 62 -6.81 -3.55 1.65
CA VAL A 62 -7.91 -2.60 1.78
C VAL A 62 -7.39 -1.19 1.97
N VAL A 63 -7.41 -0.40 0.90
CA VAL A 63 -6.95 0.99 0.96
C VAL A 63 -7.74 1.79 1.98
N GLN A 64 -7.17 1.93 3.17
CA GLN A 64 -7.83 2.68 4.24
C GLN A 64 -7.43 4.16 4.19
N ASP A 65 -8.26 4.96 3.51
CA ASP A 65 -8.01 6.38 3.39
C ASP A 65 -8.48 7.13 4.63
N THR A 66 -8.20 6.57 5.80
CA THR A 66 -8.60 7.18 7.06
C THR A 66 -7.86 8.49 7.29
N SER A 67 -8.36 9.29 8.23
CA SER A 67 -7.75 10.57 8.55
C SER A 67 -8.09 11.00 9.97
N GLY A 68 -7.40 12.03 10.45
CA GLY A 68 -7.64 12.51 11.80
C GLY A 68 -8.23 13.90 11.82
N PRO A 69 -8.01 14.63 12.91
CA PRO A 69 -8.53 16.00 13.08
C PRO A 69 -7.83 17.00 12.15
N SER A 70 -6.93 16.49 11.33
CA SER A 70 -6.19 17.34 10.39
C SER A 70 -7.07 18.48 9.89
N SER A 71 -8.27 18.15 9.44
CA SER A 71 -9.20 19.13 8.92
C SER A 71 -10.64 18.71 9.18
N GLY A 72 -11.40 19.59 9.83
CA GLY A 72 -12.79 19.30 10.13
C GLY A 72 -13.75 20.09 9.28
N GLY A 1 3.20 33.58 -4.04
CA GLY A 1 2.63 32.71 -3.02
C GLY A 1 2.40 31.30 -3.51
N SER A 2 2.73 30.33 -2.66
CA SER A 2 2.57 28.92 -3.01
C SER A 2 2.19 28.10 -1.79
N SER A 3 1.38 27.06 -2.01
CA SER A 3 0.94 26.19 -0.93
C SER A 3 1.93 25.06 -0.71
N GLY A 4 2.10 24.22 -1.73
CA GLY A 4 3.02 23.10 -1.62
C GLY A 4 2.31 21.76 -1.70
N SER A 5 2.37 21.13 -2.87
CA SER A 5 1.73 19.84 -3.08
C SER A 5 2.29 18.79 -2.10
N SER A 6 1.48 17.78 -1.81
CA SER A 6 1.88 16.73 -0.90
C SER A 6 0.94 15.53 -0.99
N GLY A 7 1.49 14.38 -1.38
CA GLY A 7 0.68 13.18 -1.51
C GLY A 7 1.08 12.10 -0.51
N GLU A 8 1.03 12.44 0.77
CA GLU A 8 1.40 11.49 1.82
C GLU A 8 0.95 10.08 1.46
N PRO A 9 1.65 9.08 2.00
CA PRO A 9 1.35 7.66 1.76
C PRO A 9 0.03 7.23 2.40
N ILE A 10 -0.57 6.18 1.87
CA ILE A 10 -1.83 5.66 2.39
C ILE A 10 -1.62 4.34 3.11
N GLU A 11 -1.94 4.32 4.40
CA GLU A 11 -1.79 3.11 5.21
C GLU A 11 -2.91 2.11 4.91
N ALA A 12 -2.55 0.98 4.33
CA ALA A 12 -3.52 -0.06 3.98
C ALA A 12 -3.29 -1.31 4.82
N ILE A 13 -4.29 -2.19 4.85
CA ILE A 13 -4.19 -3.43 5.60
C ILE A 13 -4.35 -4.65 4.68
N ALA A 14 -3.56 -5.68 4.95
CA ALA A 14 -3.61 -6.90 4.17
C ALA A 14 -4.83 -7.74 4.50
N LYS A 15 -5.70 -7.95 3.52
CA LYS A 15 -6.92 -8.72 3.71
C LYS A 15 -6.59 -10.21 3.87
N PHE A 16 -5.67 -10.69 3.05
CA PHE A 16 -5.26 -12.10 3.10
C PHE A 16 -3.75 -12.24 2.90
N ASP A 17 -3.19 -13.31 3.46
CA ASP A 17 -1.75 -13.55 3.34
C ASP A 17 -1.35 -13.71 1.88
N TYR A 18 -0.64 -12.72 1.36
CA TYR A 18 -0.19 -12.75 -0.03
C TYR A 18 1.33 -12.90 -0.10
N VAL A 19 1.80 -13.56 -1.16
CA VAL A 19 3.23 -13.78 -1.35
C VAL A 19 3.66 -13.36 -2.76
N GLY A 20 4.45 -12.29 -2.84
CA GLY A 20 4.92 -11.82 -4.12
C GLY A 20 5.50 -12.93 -4.98
N ARG A 21 4.74 -13.34 -5.98
CA ARG A 21 5.18 -14.41 -6.87
C ARG A 21 6.52 -14.06 -7.52
N THR A 22 6.67 -12.80 -7.91
CA THR A 22 7.90 -12.34 -8.54
C THR A 22 8.59 -11.27 -7.69
N ALA A 23 9.91 -11.19 -7.79
CA ALA A 23 10.67 -10.21 -7.02
C ALA A 23 9.95 -8.88 -6.96
N ARG A 24 9.40 -8.44 -8.09
CA ARG A 24 8.69 -7.18 -8.16
C ARG A 24 7.59 -7.12 -7.10
N GLU A 25 6.74 -8.14 -7.07
CA GLU A 25 5.65 -8.20 -6.10
C GLU A 25 6.19 -8.30 -4.67
N LEU A 26 5.33 -8.06 -3.69
CA LEU A 26 5.73 -8.13 -2.30
C LEU A 26 5.01 -9.28 -1.58
N SER A 27 5.65 -9.82 -0.56
CA SER A 27 5.06 -10.93 0.22
C SER A 27 4.72 -10.48 1.62
N PHE A 28 3.43 -10.52 1.95
CA PHE A 28 2.96 -10.12 3.28
C PHE A 28 1.98 -11.14 3.84
N LYS A 29 1.54 -10.92 5.08
CA LYS A 29 0.60 -11.81 5.73
C LYS A 29 -0.64 -11.05 6.18
N LYS A 30 -1.79 -11.73 6.16
CA LYS A 30 -3.04 -11.12 6.57
C LYS A 30 -2.87 -10.30 7.84
N GLY A 31 -3.40 -9.09 7.84
CA GLY A 31 -3.29 -8.22 8.99
C GLY A 31 -2.04 -7.35 8.96
N ALA A 32 -1.00 -7.85 8.28
CA ALA A 32 0.24 -7.11 8.17
C ALA A 32 0.01 -5.70 7.62
N SER A 33 0.60 -4.71 8.28
CA SER A 33 0.45 -3.32 7.86
C SER A 33 1.31 -3.03 6.63
N LEU A 34 0.71 -2.42 5.63
CA LEU A 34 1.42 -2.09 4.39
C LEU A 34 1.21 -0.62 4.03
N LEU A 35 2.27 0.02 3.55
CA LEU A 35 2.19 1.43 3.16
C LEU A 35 2.02 1.57 1.66
N LEU A 36 1.26 2.58 1.24
CA LEU A 36 1.01 2.82 -0.17
C LEU A 36 1.54 4.18 -0.60
N TYR A 37 2.16 4.24 -1.77
CA TYR A 37 2.72 5.48 -2.29
C TYR A 37 1.94 5.95 -3.51
N GLN A 38 1.73 5.04 -4.46
CA GLN A 38 1.01 5.37 -5.69
C GLN A 38 0.34 4.13 -6.27
N ARG A 39 -0.77 4.33 -6.96
CA ARG A 39 -1.49 3.22 -7.58
C ARG A 39 -0.89 2.85 -8.92
N ALA A 40 -0.24 1.70 -8.99
CA ALA A 40 0.38 1.22 -10.22
C ALA A 40 -0.67 0.88 -11.26
N SER A 41 -1.75 0.22 -10.82
CA SER A 41 -2.83 -0.17 -11.73
C SER A 41 -4.12 -0.44 -10.95
N ASP A 42 -5.22 -0.58 -11.68
CA ASP A 42 -6.51 -0.84 -11.06
C ASP A 42 -6.47 -2.10 -10.21
N ASP A 43 -5.45 -2.93 -10.44
CA ASP A 43 -5.29 -4.17 -9.68
C ASP A 43 -3.87 -4.28 -9.13
N TRP A 44 -3.22 -3.14 -8.94
CA TRP A 44 -1.86 -3.12 -8.41
C TRP A 44 -1.59 -1.82 -7.65
N TRP A 45 -0.57 -1.84 -6.80
CA TRP A 45 -0.21 -0.67 -6.01
C TRP A 45 1.30 -0.55 -5.87
N GLU A 46 1.77 0.65 -5.52
CA GLU A 46 3.19 0.89 -5.37
C GLU A 46 3.50 1.41 -3.97
N GLY A 47 3.99 0.52 -3.11
CA GLY A 47 4.32 0.90 -1.75
C GLY A 47 5.59 0.24 -1.24
N ARG A 48 5.68 0.04 0.06
CA ARG A 48 6.85 -0.58 0.67
C ARG A 48 6.44 -1.54 1.79
N HIS A 49 7.18 -2.63 1.92
CA HIS A 49 6.90 -3.63 2.94
C HIS A 49 8.19 -4.11 3.61
N ASN A 50 8.20 -4.10 4.95
CA ASN A 50 9.37 -4.53 5.71
C ASN A 50 10.65 -4.10 5.01
N GLY A 51 10.64 -2.88 4.48
CA GLY A 51 11.81 -2.36 3.79
C GLY A 51 11.99 -2.95 2.42
N ILE A 52 10.88 -3.15 1.71
CA ILE A 52 10.92 -3.72 0.37
C ILE A 52 9.94 -3.01 -0.56
N ASP A 53 10.46 -2.44 -1.64
CA ASP A 53 9.63 -1.73 -2.60
C ASP A 53 9.20 -2.64 -3.74
N GLY A 54 7.91 -2.70 -4.00
CA GLY A 54 7.39 -3.55 -5.06
C GLY A 54 5.94 -3.25 -5.39
N LEU A 55 5.23 -4.26 -5.88
CA LEU A 55 3.83 -4.09 -6.24
C LEU A 55 2.92 -4.77 -5.21
N ILE A 56 1.73 -4.20 -5.03
CA ILE A 56 0.77 -4.75 -4.08
C ILE A 56 -0.62 -4.86 -4.70
N PRO A 57 -1.21 -6.07 -4.60
CA PRO A 57 -2.54 -6.34 -5.15
C PRO A 57 -3.64 -5.61 -4.39
N HIS A 58 -4.66 -5.14 -5.12
CA HIS A 58 -5.77 -4.43 -4.51
C HIS A 58 -6.85 -5.40 -4.03
N GLN A 59 -6.61 -6.70 -4.26
CA GLN A 59 -7.55 -7.73 -3.86
C GLN A 59 -7.17 -8.32 -2.50
N TYR A 60 -5.91 -8.17 -2.12
CA TYR A 60 -5.42 -8.68 -0.86
C TYR A 60 -5.02 -7.55 0.09
N ILE A 61 -5.63 -6.39 -0.12
CA ILE A 61 -5.35 -5.22 0.72
C ILE A 61 -6.54 -4.26 0.74
N VAL A 62 -6.64 -3.50 1.81
CA VAL A 62 -7.73 -2.53 1.97
C VAL A 62 -7.19 -1.11 2.00
N VAL A 63 -7.28 -0.42 0.87
CA VAL A 63 -6.81 0.96 0.77
C VAL A 63 -7.72 1.92 1.54
N GLN A 64 -7.26 2.36 2.69
CA GLN A 64 -8.04 3.27 3.53
C GLN A 64 -8.13 4.65 2.88
N ASP A 65 -9.35 5.09 2.60
CA ASP A 65 -9.57 6.39 1.98
C ASP A 65 -10.07 7.41 3.01
N THR A 66 -10.07 8.68 2.62
CA THR A 66 -10.51 9.75 3.52
C THR A 66 -11.87 10.28 3.08
N SER A 67 -12.26 9.98 1.84
CA SER A 67 -13.53 10.44 1.30
C SER A 67 -14.68 9.60 1.84
N GLY A 68 -15.38 10.12 2.85
CA GLY A 68 -16.49 9.40 3.42
C GLY A 68 -17.81 10.10 3.21
N PRO A 69 -18.89 9.32 3.05
CA PRO A 69 -20.24 9.86 2.83
C PRO A 69 -20.80 10.53 4.08
N SER A 70 -20.02 10.53 5.16
CA SER A 70 -20.44 11.13 6.41
C SER A 70 -19.44 12.18 6.87
N SER A 71 -19.68 13.43 6.50
CA SER A 71 -18.80 14.53 6.88
C SER A 71 -19.25 15.17 8.18
N GLY A 72 -18.49 14.92 9.25
CA GLY A 72 -18.83 15.48 10.55
C GLY A 72 -17.68 16.27 11.15
N GLY A 1 4.77 25.99 -3.20
CA GLY A 1 3.49 25.40 -3.56
C GLY A 1 3.60 23.92 -3.86
N SER A 2 3.44 23.56 -5.13
CA SER A 2 3.51 22.17 -5.55
C SER A 2 2.51 21.31 -4.77
N SER A 3 1.28 21.79 -4.68
CA SER A 3 0.22 21.08 -3.97
C SER A 3 -0.77 20.46 -4.95
N GLY A 4 -1.21 19.24 -4.63
CA GLY A 4 -2.16 18.55 -5.49
C GLY A 4 -1.66 17.19 -5.94
N SER A 5 -0.46 17.18 -6.53
CA SER A 5 0.13 15.94 -7.01
C SER A 5 0.64 15.09 -5.85
N SER A 6 1.71 15.56 -5.22
CA SER A 6 2.30 14.84 -4.09
C SER A 6 1.35 14.82 -2.90
N GLY A 7 1.58 13.88 -1.99
CA GLY A 7 0.73 13.76 -0.81
C GLY A 7 1.05 12.54 0.01
N GLU A 8 1.04 12.70 1.33
CA GLU A 8 1.34 11.59 2.23
C GLU A 8 0.80 10.27 1.68
N PRO A 9 1.45 9.16 2.05
CA PRO A 9 1.05 7.83 1.61
C PRO A 9 -0.27 7.38 2.21
N ILE A 10 -0.73 6.19 1.81
CA ILE A 10 -1.98 5.65 2.31
C ILE A 10 -1.75 4.36 3.09
N GLU A 11 -2.17 4.34 4.35
CA GLU A 11 -2.02 3.17 5.19
C GLU A 11 -3.05 2.10 4.84
N ALA A 12 -2.60 1.01 4.24
CA ALA A 12 -3.49 -0.08 3.86
C ALA A 12 -3.25 -1.32 4.72
N ILE A 13 -4.28 -2.15 4.86
CA ILE A 13 -4.17 -3.37 5.66
C ILE A 13 -4.36 -4.60 4.79
N ALA A 14 -3.43 -5.55 4.90
CA ALA A 14 -3.50 -6.78 4.13
C ALA A 14 -4.84 -7.47 4.32
N LYS A 15 -5.55 -7.69 3.22
CA LYS A 15 -6.86 -8.34 3.26
C LYS A 15 -6.70 -9.84 3.49
N PHE A 16 -5.67 -10.43 2.89
CA PHE A 16 -5.41 -11.85 3.03
C PHE A 16 -3.96 -12.18 2.67
N ASP A 17 -3.37 -13.10 3.44
CA ASP A 17 -1.99 -13.51 3.19
C ASP A 17 -1.67 -13.52 1.70
N TYR A 18 -0.53 -12.95 1.34
CA TYR A 18 -0.12 -12.88 -0.06
C TYR A 18 1.39 -13.11 -0.19
N VAL A 19 1.79 -13.68 -1.31
CA VAL A 19 3.21 -13.95 -1.57
C VAL A 19 3.64 -13.42 -2.93
N GLY A 20 4.41 -12.34 -2.91
CA GLY A 20 4.88 -11.75 -4.16
C GLY A 20 5.22 -12.79 -5.20
N ARG A 21 4.36 -12.92 -6.21
CA ARG A 21 4.56 -13.88 -7.28
C ARG A 21 5.92 -13.68 -7.93
N THR A 22 6.42 -12.45 -7.91
CA THR A 22 7.71 -12.13 -8.50
C THR A 22 8.44 -11.08 -7.68
N ALA A 23 9.75 -10.99 -7.87
CA ALA A 23 10.57 -10.02 -7.15
C ALA A 23 9.89 -8.66 -7.09
N ARG A 24 9.15 -8.33 -8.15
CA ARG A 24 8.45 -7.06 -8.22
C ARG A 24 7.41 -6.94 -7.11
N GLU A 25 6.55 -7.95 -7.01
CA GLU A 25 5.51 -7.96 -5.99
C GLU A 25 6.11 -8.11 -4.60
N LEU A 26 5.25 -8.05 -3.57
CA LEU A 26 5.70 -8.17 -2.20
C LEU A 26 4.86 -9.19 -1.44
N SER A 27 5.53 -10.04 -0.65
CA SER A 27 4.84 -11.06 0.12
C SER A 27 4.52 -10.55 1.53
N PHE A 28 3.25 -10.64 1.90
CA PHE A 28 2.81 -10.20 3.22
C PHE A 28 1.78 -11.16 3.81
N LYS A 29 1.39 -10.90 5.05
CA LYS A 29 0.40 -11.74 5.72
C LYS A 29 -0.82 -10.93 6.14
N LYS A 30 -1.99 -11.58 6.11
CA LYS A 30 -3.23 -10.91 6.48
C LYS A 30 -3.06 -10.10 7.76
N GLY A 31 -3.37 -8.82 7.69
CA GLY A 31 -3.24 -7.95 8.85
C GLY A 31 -1.99 -7.10 8.81
N ALA A 32 -0.95 -7.62 8.16
CA ALA A 32 0.32 -6.91 8.05
C ALA A 32 0.11 -5.50 7.50
N SER A 33 0.66 -4.51 8.20
CA SER A 33 0.52 -3.12 7.78
C SER A 33 1.38 -2.82 6.56
N LEU A 34 0.79 -2.15 5.58
CA LEU A 34 1.50 -1.81 4.35
C LEU A 34 1.28 -0.34 3.98
N LEU A 35 2.35 0.31 3.52
CA LEU A 35 2.28 1.71 3.14
C LEU A 35 2.17 1.85 1.62
N LEU A 36 1.14 2.56 1.17
CA LEU A 36 0.93 2.78 -0.26
C LEU A 36 1.44 4.14 -0.69
N TYR A 37 2.07 4.20 -1.86
CA TYR A 37 2.62 5.44 -2.38
C TYR A 37 1.86 5.88 -3.63
N GLN A 38 1.63 4.94 -4.54
CA GLN A 38 0.93 5.23 -5.78
C GLN A 38 0.30 3.96 -6.37
N ARG A 39 -0.73 4.14 -7.19
CA ARG A 39 -1.41 3.01 -7.80
C ARG A 39 -0.75 2.62 -9.12
N ALA A 40 -0.11 1.45 -9.14
CA ALA A 40 0.57 0.97 -10.33
C ALA A 40 -0.44 0.57 -11.40
N SER A 41 -1.52 -0.10 -10.99
CA SER A 41 -2.55 -0.53 -11.91
C SER A 41 -3.88 -0.74 -11.19
N ASP A 42 -4.93 -1.03 -11.95
CA ASP A 42 -6.25 -1.25 -11.38
C ASP A 42 -6.26 -2.49 -10.49
N ASP A 43 -5.19 -3.28 -10.59
CA ASP A 43 -5.08 -4.50 -9.79
C ASP A 43 -3.69 -4.60 -9.16
N TRP A 44 -3.02 -3.47 -9.03
CA TRP A 44 -1.69 -3.43 -8.45
C TRP A 44 -1.44 -2.11 -7.74
N TRP A 45 -0.51 -2.11 -6.79
CA TRP A 45 -0.18 -0.91 -6.03
C TRP A 45 1.33 -0.79 -5.83
N GLU A 46 1.79 0.43 -5.57
CA GLU A 46 3.21 0.67 -5.35
C GLU A 46 3.47 1.19 -3.94
N GLY A 47 3.88 0.29 -3.06
CA GLY A 47 4.16 0.67 -1.68
C GLY A 47 5.44 0.06 -1.16
N ARG A 48 5.53 -0.04 0.17
CA ARG A 48 6.72 -0.61 0.80
C ARG A 48 6.33 -1.67 1.83
N HIS A 49 7.15 -2.71 1.95
CA HIS A 49 6.90 -3.78 2.90
C HIS A 49 8.17 -4.15 3.66
N ASN A 50 8.22 -3.79 4.93
CA ASN A 50 9.39 -4.07 5.77
C ASN A 50 10.65 -3.48 5.17
N GLY A 51 10.49 -2.37 4.45
CA GLY A 51 11.63 -1.71 3.83
C GLY A 51 11.81 -2.11 2.38
N ILE A 52 11.09 -3.14 1.96
CA ILE A 52 11.17 -3.62 0.58
C ILE A 52 10.06 -3.01 -0.28
N ASP A 53 10.45 -2.20 -1.25
CA ASP A 53 9.49 -1.57 -2.15
C ASP A 53 9.17 -2.48 -3.33
N GLY A 54 7.87 -2.65 -3.60
CA GLY A 54 7.45 -3.49 -4.70
C GLY A 54 6.00 -3.28 -5.08
N LEU A 55 5.38 -4.30 -5.68
CA LEU A 55 3.98 -4.21 -6.09
C LEU A 55 3.07 -4.83 -5.04
N ILE A 56 1.82 -4.38 -5.02
CA ILE A 56 0.84 -4.89 -4.07
C ILE A 56 -0.53 -5.08 -4.73
N PRO A 57 -1.11 -6.27 -4.54
CA PRO A 57 -2.42 -6.60 -5.11
C PRO A 57 -3.56 -5.84 -4.44
N HIS A 58 -4.56 -5.46 -5.23
CA HIS A 58 -5.70 -4.73 -4.70
C HIS A 58 -6.80 -5.68 -4.24
N GLN A 59 -6.54 -6.98 -4.40
CA GLN A 59 -7.51 -8.00 -3.99
C GLN A 59 -7.16 -8.56 -2.62
N TYR A 60 -5.94 -8.28 -2.16
CA TYR A 60 -5.48 -8.77 -0.87
C TYR A 60 -5.10 -7.61 0.05
N ILE A 61 -5.81 -6.49 -0.11
CA ILE A 61 -5.55 -5.30 0.71
C ILE A 61 -6.74 -4.35 0.69
N VAL A 62 -6.88 -3.56 1.74
CA VAL A 62 -7.98 -2.61 1.85
C VAL A 62 -7.45 -1.19 1.98
N VAL A 63 -7.51 -0.44 0.88
CA VAL A 63 -7.03 0.95 0.87
C VAL A 63 -7.77 1.79 1.92
N GLN A 64 -7.19 1.89 3.10
CA GLN A 64 -7.79 2.67 4.19
C GLN A 64 -7.24 4.09 4.21
N ASP A 65 -7.88 4.99 3.46
CA ASP A 65 -7.45 6.37 3.39
C ASP A 65 -8.34 7.25 4.27
N THR A 66 -7.88 8.47 4.55
CA THR A 66 -8.63 9.41 5.37
C THR A 66 -9.51 10.31 4.52
N SER A 67 -10.82 10.19 4.69
CA SER A 67 -11.77 11.00 3.93
C SER A 67 -12.35 12.11 4.80
N GLY A 68 -11.62 13.21 4.92
CA GLY A 68 -12.09 14.33 5.71
C GLY A 68 -10.95 15.21 6.18
N PRO A 69 -11.22 16.03 7.20
CA PRO A 69 -10.22 16.96 7.77
C PRO A 69 -9.13 16.22 8.54
N SER A 70 -8.00 16.89 8.73
CA SER A 70 -6.87 16.29 9.44
C SER A 70 -6.89 16.69 10.92
N SER A 71 -7.17 17.96 11.19
CA SER A 71 -7.21 18.46 12.55
C SER A 71 -8.57 18.17 13.19
N GLY A 72 -8.63 17.08 13.96
CA GLY A 72 -9.86 16.71 14.62
C GLY A 72 -10.15 15.22 14.52
N GLY A 1 3.56 28.20 -1.13
CA GLY A 1 3.68 28.31 -2.58
C GLY A 1 3.36 27.00 -3.28
N SER A 2 4.03 25.94 -2.88
CA SER A 2 3.81 24.62 -3.48
C SER A 2 2.63 23.91 -2.83
N SER A 3 1.76 23.36 -3.66
CA SER A 3 0.58 22.65 -3.16
C SER A 3 0.99 21.45 -2.29
N GLY A 4 1.84 20.59 -2.84
CA GLY A 4 2.30 19.43 -2.12
C GLY A 4 3.33 18.63 -2.89
N SER A 5 4.57 18.65 -2.41
CA SER A 5 5.65 17.93 -3.07
C SER A 5 5.16 16.58 -3.60
N SER A 6 4.52 15.81 -2.73
CA SER A 6 4.00 14.50 -3.12
C SER A 6 2.88 14.07 -2.18
N GLY A 7 1.90 13.35 -2.74
CA GLY A 7 0.77 12.89 -1.95
C GLY A 7 1.20 11.92 -0.86
N GLU A 8 0.77 12.19 0.37
CA GLU A 8 1.10 11.33 1.50
C GLU A 8 0.72 9.89 1.21
N PRO A 9 1.44 8.95 1.85
CA PRO A 9 1.19 7.50 1.68
C PRO A 9 -0.12 7.06 2.32
N ILE A 10 -0.70 5.99 1.79
CA ILE A 10 -1.96 5.47 2.32
C ILE A 10 -1.73 4.18 3.10
N GLU A 11 -2.08 4.21 4.38
CA GLU A 11 -1.91 3.05 5.24
C GLU A 11 -3.01 2.01 4.98
N ALA A 12 -2.62 0.91 4.35
CA ALA A 12 -3.57 -0.16 4.04
C ALA A 12 -3.34 -1.38 4.92
N ILE A 13 -4.24 -2.34 4.84
CA ILE A 13 -4.14 -3.56 5.63
C ILE A 13 -4.31 -4.80 4.75
N ALA A 14 -3.44 -5.78 4.94
CA ALA A 14 -3.49 -7.02 4.18
C ALA A 14 -4.83 -7.72 4.38
N LYS A 15 -5.54 -7.96 3.28
CA LYS A 15 -6.84 -8.63 3.33
C LYS A 15 -6.66 -10.13 3.52
N PHE A 16 -5.66 -10.70 2.86
CA PHE A 16 -5.40 -12.12 2.96
C PHE A 16 -3.92 -12.42 2.66
N ASP A 17 -3.34 -13.33 3.45
CA ASP A 17 -1.95 -13.70 3.27
C ASP A 17 -1.58 -13.77 1.79
N TYR A 18 -0.74 -12.84 1.36
CA TYR A 18 -0.31 -12.79 -0.04
C TYR A 18 1.19 -12.93 -0.16
N VAL A 19 1.65 -13.59 -1.21
CA VAL A 19 3.08 -13.79 -1.44
C VAL A 19 3.48 -13.31 -2.83
N GLY A 20 4.30 -12.27 -2.88
CA GLY A 20 4.75 -11.73 -4.15
C GLY A 20 5.17 -12.81 -5.12
N ARG A 21 4.30 -13.12 -6.08
CA ARG A 21 4.60 -14.15 -7.07
C ARG A 21 5.94 -13.89 -7.73
N THR A 22 6.23 -12.63 -8.02
CA THR A 22 7.49 -12.25 -8.66
C THR A 22 8.26 -11.26 -7.81
N ALA A 23 9.56 -11.16 -8.05
CA ALA A 23 10.42 -10.24 -7.30
C ALA A 23 9.76 -8.87 -7.17
N ARG A 24 9.18 -8.39 -8.26
CA ARG A 24 8.52 -7.09 -8.27
C ARG A 24 7.48 -7.00 -7.16
N GLU A 25 6.58 -7.98 -7.11
CA GLU A 25 5.54 -8.02 -6.09
C GLU A 25 6.14 -8.16 -4.71
N LEU A 26 5.29 -8.05 -3.68
CA LEU A 26 5.74 -8.17 -2.30
C LEU A 26 4.96 -9.27 -1.57
N SER A 27 5.60 -9.89 -0.59
CA SER A 27 4.98 -10.95 0.19
C SER A 27 4.65 -10.47 1.59
N PHE A 28 3.38 -10.58 1.98
CA PHE A 28 2.94 -10.16 3.30
C PHE A 28 1.94 -11.15 3.88
N LYS A 29 1.58 -10.95 5.15
CA LYS A 29 0.64 -11.82 5.82
C LYS A 29 -0.60 -11.05 6.28
N LYS A 30 -1.77 -11.60 6.02
CA LYS A 30 -3.02 -10.97 6.39
C LYS A 30 -2.89 -10.24 7.72
N GLY A 31 -3.25 -8.97 7.74
CA GLY A 31 -3.15 -8.18 8.95
C GLY A 31 -1.95 -7.27 8.97
N ALA A 32 -0.85 -7.73 8.39
CA ALA A 32 0.38 -6.94 8.34
C ALA A 32 0.12 -5.57 7.72
N SER A 33 0.58 -4.53 8.39
CA SER A 33 0.39 -3.17 7.91
C SER A 33 1.25 -2.91 6.67
N LEU A 34 0.61 -2.38 5.63
CA LEU A 34 1.31 -2.08 4.38
C LEU A 34 1.14 -0.61 3.99
N LEU A 35 2.23 0.01 3.57
CA LEU A 35 2.19 1.41 3.17
C LEU A 35 2.08 1.55 1.65
N LEU A 36 1.27 2.50 1.21
CA LEU A 36 1.06 2.73 -0.22
C LEU A 36 1.54 4.12 -0.62
N TYR A 37 2.19 4.20 -1.78
CA TYR A 37 2.70 5.48 -2.27
C TYR A 37 1.96 5.91 -3.54
N GLN A 38 1.84 4.98 -4.49
CA GLN A 38 1.16 5.26 -5.74
C GLN A 38 0.36 4.04 -6.22
N ARG A 39 -0.49 4.25 -7.22
CA ARG A 39 -1.30 3.17 -7.75
C ARG A 39 -0.74 2.68 -9.08
N ALA A 40 0.05 1.61 -9.03
CA ALA A 40 0.65 1.04 -10.23
C ALA A 40 -0.42 0.67 -11.25
N SER A 41 -1.53 0.11 -10.77
CA SER A 41 -2.62 -0.29 -11.64
C SER A 41 -3.89 -0.56 -10.84
N ASP A 42 -5.02 -0.62 -11.53
CA ASP A 42 -6.30 -0.88 -10.87
C ASP A 42 -6.23 -2.12 -9.99
N ASP A 43 -5.37 -3.05 -10.37
CA ASP A 43 -5.19 -4.29 -9.61
C ASP A 43 -3.77 -4.39 -9.06
N TRP A 44 -3.14 -3.25 -8.83
CA TRP A 44 -1.78 -3.21 -8.31
C TRP A 44 -1.51 -1.89 -7.59
N TRP A 45 -0.45 -1.86 -6.80
CA TRP A 45 -0.08 -0.66 -6.06
C TRP A 45 1.44 -0.53 -5.96
N GLU A 46 1.91 0.64 -5.54
CA GLU A 46 3.34 0.90 -5.39
C GLU A 46 3.65 1.43 -4.00
N GLY A 47 4.08 0.54 -3.11
CA GLY A 47 4.42 0.94 -1.76
C GLY A 47 5.65 0.24 -1.23
N ARG A 48 5.70 0.03 0.08
CA ARG A 48 6.85 -0.62 0.71
C ARG A 48 6.39 -1.63 1.76
N HIS A 49 7.16 -2.70 1.91
CA HIS A 49 6.83 -3.74 2.88
C HIS A 49 8.08 -4.23 3.61
N ASN A 50 8.13 -3.99 4.92
CA ASN A 50 9.27 -4.40 5.72
C ASN A 50 10.57 -3.89 5.12
N GLY A 51 10.52 -2.70 4.52
CA GLY A 51 11.71 -2.12 3.92
C GLY A 51 11.96 -2.65 2.52
N ILE A 52 10.89 -2.96 1.81
CA ILE A 52 11.01 -3.48 0.45
C ILE A 52 10.01 -2.81 -0.49
N ASP A 53 10.52 -2.15 -1.51
CA ASP A 53 9.67 -1.46 -2.48
C ASP A 53 9.29 -2.40 -3.63
N GLY A 54 7.99 -2.51 -3.89
CA GLY A 54 7.52 -3.37 -4.95
C GLY A 54 6.06 -3.13 -5.29
N LEU A 55 5.38 -4.18 -5.73
CA LEU A 55 3.97 -4.08 -6.11
C LEU A 55 3.08 -4.71 -5.03
N ILE A 56 1.85 -4.22 -4.93
CA ILE A 56 0.91 -4.73 -3.94
C ILE A 56 -0.47 -4.91 -4.56
N PRO A 57 -1.05 -6.10 -4.38
CA PRO A 57 -2.38 -6.44 -4.90
C PRO A 57 -3.49 -5.68 -4.18
N HIS A 58 -4.43 -5.15 -4.95
CA HIS A 58 -5.56 -4.41 -4.38
C HIS A 58 -6.65 -5.36 -3.88
N GLN A 59 -6.48 -6.64 -4.17
CA GLN A 59 -7.45 -7.64 -3.75
C GLN A 59 -7.10 -8.20 -2.38
N TYR A 60 -5.82 -8.19 -2.05
CA TYR A 60 -5.35 -8.70 -0.76
C TYR A 60 -4.93 -7.54 0.16
N ILE A 61 -5.58 -6.40 -0.01
CA ILE A 61 -5.28 -5.23 0.81
C ILE A 61 -6.47 -4.27 0.86
N VAL A 62 -6.53 -3.47 1.90
CA VAL A 62 -7.61 -2.50 2.07
C VAL A 62 -7.07 -1.07 2.10
N VAL A 63 -7.22 -0.37 0.98
CA VAL A 63 -6.76 1.01 0.88
C VAL A 63 -7.65 1.96 1.68
N GLN A 64 -7.20 2.31 2.88
CA GLN A 64 -7.96 3.21 3.74
C GLN A 64 -7.99 4.62 3.16
N ASP A 65 -9.12 4.97 2.55
CA ASP A 65 -9.29 6.29 1.95
C ASP A 65 -10.38 7.08 2.67
N THR A 66 -9.99 8.13 3.38
CA THR A 66 -10.93 8.96 4.10
C THR A 66 -10.27 10.23 4.62
N SER A 67 -10.74 11.38 4.13
CA SER A 67 -10.19 12.66 4.54
C SER A 67 -10.59 13.00 5.97
N GLY A 68 -9.67 13.59 6.71
CA GLY A 68 -9.95 13.96 8.09
C GLY A 68 -9.95 15.46 8.30
N PRO A 69 -9.66 15.88 9.54
CA PRO A 69 -9.63 17.31 9.90
C PRO A 69 -8.43 18.03 9.28
N SER A 70 -8.67 19.23 8.77
CA SER A 70 -7.62 20.01 8.13
C SER A 70 -6.35 20.01 8.99
N SER A 71 -5.23 19.70 8.36
CA SER A 71 -3.95 19.64 9.06
C SER A 71 -3.81 20.81 10.04
N GLY A 72 -2.91 20.68 10.99
CA GLY A 72 -2.70 21.73 11.98
C GLY A 72 -2.66 21.19 13.39
N GLY A 1 9.46 17.82 7.11
CA GLY A 1 8.70 18.36 6.00
C GLY A 1 9.37 19.58 5.37
N SER A 2 8.89 19.98 4.21
CA SER A 2 9.45 21.12 3.50
C SER A 2 8.35 21.95 2.83
N SER A 3 8.66 23.20 2.50
CA SER A 3 7.71 24.08 1.87
C SER A 3 7.39 23.62 0.45
N GLY A 4 6.12 23.27 0.21
CA GLY A 4 5.73 22.81 -1.10
C GLY A 4 4.74 21.66 -1.03
N SER A 5 3.92 21.52 -2.07
CA SER A 5 2.92 20.46 -2.13
C SER A 5 3.59 19.09 -2.13
N SER A 6 3.06 18.17 -1.33
CA SER A 6 3.61 16.82 -1.24
C SER A 6 2.55 15.84 -0.74
N GLY A 7 2.39 14.73 -1.46
CA GLY A 7 1.43 13.73 -1.07
C GLY A 7 1.92 12.84 0.05
N GLU A 8 0.99 12.16 0.72
CA GLU A 8 1.34 11.28 1.83
C GLU A 8 0.96 9.83 1.51
N PRO A 9 1.70 8.88 2.11
CA PRO A 9 1.46 7.45 1.90
C PRO A 9 0.16 6.98 2.54
N ILE A 10 -0.50 6.02 1.90
CA ILE A 10 -1.76 5.49 2.40
C ILE A 10 -1.53 4.18 3.15
N GLU A 11 -1.93 4.15 4.42
CA GLU A 11 -1.78 2.95 5.24
C GLU A 11 -2.93 1.98 4.99
N ALA A 12 -2.62 0.86 4.33
CA ALA A 12 -3.62 -0.15 4.03
C ALA A 12 -3.42 -1.39 4.89
N ILE A 13 -4.35 -2.33 4.81
CA ILE A 13 -4.28 -3.56 5.58
C ILE A 13 -4.43 -4.78 4.69
N ALA A 14 -3.51 -5.73 4.82
CA ALA A 14 -3.54 -6.95 4.02
C ALA A 14 -4.83 -7.72 4.26
N LYS A 15 -5.59 -7.95 3.18
CA LYS A 15 -6.85 -8.67 3.27
C LYS A 15 -6.61 -10.16 3.48
N PHE A 16 -5.61 -10.70 2.79
CA PHE A 16 -5.27 -12.11 2.91
C PHE A 16 -3.77 -12.33 2.74
N ASP A 17 -3.22 -13.25 3.51
CA ASP A 17 -1.79 -13.56 3.45
C ASP A 17 -1.35 -13.80 2.02
N TYR A 18 -0.66 -12.82 1.45
CA TYR A 18 -0.18 -12.92 0.08
C TYR A 18 1.35 -13.06 0.04
N VAL A 19 1.85 -13.70 -1.01
CA VAL A 19 3.29 -13.89 -1.16
C VAL A 19 3.75 -13.50 -2.56
N GLY A 20 4.57 -12.46 -2.64
CA GLY A 20 5.07 -12.00 -3.92
C GLY A 20 5.71 -13.12 -4.73
N ARG A 21 5.05 -13.49 -5.83
CA ARG A 21 5.56 -14.56 -6.69
C ARG A 21 6.91 -14.17 -7.29
N THR A 22 7.07 -12.89 -7.61
CA THR A 22 8.31 -12.39 -8.19
C THR A 22 8.95 -11.34 -7.30
N ALA A 23 10.18 -10.96 -7.62
CA ALA A 23 10.90 -9.95 -6.85
C ALA A 23 10.12 -8.65 -6.81
N ARG A 24 9.54 -8.27 -7.94
CA ARG A 24 8.76 -7.04 -8.02
C ARG A 24 7.66 -7.01 -6.96
N GLU A 25 6.88 -8.08 -6.91
CA GLU A 25 5.78 -8.17 -5.95
C GLU A 25 6.32 -8.22 -4.52
N LEU A 26 5.42 -8.16 -3.55
CA LEU A 26 5.79 -8.19 -2.14
C LEU A 26 5.01 -9.26 -1.39
N SER A 27 5.68 -9.92 -0.45
CA SER A 27 5.04 -10.97 0.34
C SER A 27 4.65 -10.45 1.72
N PHE A 28 3.36 -10.51 2.03
CA PHE A 28 2.86 -10.05 3.31
C PHE A 28 1.84 -11.04 3.89
N LYS A 29 1.50 -10.86 5.15
CA LYS A 29 0.54 -11.73 5.83
C LYS A 29 -0.72 -10.95 6.22
N LYS A 30 -1.87 -11.58 6.03
CA LYS A 30 -3.15 -10.95 6.38
C LYS A 30 -3.03 -10.16 7.67
N GLY A 31 -3.45 -8.89 7.62
CA GLY A 31 -3.39 -8.05 8.80
C GLY A 31 -2.18 -7.14 8.80
N ALA A 32 -1.06 -7.66 8.28
CA ALA A 32 0.18 -6.89 8.23
C ALA A 32 -0.06 -5.50 7.66
N SER A 33 0.68 -4.52 8.15
CA SER A 33 0.54 -3.14 7.69
C SER A 33 1.34 -2.92 6.41
N LEU A 34 0.66 -2.36 5.41
CA LEU A 34 1.31 -2.08 4.12
C LEU A 34 1.16 -0.62 3.74
N LEU A 35 2.26 -0.01 3.29
CA LEU A 35 2.25 1.39 2.89
C LEU A 35 2.09 1.52 1.39
N LEU A 36 1.32 2.52 0.96
CA LEU A 36 1.09 2.76 -0.46
C LEU A 36 1.60 4.14 -0.87
N TYR A 37 2.22 4.21 -2.05
CA TYR A 37 2.74 5.47 -2.55
C TYR A 37 1.97 5.93 -3.78
N GLN A 38 1.78 5.02 -4.73
CA GLN A 38 1.05 5.34 -5.96
C GLN A 38 0.35 4.09 -6.51
N ARG A 39 -0.78 4.30 -7.17
CA ARG A 39 -1.53 3.19 -7.74
C ARG A 39 -0.97 2.81 -9.11
N ALA A 40 -0.16 1.75 -9.13
CA ALA A 40 0.44 1.27 -10.36
C ALA A 40 -0.62 0.92 -11.40
N SER A 41 -1.68 0.26 -10.94
CA SER A 41 -2.77 -0.14 -11.83
C SER A 41 -4.02 -0.47 -11.03
N ASP A 42 -5.16 -0.47 -11.71
CA ASP A 42 -6.44 -0.77 -11.07
C ASP A 42 -6.34 -2.04 -10.23
N ASP A 43 -5.54 -3.00 -10.70
CA ASP A 43 -5.36 -4.26 -10.00
C ASP A 43 -3.94 -4.38 -9.46
N TRP A 44 -3.36 -3.25 -9.09
CA TRP A 44 -2.00 -3.22 -8.56
C TRP A 44 -1.72 -1.92 -7.83
N TRP A 45 -0.64 -1.89 -7.06
CA TRP A 45 -0.27 -0.70 -6.31
C TRP A 45 1.25 -0.56 -6.22
N GLU A 46 1.71 0.62 -5.83
CA GLU A 46 3.14 0.88 -5.71
C GLU A 46 3.48 1.46 -4.35
N GLY A 47 3.92 0.59 -3.43
CA GLY A 47 4.26 1.04 -2.09
C GLY A 47 5.51 0.36 -1.56
N ARG A 48 5.54 0.14 -0.24
CA ARG A 48 6.68 -0.50 0.39
C ARG A 48 6.23 -1.35 1.58
N HIS A 49 6.73 -2.58 1.64
CA HIS A 49 6.38 -3.50 2.72
C HIS A 49 7.63 -3.94 3.48
N ASN A 50 7.53 -3.92 4.80
CA ASN A 50 8.66 -4.31 5.65
C ASN A 50 9.98 -3.81 5.07
N GLY A 51 9.96 -2.61 4.51
CA GLY A 51 11.16 -2.03 3.94
C GLY A 51 11.49 -2.63 2.59
N ILE A 52 10.46 -2.93 1.79
CA ILE A 52 10.65 -3.51 0.48
C ILE A 52 9.71 -2.89 -0.54
N ASP A 53 10.28 -2.20 -1.52
CA ASP A 53 9.49 -1.56 -2.57
C ASP A 53 9.10 -2.56 -3.65
N GLY A 54 7.80 -2.60 -3.97
CA GLY A 54 7.33 -3.53 -4.99
C GLY A 54 5.88 -3.28 -5.35
N LEU A 55 5.21 -4.32 -5.85
CA LEU A 55 3.81 -4.22 -6.23
C LEU A 55 2.90 -4.78 -5.13
N ILE A 56 1.65 -4.32 -5.12
CA ILE A 56 0.69 -4.78 -4.13
C ILE A 56 -0.70 -4.93 -4.75
N PRO A 57 -1.29 -6.13 -4.60
CA PRO A 57 -2.61 -6.44 -5.13
C PRO A 57 -3.73 -5.69 -4.38
N HIS A 58 -4.67 -5.13 -5.12
CA HIS A 58 -5.78 -4.40 -4.52
C HIS A 58 -6.86 -5.35 -4.03
N GLN A 59 -6.71 -6.63 -4.38
CA GLN A 59 -7.67 -7.64 -3.97
C GLN A 59 -7.32 -8.21 -2.61
N TYR A 60 -6.05 -8.19 -2.27
CA TYR A 60 -5.58 -8.69 -0.98
C TYR A 60 -5.16 -7.55 -0.07
N ILE A 61 -5.84 -6.42 -0.20
CA ILE A 61 -5.54 -5.26 0.63
C ILE A 61 -6.72 -4.28 0.65
N VAL A 62 -6.82 -3.50 1.73
CA VAL A 62 -7.90 -2.54 1.87
C VAL A 62 -7.34 -1.12 2.01
N VAL A 63 -7.34 -0.38 0.91
CA VAL A 63 -6.84 0.99 0.91
C VAL A 63 -7.62 1.85 1.90
N GLN A 64 -7.07 2.00 3.11
CA GLN A 64 -7.71 2.80 4.15
C GLN A 64 -7.15 4.22 4.16
N ASP A 65 -8.04 5.20 4.02
CA ASP A 65 -7.64 6.60 4.01
C ASP A 65 -7.92 7.25 5.36
N THR A 66 -6.86 7.62 6.07
CA THR A 66 -7.00 8.25 7.38
C THR A 66 -7.44 9.70 7.24
N SER A 67 -6.96 10.37 6.20
CA SER A 67 -7.30 11.76 5.97
C SER A 67 -7.48 12.52 7.28
N GLY A 68 -6.58 12.26 8.22
CA GLY A 68 -6.65 12.91 9.52
C GLY A 68 -6.06 14.30 9.49
N PRO A 69 -6.21 15.04 10.60
CA PRO A 69 -5.69 16.41 10.73
C PRO A 69 -4.17 16.44 10.80
N SER A 70 -3.62 17.63 11.04
CA SER A 70 -2.17 17.80 11.12
C SER A 70 -1.76 18.29 12.51
N SER A 71 -0.90 17.54 13.17
CA SER A 71 -0.43 17.90 14.50
C SER A 71 0.83 17.12 14.88
N GLY A 72 1.79 17.80 15.46
CA GLY A 72 3.04 17.16 15.86
C GLY A 72 4.12 18.16 16.22
N GLY A 1 0.99 32.06 0.40
CA GLY A 1 2.26 31.76 -0.25
C GLY A 1 2.09 30.82 -1.43
N SER A 2 3.08 29.95 -1.62
CA SER A 2 3.05 28.99 -2.72
C SER A 2 1.97 27.95 -2.50
N SER A 3 1.06 27.83 -3.45
CA SER A 3 -0.03 26.87 -3.36
C SER A 3 0.40 25.50 -3.87
N GLY A 4 0.23 24.48 -3.02
CA GLY A 4 0.60 23.13 -3.39
C GLY A 4 -0.02 22.08 -2.50
N SER A 5 -0.41 20.96 -3.09
CA SER A 5 -1.04 19.87 -2.35
C SER A 5 0.01 18.93 -1.77
N SER A 6 -0.27 18.36 -0.61
CA SER A 6 0.65 17.45 0.05
C SER A 6 0.38 16.00 -0.38
N GLY A 7 1.43 15.31 -0.80
CA GLY A 7 1.29 13.94 -1.23
C GLY A 7 1.70 12.94 -0.16
N GLU A 8 0.76 12.56 0.69
CA GLU A 8 1.04 11.61 1.76
C GLU A 8 0.66 10.20 1.36
N PRO A 9 1.36 9.20 1.92
CA PRO A 9 1.11 7.79 1.63
C PRO A 9 -0.21 7.31 2.20
N ILE A 10 -0.71 6.19 1.66
CA ILE A 10 -1.97 5.62 2.13
C ILE A 10 -1.73 4.34 2.94
N GLU A 11 -2.12 4.37 4.21
CA GLU A 11 -1.95 3.21 5.08
C GLU A 11 -3.00 2.15 4.79
N ALA A 12 -2.56 1.02 4.25
CA ALA A 12 -3.46 -0.08 3.92
C ALA A 12 -3.19 -1.30 4.80
N ILE A 13 -4.14 -2.22 4.84
CA ILE A 13 -3.99 -3.43 5.64
C ILE A 13 -4.22 -4.67 4.79
N ALA A 14 -3.31 -5.64 4.91
CA ALA A 14 -3.40 -6.88 4.16
C ALA A 14 -4.78 -7.52 4.33
N LYS A 15 -5.45 -7.78 3.21
CA LYS A 15 -6.78 -8.39 3.25
C LYS A 15 -6.67 -9.90 3.42
N PHE A 16 -5.63 -10.49 2.83
CA PHE A 16 -5.42 -11.93 2.91
C PHE A 16 -3.96 -12.28 2.62
N ASP A 17 -3.46 -13.31 3.30
CA ASP A 17 -2.08 -13.75 3.11
C ASP A 17 -1.70 -13.74 1.63
N TYR A 18 -0.72 -12.92 1.29
CA TYR A 18 -0.26 -12.81 -0.09
C TYR A 18 1.25 -13.02 -0.18
N VAL A 19 1.68 -13.68 -1.26
CA VAL A 19 3.09 -13.95 -1.47
C VAL A 19 3.54 -13.48 -2.84
N GLY A 20 4.40 -12.46 -2.86
CA GLY A 20 4.90 -11.93 -4.13
C GLY A 20 5.43 -13.01 -5.03
N ARG A 21 4.62 -13.44 -6.00
CA ARG A 21 5.01 -14.47 -6.94
C ARG A 21 6.37 -14.15 -7.56
N THR A 22 6.60 -12.88 -7.86
CA THR A 22 7.85 -12.44 -8.45
C THR A 22 8.54 -11.38 -7.59
N ALA A 23 9.73 -10.96 -8.01
CA ALA A 23 10.48 -9.95 -7.28
C ALA A 23 9.66 -8.67 -7.11
N ARG A 24 9.05 -8.22 -8.20
CA ARG A 24 8.24 -7.01 -8.16
C ARG A 24 7.18 -7.08 -7.07
N GLU A 25 6.41 -8.16 -7.08
CA GLU A 25 5.36 -8.37 -6.08
C GLU A 25 5.95 -8.53 -4.69
N LEU A 26 5.23 -8.06 -3.68
CA LEU A 26 5.68 -8.16 -2.29
C LEU A 26 4.89 -9.22 -1.53
N SER A 27 5.58 -9.97 -0.69
CA SER A 27 4.94 -11.02 0.09
C SER A 27 4.59 -10.51 1.49
N PHE A 28 3.31 -10.59 1.84
CA PHE A 28 2.84 -10.13 3.14
C PHE A 28 1.78 -11.08 3.69
N LYS A 29 1.38 -10.86 4.94
CA LYS A 29 0.37 -11.68 5.59
C LYS A 29 -0.85 -10.85 5.98
N LYS A 30 -1.96 -11.53 6.23
CA LYS A 30 -3.19 -10.85 6.61
C LYS A 30 -3.00 -10.06 7.90
N GLY A 31 -3.39 -8.78 7.86
CA GLY A 31 -3.24 -7.94 9.03
C GLY A 31 -1.99 -7.08 8.98
N ALA A 32 -0.94 -7.60 8.35
CA ALA A 32 0.32 -6.88 8.23
C ALA A 32 0.09 -5.49 7.65
N SER A 33 0.65 -4.48 8.33
CA SER A 33 0.50 -3.10 7.89
C SER A 33 1.35 -2.83 6.66
N LEU A 34 0.74 -2.26 5.63
CA LEU A 34 1.43 -1.95 4.39
C LEU A 34 1.16 -0.52 3.96
N LEU A 35 2.22 0.18 3.54
CA LEU A 35 2.08 1.56 3.09
C LEU A 35 2.01 1.64 1.58
N LEU A 36 1.22 2.58 1.07
CA LEU A 36 1.08 2.77 -0.37
C LEU A 36 1.54 4.16 -0.80
N TYR A 37 2.23 4.22 -1.93
CA TYR A 37 2.72 5.49 -2.45
C TYR A 37 1.97 5.90 -3.71
N GLN A 38 1.85 4.96 -4.65
CA GLN A 38 1.16 5.22 -5.91
C GLN A 38 0.37 4.00 -6.35
N ARG A 39 -0.48 4.18 -7.36
CA ARG A 39 -1.29 3.08 -7.88
C ARG A 39 -0.73 2.58 -9.21
N ALA A 40 0.05 1.51 -9.14
CA ALA A 40 0.64 0.91 -10.33
C ALA A 40 -0.41 0.65 -11.39
N SER A 41 -1.53 0.06 -10.98
CA SER A 41 -2.61 -0.26 -11.90
C SER A 41 -3.92 -0.51 -11.14
N ASP A 42 -4.98 -0.80 -11.88
CA ASP A 42 -6.29 -1.05 -11.27
C ASP A 42 -6.24 -2.31 -10.41
N ASP A 43 -5.24 -3.15 -10.64
CA ASP A 43 -5.09 -4.39 -9.88
C ASP A 43 -3.69 -4.49 -9.27
N TRP A 44 -3.08 -3.33 -9.03
CA TRP A 44 -1.74 -3.30 -8.45
C TRP A 44 -1.50 -1.98 -7.73
N TRP A 45 -0.43 -1.93 -6.93
CA TRP A 45 -0.09 -0.74 -6.18
C TRP A 45 1.43 -0.57 -6.07
N GLU A 46 1.86 0.60 -5.62
CA GLU A 46 3.28 0.88 -5.47
C GLU A 46 3.59 1.47 -4.09
N GLY A 47 3.99 0.60 -3.16
CA GLY A 47 4.31 1.05 -1.82
C GLY A 47 5.54 0.37 -1.26
N ARG A 48 5.55 0.15 0.05
CA ARG A 48 6.68 -0.49 0.71
C ARG A 48 6.21 -1.42 1.82
N HIS A 49 6.87 -2.56 1.96
CA HIS A 49 6.53 -3.54 2.98
C HIS A 49 7.77 -4.02 3.72
N ASN A 50 7.81 -3.77 5.02
CA ASN A 50 8.94 -4.19 5.85
C ASN A 50 10.26 -3.72 5.23
N GLY A 51 10.23 -2.53 4.64
CA GLY A 51 11.44 -1.99 4.02
C GLY A 51 11.69 -2.57 2.65
N ILE A 52 10.62 -2.98 1.97
CA ILE A 52 10.74 -3.57 0.64
C ILE A 52 9.79 -2.88 -0.34
N ASP A 53 10.37 -2.22 -1.34
CA ASP A 53 9.58 -1.52 -2.35
C ASP A 53 9.25 -2.44 -3.51
N GLY A 54 7.97 -2.52 -3.86
CA GLY A 54 7.55 -3.37 -4.95
C GLY A 54 6.11 -3.11 -5.36
N LEU A 55 5.39 -4.19 -5.67
CA LEU A 55 3.99 -4.07 -6.09
C LEU A 55 3.07 -4.72 -5.06
N ILE A 56 1.88 -4.14 -4.89
CA ILE A 56 0.91 -4.67 -3.94
C ILE A 56 -0.46 -4.85 -4.60
N PRO A 57 -1.02 -6.06 -4.49
CA PRO A 57 -2.32 -6.39 -5.06
C PRO A 57 -3.46 -5.68 -4.34
N HIS A 58 -4.44 -5.21 -5.11
CA HIS A 58 -5.60 -4.52 -4.54
C HIS A 58 -6.67 -5.51 -4.11
N GLN A 59 -6.41 -6.79 -4.34
CA GLN A 59 -7.35 -7.84 -3.97
C GLN A 59 -7.01 -8.44 -2.62
N TYR A 60 -5.76 -8.28 -2.20
CA TYR A 60 -5.31 -8.81 -0.93
C TYR A 60 -4.96 -7.67 0.03
N ILE A 61 -5.68 -6.56 -0.10
CA ILE A 61 -5.45 -5.40 0.76
C ILE A 61 -6.67 -4.48 0.78
N VAL A 62 -6.81 -3.72 1.85
CA VAL A 62 -7.93 -2.79 1.98
C VAL A 62 -7.43 -1.35 2.11
N VAL A 63 -7.50 -0.60 1.01
CA VAL A 63 -7.06 0.79 1.00
C VAL A 63 -7.80 1.60 2.06
N GLN A 64 -7.17 1.78 3.21
CA GLN A 64 -7.77 2.54 4.30
C GLN A 64 -7.25 3.99 4.30
N ASP A 65 -8.10 4.91 3.86
CA ASP A 65 -7.73 6.32 3.80
C ASP A 65 -8.21 7.04 5.06
N THR A 66 -8.00 6.42 6.21
CA THR A 66 -8.41 7.00 7.49
C THR A 66 -7.20 7.38 8.33
N SER A 67 -7.08 8.67 8.62
CA SER A 67 -5.95 9.16 9.42
C SER A 67 -6.30 9.16 10.91
N GLY A 68 -5.32 9.48 11.74
CA GLY A 68 -5.55 9.50 13.17
C GLY A 68 -6.58 10.54 13.58
N PRO A 69 -7.08 10.41 14.82
CA PRO A 69 -8.09 11.34 15.35
C PRO A 69 -7.53 12.73 15.61
N SER A 70 -7.89 13.68 14.75
CA SER A 70 -7.41 15.05 14.88
C SER A 70 -8.56 15.99 15.23
N SER A 71 -8.43 16.67 16.37
CA SER A 71 -9.47 17.60 16.82
C SER A 71 -9.72 18.68 15.77
N GLY A 72 -10.88 18.60 15.11
CA GLY A 72 -11.22 19.58 14.10
C GLY A 72 -11.61 20.92 14.69
#